data_4J1R
#
_entry.id   4J1R
#
_cell.length_a   67.516
_cell.length_b   67.441
_cell.length_c   116.422
_cell.angle_alpha   90.130
_cell.angle_beta   90.080
_cell.angle_gamma   81.110
#
_symmetry.space_group_name_H-M   'P 1'
#
loop_
_entity.id
_entity.type
_entity.pdbx_description
1 polymer 'Glycogen synthase kinase-3 beta'
2 non-polymer 'PHOSPHATE ION'
3 non-polymer (2R)-2-(1H-indol-3-ylmethyl)-1,4-dihydropyrido[2,3-b]pyrazin-3(2H)-one
4 non-polymer 'POTASSIUM ION'
5 water water
#
_entity_poly.entity_id   1
_entity_poly.type   'polypeptide(L)'
_entity_poly.pdbx_seq_one_letter_code
;GSPGMSGRPRTTSFAESCKPVQQPSAFGSMKVSRDKDGSKVTTVVATPGQGPDRPQEVSYTDTKVIGNGSFGVVYQAKLC
DSGELVAIKKVLQDKRFKNRELQIMRKLDHCNIVRLRYFFYSSGEKKDEVYLNLVLDYVPETVYRVARHYSRAKQTLPVI
YVKLYMYQLFRSLAYIHSFGICHRDIKPQNLLLDPDTAVLKLCDFGSAKQLVRGEPNVS(PTR)ICSRYYRAPELIFGAT
DYTSSIDVWSAGCVLAELLLGQPIFPGDSGVDQLVEIIKVLGTPTREQIREMNPNYTEFKFPQIKAHPWTKVFRPRTPPE
AIALCSRLLEYTPTARLTPLEACAHSFFDELRDPNVKLPNGRDTPALFNFTTQELSSNPPLATILIPPHARIQAAASTPT
NATAASDANTGDRGQTNNAASASASNST
;
_entity_poly.pdbx_strand_id   A,B,C,D
#
loop_
_chem_comp.id
_chem_comp.type
_chem_comp.name
_chem_comp.formula
I5R non-polymer (2R)-2-(1H-indol-3-ylmethyl)-1,4-dihydropyrido[2,3-b]pyrazin-3(2H)-one 'C16 H14 N4 O'
K non-polymer 'POTASSIUM ION' 'K 1'
PO4 non-polymer 'PHOSPHATE ION' 'O4 P -3'
#
# COMPACT_ATOMS: atom_id res chain seq x y z
N LYS A 40 6.79 4.32 5.29
CA LYS A 40 6.14 3.54 6.35
C LYS A 40 7.13 3.08 7.41
N VAL A 41 6.68 3.02 8.67
CA VAL A 41 7.58 2.69 9.79
C VAL A 41 7.35 1.27 10.32
N THR A 42 8.43 0.52 10.48
CA THR A 42 8.33 -0.84 11.01
C THR A 42 8.86 -0.89 12.44
N THR A 43 8.08 -1.47 13.35
CA THR A 43 8.49 -1.65 14.73
C THR A 43 8.62 -3.13 15.04
N VAL A 44 9.74 -3.49 15.65
CA VAL A 44 9.99 -4.88 16.03
C VAL A 44 10.52 -4.95 17.45
N VAL A 45 10.41 -6.14 18.05
CA VAL A 45 10.97 -6.35 19.39
C VAL A 45 12.31 -7.06 19.22
N ALA A 46 13.39 -6.33 19.53
CA ALA A 46 14.74 -6.85 19.34
C ALA A 46 15.57 -6.79 20.62
N THR A 47 16.43 -7.79 20.81
CA THR A 47 17.40 -7.79 21.89
C THR A 47 18.70 -7.12 21.44
N PRO A 48 19.22 -6.21 22.28
CA PRO A 48 20.52 -5.62 21.97
C PRO A 48 21.63 -6.67 21.90
N GLY A 49 22.50 -6.51 20.90
CA GLY A 49 23.56 -7.48 20.64
C GLY A 49 24.65 -7.50 21.68
N GLN A 50 24.96 -6.34 22.26
CA GLN A 50 26.05 -6.27 23.25
C GLN A 50 25.53 -6.07 24.67
N GLY A 51 24.37 -5.42 24.78
CA GLY A 51 23.80 -5.14 26.07
C GLY A 51 23.23 -6.37 26.74
N PRO A 52 22.62 -6.18 27.92
CA PRO A 52 22.00 -7.29 28.66
C PRO A 52 20.90 -7.87 27.82
N ASP A 53 20.65 -9.17 27.99
CA ASP A 53 19.64 -9.86 27.20
C ASP A 53 18.24 -9.38 27.58
N ARG A 54 17.92 -8.15 27.19
CA ARG A 54 16.60 -7.60 27.40
C ARG A 54 15.99 -7.04 26.13
N PRO A 55 14.90 -7.64 25.69
CA PRO A 55 14.19 -7.20 24.47
C PRO A 55 13.59 -5.83 24.64
N GLN A 56 13.36 -5.15 23.53
CA GLN A 56 12.75 -3.83 23.55
C GLN A 56 12.20 -3.52 22.19
N GLU A 57 11.29 -2.57 22.13
CA GLU A 57 10.73 -2.14 20.84
C GLU A 57 11.73 -1.26 20.11
N VAL A 58 11.99 -1.63 18.85
CA VAL A 58 12.91 -0.87 18.02
C VAL A 58 12.18 -0.50 16.72
N SER A 59 12.35 0.74 16.28
CA SER A 59 11.67 1.16 15.05
C SER A 59 12.65 1.63 13.97
N TYR A 60 12.34 1.30 12.72
CA TYR A 60 13.15 1.72 11.58
C TYR A 60 12.31 2.01 10.33
N THR A 61 12.85 2.82 9.44
CA THR A 61 12.13 3.15 8.23
C THR A 61 13.10 3.19 7.05
N ASP A 62 12.57 3.44 5.86
CA ASP A 62 13.35 3.62 4.63
C ASP A 62 14.13 2.36 4.31
N THR A 63 13.42 1.24 4.26
CA THR A 63 14.05 -0.04 4.07
C THR A 63 14.23 -0.32 2.59
N LYS A 64 15.43 -0.75 2.21
CA LYS A 64 15.72 -1.14 0.83
C LYS A 64 16.75 -2.27 0.75
N VAL A 65 16.55 -3.16 -0.21
CA VAL A 65 17.43 -4.31 -0.38
C VAL A 65 18.79 -3.85 -0.88
N ILE A 66 19.85 -4.29 -0.20
CA ILE A 66 21.22 -3.97 -0.60
C ILE A 66 22.10 -5.22 -0.74
N GLY A 67 21.56 -6.39 -0.43
CA GLY A 67 22.38 -7.57 -0.45
C GLY A 67 21.62 -8.85 -0.69
N ASN A 68 22.35 -9.84 -1.21
CA ASN A 68 21.76 -11.12 -1.57
C ASN A 68 22.78 -12.17 -1.29
N GLY A 69 22.32 -13.32 -0.83
CA GLY A 69 23.22 -14.43 -0.63
C GLY A 69 22.47 -15.73 -0.46
N SER A 70 23.25 -16.79 -0.23
CA SER A 70 22.66 -18.10 0.05
C SER A 70 22.04 -18.11 1.44
N PHE A 71 22.33 -17.06 2.23
CA PHE A 71 21.79 -16.92 3.58
C PHE A 71 20.42 -16.26 3.60
N GLY A 72 20.18 -15.40 2.62
CA GLY A 72 18.95 -14.63 2.55
C GLY A 72 19.21 -13.27 1.93
N VAL A 73 18.76 -12.24 2.63
CA VAL A 73 18.75 -10.87 2.11
C VAL A 73 19.38 -9.91 3.12
N VAL A 74 19.90 -8.79 2.62
CA VAL A 74 20.42 -7.74 3.46
C VAL A 74 19.76 -6.42 3.11
N TYR A 75 19.16 -5.78 4.11
CA TYR A 75 18.43 -4.53 3.88
C TYR A 75 19.20 -3.38 4.48
N GLN A 76 18.79 -2.19 4.09
CA GLN A 76 19.39 -0.99 4.65
C GLN A 76 18.25 -0.13 5.18
N ALA A 77 18.32 0.23 6.46
CA ALA A 77 17.28 1.03 7.07
C ALA A 77 17.85 2.15 7.92
N LYS A 78 16.95 2.99 8.43
CA LYS A 78 17.31 4.08 9.32
C LYS A 78 16.50 3.96 10.61
N LEU A 79 17.21 3.94 11.74
CA LEU A 79 16.56 3.88 13.05
C LEU A 79 15.79 5.16 13.32
N CYS A 80 14.52 5.02 13.70
CA CYS A 80 13.66 6.17 13.96
C CYS A 80 14.16 7.01 15.13
N ASP A 81 14.73 6.36 16.12
CA ASP A 81 15.22 7.03 17.31
C ASP A 81 16.49 7.88 17.06
N SER A 82 17.57 7.19 16.72
CA SER A 82 18.86 7.84 16.52
C SER A 82 18.97 8.51 15.17
N GLY A 83 18.25 7.97 14.18
CA GLY A 83 18.40 8.46 12.81
C GLY A 83 19.56 7.76 12.14
N GLU A 84 20.26 6.90 12.89
CA GLU A 84 21.41 6.19 12.38
C GLU A 84 21.05 5.11 11.38
N LEU A 85 21.98 4.83 10.49
CA LEU A 85 21.76 3.85 9.45
C LEU A 85 22.29 2.50 9.90
N VAL A 86 21.55 1.46 9.55
CA VAL A 86 21.92 0.11 9.89
C VAL A 86 21.74 -0.79 8.67
N ALA A 87 22.41 -1.95 8.69
CA ALA A 87 22.13 -3.01 7.73
C ALA A 87 21.38 -4.12 8.43
N ILE A 88 20.43 -4.74 7.71
CA ILE A 88 19.65 -5.83 8.28
C ILE A 88 19.79 -7.12 7.50
N LYS A 89 20.64 -8.02 8.01
CA LYS A 89 20.85 -9.33 7.41
C LYS A 89 19.76 -10.35 7.84
N LYS A 90 18.88 -10.67 6.91
CA LYS A 90 17.77 -11.59 7.17
C LYS A 90 18.12 -13.05 6.82
N VAL A 91 18.23 -13.90 7.84
CA VAL A 91 18.72 -15.27 7.64
C VAL A 91 17.69 -16.28 8.11
N LEU A 92 17.25 -17.15 7.21
CA LEU A 92 16.38 -18.27 7.60
C LEU A 92 17.06 -19.20 8.61
N GLN A 93 16.37 -19.48 9.71
CA GLN A 93 16.98 -20.24 10.78
C GLN A 93 16.10 -21.40 11.16
N ASP A 94 16.71 -22.44 11.69
CA ASP A 94 15.96 -23.59 12.13
C ASP A 94 16.02 -23.62 13.63
N LYS A 95 14.86 -23.77 14.23
CA LYS A 95 14.73 -23.60 15.66
C LYS A 95 15.63 -24.60 16.37
N ARG A 96 15.75 -25.78 15.80
CA ARG A 96 16.45 -26.84 16.50
C ARG A 96 17.88 -26.45 16.80
N PHE A 97 18.51 -25.74 15.88
CA PHE A 97 19.93 -25.39 15.98
C PHE A 97 20.23 -23.91 16.11
N LYS A 98 21.21 -23.60 16.95
CA LYS A 98 21.65 -22.23 17.18
C LYS A 98 22.48 -21.71 16.03
N ASN A 99 22.42 -20.40 15.85
CA ASN A 99 23.12 -19.74 14.75
C ASN A 99 24.52 -19.34 15.16
N ARG A 100 25.51 -19.78 14.39
CA ARG A 100 26.93 -19.54 14.73
C ARG A 100 27.25 -18.07 14.76
N GLU A 101 26.78 -17.37 13.73
CA GLU A 101 27.09 -15.95 13.56
C GLU A 101 26.55 -15.13 14.73
N LEU A 102 25.34 -15.45 15.16
CA LEU A 102 24.74 -14.74 16.27
C LEU A 102 25.51 -14.99 17.58
N GLN A 103 25.91 -16.24 17.81
CA GLN A 103 26.67 -16.58 19.02
C GLN A 103 27.98 -15.84 19.07
N ILE A 104 28.60 -15.65 17.90
CA ILE A 104 29.88 -14.97 17.80
C ILE A 104 29.76 -13.44 17.91
N MET A 105 28.78 -12.88 17.21
CA MET A 105 28.59 -11.42 17.20
C MET A 105 28.28 -10.81 18.58
N ARG A 106 27.81 -11.65 19.49
CA ARG A 106 27.48 -11.17 20.84
C ARG A 106 28.71 -11.15 21.74
N LYS A 107 29.71 -11.98 21.41
CA LYS A 107 31.00 -11.94 22.12
C LYS A 107 31.82 -10.70 21.76
N LEU A 108 31.88 -10.40 20.46
CA LEU A 108 32.80 -9.40 19.90
C LEU A 108 32.41 -7.96 20.25
N ASP A 109 33.39 -7.21 20.75
CA ASP A 109 33.24 -5.79 21.01
C ASP A 109 34.55 -5.09 20.69
N HIS A 110 34.73 -4.74 19.43
CA HIS A 110 35.99 -4.16 18.98
C HIS A 110 35.75 -3.01 18.00
N CYS A 111 36.65 -2.04 18.06
CA CYS A 111 36.55 -0.84 17.21
C CYS A 111 36.74 -1.16 15.71
N ASN A 112 37.52 -2.19 15.41
CA ASN A 112 37.76 -2.58 14.03
C ASN A 112 36.86 -3.70 13.55
N ILE A 113 35.73 -3.86 14.24
CA ILE A 113 34.77 -4.89 13.88
C ILE A 113 33.38 -4.27 13.86
N VAL A 114 32.63 -4.60 12.83
CA VAL A 114 31.27 -4.12 12.69
C VAL A 114 30.48 -4.53 13.92
N ARG A 115 29.67 -3.62 14.42
CA ARG A 115 28.95 -3.85 15.68
C ARG A 115 27.58 -4.44 15.39
N LEU A 116 27.20 -5.40 16.21
CA LEU A 116 25.84 -5.90 16.22
C LEU A 116 24.96 -5.01 17.12
N ARG A 117 24.07 -4.23 16.51
CA ARG A 117 23.23 -3.33 17.27
C ARG A 117 22.17 -4.12 18.06
N TYR A 118 21.31 -4.82 17.31
CA TYR A 118 20.23 -5.61 17.87
C TYR A 118 20.07 -6.86 17.03
N PHE A 119 19.09 -7.69 17.40
CA PHE A 119 18.67 -8.83 16.57
C PHE A 119 17.25 -9.26 16.93
N PHE A 120 16.49 -9.69 15.94
CA PHE A 120 15.10 -10.04 16.16
C PHE A 120 14.62 -11.11 15.18
N TYR A 121 13.44 -11.66 15.42
CA TYR A 121 12.93 -12.72 14.57
C TYR A 121 11.67 -12.30 13.82
N SER A 122 11.61 -12.66 12.55
CA SER A 122 10.40 -12.41 11.74
C SER A 122 9.84 -13.71 11.17
N SER A 123 8.56 -13.68 10.82
CA SER A 123 7.85 -14.89 10.37
C SER A 123 8.44 -15.53 9.12
N ASP A 128 5.83 -20.65 6.66
CA ASP A 128 6.05 -21.20 8.00
C ASP A 128 7.53 -21.52 8.25
N GLU A 129 8.30 -20.49 8.62
CA GLU A 129 9.76 -20.60 8.79
C GLU A 129 10.18 -19.40 9.65
N VAL A 130 11.35 -19.45 10.30
CA VAL A 130 11.73 -18.24 11.03
C VAL A 130 13.04 -17.64 10.57
N TYR A 131 13.02 -16.32 10.44
CA TYR A 131 14.18 -15.57 10.01
C TYR A 131 14.84 -14.83 11.17
N LEU A 132 16.12 -15.10 11.36
CA LEU A 132 16.95 -14.33 12.26
C LEU A 132 17.39 -13.06 11.54
N ASN A 133 17.18 -11.91 12.17
CA ASN A 133 17.54 -10.63 11.57
C ASN A 133 18.65 -9.98 12.39
N LEU A 134 19.82 -9.84 11.78
CA LEU A 134 20.94 -9.20 12.44
C LEU A 134 21.00 -7.74 12.03
N VAL A 135 20.98 -6.84 13.03
CA VAL A 135 21.05 -5.41 12.79
C VAL A 135 22.47 -4.94 13.06
N LEU A 136 23.17 -4.63 11.96
CA LEU A 136 24.58 -4.27 12.02
C LEU A 136 24.77 -2.82 11.63
N ASP A 137 25.96 -2.31 11.88
CA ASP A 137 26.36 -0.99 11.46
C ASP A 137 26.41 -0.96 9.96
N TYR A 138 25.85 0.10 9.37
CA TYR A 138 25.88 0.23 7.92
C TYR A 138 27.06 1.09 7.48
N VAL A 139 28.02 0.45 6.82
CA VAL A 139 29.16 1.16 6.24
C VAL A 139 29.31 0.80 4.76
N PRO A 140 28.83 1.68 3.85
CA PRO A 140 28.74 1.35 2.42
C PRO A 140 30.11 1.16 1.74
N GLU A 141 31.10 1.96 2.13
CA GLU A 141 32.42 1.92 1.48
C GLU A 141 33.24 0.71 1.87
N THR A 142 33.79 0.02 0.87
CA THR A 142 34.66 -1.13 1.10
C THR A 142 36.05 -0.89 0.55
N VAL A 143 37.02 -1.70 1.00
CA VAL A 143 38.38 -1.64 0.46
C VAL A 143 38.39 -2.09 -1.01
N TYR A 144 37.47 -3.00 -1.36
CA TYR A 144 37.34 -3.42 -2.74
C TYR A 144 36.98 -2.25 -3.68
N ARG A 145 36.02 -1.45 -3.27
CA ARG A 145 35.54 -0.32 -4.02
C ARG A 145 36.64 0.71 -4.24
N VAL A 146 37.45 0.92 -3.22
CA VAL A 146 38.56 1.89 -3.22
C VAL A 146 39.71 1.47 -4.13
N ALA A 147 40.06 0.18 -4.03
CA ALA A 147 41.17 -0.37 -4.79
C ALA A 147 40.81 -0.36 -6.26
N ARG A 148 39.58 -0.71 -6.54
CA ARG A 148 39.05 -0.75 -7.89
C ARG A 148 39.07 0.62 -8.50
N HIS A 149 38.70 1.60 -7.72
CA HIS A 149 38.68 2.99 -8.14
C HIS A 149 40.07 3.40 -8.64
N TYR A 150 41.10 2.93 -7.93
CA TYR A 150 42.48 3.24 -8.32
C TYR A 150 42.97 2.41 -9.50
N SER A 151 42.62 1.13 -9.50
CA SER A 151 43.13 0.25 -10.52
C SER A 151 42.52 0.51 -11.92
N ARG A 152 41.29 1.02 -11.95
CA ARG A 152 40.71 1.43 -13.21
C ARG A 152 41.38 2.68 -13.70
N ALA A 153 41.93 3.41 -12.75
CA ALA A 153 42.76 4.58 -13.05
C ALA A 153 44.21 4.17 -13.38
N LYS A 154 44.50 2.87 -13.27
CA LYS A 154 45.82 2.32 -13.55
C LYS A 154 46.90 2.78 -12.58
N GLN A 155 46.48 3.34 -11.45
CA GLN A 155 47.45 3.74 -10.44
C GLN A 155 47.25 2.99 -9.14
N THR A 156 48.27 3.05 -8.31
CA THR A 156 48.22 2.32 -7.06
C THR A 156 47.84 3.23 -5.87
N LEU A 157 47.15 2.63 -4.91
CA LEU A 157 46.76 3.33 -3.68
C LEU A 157 48.02 3.76 -2.90
N PRO A 158 48.03 5.01 -2.39
CA PRO A 158 49.16 5.48 -1.57
C PRO A 158 49.48 4.57 -0.35
N VAL A 159 50.75 4.30 -0.15
CA VAL A 159 51.21 3.36 0.87
C VAL A 159 50.66 3.69 2.26
N ILE A 160 50.42 4.96 2.51
CA ILE A 160 49.92 5.35 3.82
C ILE A 160 48.55 4.73 4.09
N TYR A 161 47.69 4.70 3.07
CA TYR A 161 46.35 4.13 3.21
C TYR A 161 46.43 2.61 3.39
N VAL A 162 47.38 2.01 2.69
CA VAL A 162 47.62 0.58 2.80
C VAL A 162 48.04 0.19 4.21
N LYS A 163 48.99 0.92 4.79
CA LYS A 163 49.45 0.66 6.16
C LYS A 163 48.29 0.79 7.15
N LEU A 164 47.43 1.79 6.95
CA LEU A 164 46.31 2.05 7.84
C LEU A 164 45.33 0.88 7.83
N TYR A 165 44.88 0.54 6.63
CA TYR A 165 43.88 -0.48 6.48
C TYR A 165 44.39 -1.81 6.98
N MET A 166 45.61 -2.17 6.61
CA MET A 166 46.13 -3.48 6.99
C MET A 166 46.30 -3.63 8.49
N TYR A 167 46.79 -2.55 9.11
CA TYR A 167 47.04 -2.58 10.52
C TYR A 167 45.74 -2.85 11.30
N GLN A 168 44.69 -2.12 10.95
CA GLN A 168 43.39 -2.31 11.57
C GLN A 168 42.83 -3.71 11.32
N LEU A 169 43.15 -4.25 10.15
CA LEU A 169 42.74 -5.60 9.83
C LEU A 169 43.41 -6.62 10.77
N PHE A 170 44.72 -6.51 10.91
CA PHE A 170 45.43 -7.41 11.85
C PHE A 170 44.96 -7.25 13.28
N ARG A 171 44.57 -6.03 13.66
CA ARG A 171 44.01 -5.80 14.99
C ARG A 171 42.75 -6.59 15.24
N SER A 172 41.80 -6.49 14.31
CA SER A 172 40.54 -7.17 14.50
C SER A 172 40.76 -8.68 14.48
N LEU A 173 41.75 -9.09 13.70
CA LEU A 173 42.13 -10.49 13.58
C LEU A 173 42.79 -11.00 14.86
N ALA A 174 43.67 -10.19 15.42
CA ALA A 174 44.28 -10.52 16.71
C ALA A 174 43.20 -10.68 17.78
N TYR A 175 42.16 -9.87 17.65
CA TYR A 175 41.05 -9.88 18.60
C TYR A 175 40.26 -11.19 18.49
N ILE A 176 39.80 -11.50 17.27
CA ILE A 176 38.91 -12.65 17.10
C ILE A 176 39.67 -13.96 17.27
N HIS A 177 40.96 -13.93 16.96
CA HIS A 177 41.77 -15.13 17.11
C HIS A 177 42.04 -15.47 18.58
N SER A 178 41.98 -14.47 19.47
CA SER A 178 42.14 -14.70 20.90
C SER A 178 41.01 -15.56 21.46
N PHE A 179 39.80 -15.41 20.90
CA PHE A 179 38.65 -16.24 21.28
C PHE A 179 38.66 -17.64 20.65
N GLY A 180 39.63 -17.90 19.78
CA GLY A 180 39.65 -19.13 18.97
C GLY A 180 38.73 -19.09 17.73
N ILE A 181 38.38 -17.87 17.32
CA ILE A 181 37.42 -17.67 16.22
C ILE A 181 38.15 -17.33 14.93
N CYS A 182 37.80 -18.04 13.86
CA CYS A 182 38.42 -17.80 12.57
C CYS A 182 37.35 -17.25 11.60
N HIS A 183 37.67 -16.17 10.90
CA HIS A 183 36.71 -15.54 10.02
C HIS A 183 36.39 -16.35 8.78
N ARG A 184 37.41 -16.89 8.15
CA ARG A 184 37.26 -17.85 7.08
C ARG A 184 36.64 -17.25 5.85
N ASP A 185 36.58 -15.94 5.79
CA ASP A 185 36.16 -15.23 4.57
C ASP A 185 36.75 -13.83 4.53
N ILE A 186 38.05 -13.74 4.79
CA ILE A 186 38.75 -12.47 4.68
C ILE A 186 38.89 -12.10 3.20
N LYS A 187 38.38 -10.92 2.85
CA LYS A 187 38.47 -10.38 1.49
C LYS A 187 38.14 -8.89 1.50
N PRO A 188 38.65 -8.12 0.51
CA PRO A 188 38.44 -6.66 0.39
C PRO A 188 36.98 -6.22 0.45
N GLN A 189 36.07 -7.03 -0.08
CA GLN A 189 34.66 -6.73 -0.02
C GLN A 189 34.07 -6.79 1.41
N ASN A 190 34.76 -7.45 2.34
CA ASN A 190 34.29 -7.55 3.74
C ASN A 190 35.04 -6.61 4.67
N LEU A 191 35.80 -5.69 4.07
CA LEU A 191 36.47 -4.64 4.85
C LEU A 191 35.82 -3.29 4.58
N LEU A 192 35.09 -2.80 5.56
CA LEU A 192 34.31 -1.58 5.47
C LEU A 192 35.11 -0.36 5.95
N LEU A 193 34.94 0.74 5.24
CA LEU A 193 35.72 1.95 5.48
C LEU A 193 34.88 3.19 5.77
N ASP A 194 35.31 3.96 6.77
CA ASP A 194 34.84 5.34 6.91
C ASP A 194 35.91 6.26 6.28
N PRO A 195 35.59 6.86 5.11
CA PRO A 195 36.54 7.65 4.33
C PRO A 195 37.08 8.86 5.10
N ASP A 196 36.25 9.42 5.97
CA ASP A 196 36.62 10.59 6.76
C ASP A 196 37.63 10.25 7.85
N THR A 197 37.37 9.18 8.60
CA THR A 197 38.25 8.79 9.70
C THR A 197 39.28 7.75 9.30
N ALA A 198 39.06 7.14 8.14
CA ALA A 198 39.87 6.01 7.67
C ALA A 198 39.82 4.84 8.65
N VAL A 199 38.66 4.63 9.28
CA VAL A 199 38.48 3.51 10.17
C VAL A 199 37.98 2.27 9.44
N LEU A 200 38.69 1.16 9.64
CA LEU A 200 38.35 -0.09 9.02
C LEU A 200 37.63 -1.00 10.02
N LYS A 201 36.58 -1.64 9.52
CA LYS A 201 35.81 -2.59 10.32
C LYS A 201 35.55 -3.88 9.58
N LEU A 202 36.00 -4.97 10.17
CA LEU A 202 35.74 -6.29 9.61
C LEU A 202 34.25 -6.61 9.71
N CYS A 203 33.68 -7.21 8.66
CA CYS A 203 32.27 -7.55 8.69
C CYS A 203 32.02 -8.92 8.06
N ASP A 204 30.74 -9.24 7.89
CA ASP A 204 30.27 -10.51 7.33
C ASP A 204 30.90 -11.77 7.97
N PHE A 205 30.46 -12.06 9.19
CA PHE A 205 30.92 -13.24 9.92
C PHE A 205 30.07 -14.49 9.63
N GLY A 206 29.55 -14.55 8.39
CA GLY A 206 28.70 -15.64 7.96
C GLY A 206 29.45 -16.95 7.80
N SER A 207 30.76 -16.85 7.64
CA SER A 207 31.59 -18.05 7.51
C SER A 207 32.44 -18.28 8.77
N ALA A 208 32.34 -17.35 9.72
CA ALA A 208 33.16 -17.45 10.92
C ALA A 208 32.80 -18.67 11.77
N LYS A 209 33.77 -19.16 12.52
CA LYS A 209 33.54 -20.30 13.40
C LYS A 209 34.62 -20.39 14.46
N GLN A 210 34.23 -20.76 15.69
CA GLN A 210 35.18 -21.04 16.75
C GLN A 210 35.77 -22.43 16.59
N LEU A 211 37.03 -22.48 16.19
CA LEU A 211 37.69 -23.73 15.92
C LEU A 211 38.07 -24.46 17.21
N VAL A 212 37.82 -25.78 17.22
CA VAL A 212 38.23 -26.64 18.33
C VAL A 212 39.11 -27.78 17.81
N ARG A 213 40.27 -27.98 18.45
CA ARG A 213 41.23 -29.01 18.03
C ARG A 213 40.62 -30.41 18.10
N GLY A 214 40.87 -31.21 17.07
CA GLY A 214 40.32 -32.55 17.00
C GLY A 214 38.95 -32.59 16.33
N GLU A 215 38.36 -31.42 16.14
CA GLU A 215 37.08 -31.33 15.44
C GLU A 215 37.28 -30.78 14.03
N PRO A 216 36.79 -31.52 13.05
CA PRO A 216 37.02 -31.22 11.64
C PRO A 216 36.30 -29.96 11.19
N ASN A 217 36.88 -29.27 10.20
CA ASN A 217 36.28 -28.10 9.61
C ASN A 217 36.28 -28.21 8.11
N VAL A 218 35.34 -27.53 7.46
CA VAL A 218 35.20 -27.61 6.01
C VAL A 218 36.41 -27.01 5.29
N SER A 219 36.85 -27.69 4.22
CA SER A 219 37.99 -27.23 3.42
C SER A 219 37.64 -26.22 2.30
N PTR A 220 36.50 -26.39 1.61
CA PTR A 220 36.07 -25.43 0.54
C PTR A 220 35.33 -24.24 1.15
O PTR A 220 34.09 -24.14 1.13
CB PTR A 220 35.16 -26.02 -0.54
CG PTR A 220 35.11 -25.23 -1.84
CD1 PTR A 220 36.14 -25.29 -2.74
CD2 PTR A 220 33.98 -24.49 -2.19
CE1 PTR A 220 36.09 -24.60 -3.99
CE2 PTR A 220 33.90 -23.80 -3.42
CZ PTR A 220 34.97 -23.87 -4.26
OH PTR A 220 34.92 -23.21 -5.45
P PTR A 220 35.39 -21.70 -5.67
O1P PTR A 220 36.82 -21.75 -6.26
O2P PTR A 220 35.37 -20.92 -4.40
O3P PTR A 220 34.44 -20.98 -6.66
N ILE A 221 36.13 -23.32 1.67
CA ILE A 221 35.64 -22.18 2.40
C ILE A 221 36.56 -21.07 1.96
N CYS A 222 36.10 -19.83 2.16
CA CYS A 222 36.87 -18.65 1.87
C CYS A 222 36.74 -18.32 0.38
N SER A 223 37.00 -17.07 0.01
CA SER A 223 37.02 -16.69 -1.40
C SER A 223 38.22 -17.29 -2.08
N ARG A 224 38.01 -17.79 -3.28
CA ARG A 224 39.04 -18.51 -4.01
C ARG A 224 40.36 -17.77 -4.03
N TYR A 225 40.33 -16.48 -4.38
CA TYR A 225 41.57 -15.71 -4.52
C TYR A 225 42.34 -15.61 -3.19
N TYR A 226 41.61 -15.74 -2.09
CA TYR A 226 42.19 -15.50 -0.76
C TYR A 226 42.23 -16.78 0.05
N ARG A 227 42.01 -17.90 -0.62
CA ARG A 227 41.97 -19.20 0.02
C ARG A 227 43.37 -19.77 0.32
N ALA A 228 43.61 -20.11 1.59
CA ALA A 228 44.87 -20.68 2.03
C ALA A 228 45.16 -21.96 1.27
N PRO A 229 46.45 -22.28 1.07
CA PRO A 229 46.92 -23.48 0.34
C PRO A 229 46.43 -24.78 0.98
N GLU A 230 46.47 -24.86 2.31
CA GLU A 230 46.02 -26.08 3.00
C GLU A 230 44.56 -26.40 2.75
N LEU A 231 43.75 -25.37 2.56
CA LEU A 231 42.35 -25.54 2.21
C LEU A 231 42.19 -26.18 0.82
N ILE A 232 43.04 -25.76 -0.11
CA ILE A 232 43.03 -26.34 -1.46
C ILE A 232 43.50 -27.79 -1.44
N PHE A 233 44.30 -28.09 -0.41
CA PHE A 233 44.74 -29.47 -0.15
C PHE A 233 43.71 -30.25 0.66
N GLY A 234 42.56 -29.63 0.88
CA GLY A 234 41.45 -30.34 1.51
C GLY A 234 41.61 -30.50 3.01
N ALA A 235 42.52 -29.75 3.62
CA ALA A 235 42.75 -29.88 5.06
C ALA A 235 41.44 -29.61 5.79
N THR A 236 41.20 -30.38 6.85
CA THR A 236 39.98 -30.19 7.65
C THR A 236 40.42 -29.85 9.07
N ASP A 237 41.72 -29.82 9.25
CA ASP A 237 42.26 -29.54 10.54
C ASP A 237 43.18 -28.33 10.40
N TYR A 238 42.57 -27.18 10.20
CA TYR A 238 43.39 -26.02 10.00
C TYR A 238 43.24 -25.07 11.18
N THR A 239 44.04 -24.01 11.18
CA THR A 239 43.97 -23.02 12.24
C THR A 239 43.53 -21.68 11.70
N SER A 240 43.49 -20.70 12.59
CA SER A 240 43.13 -19.32 12.24
C SER A 240 44.21 -18.65 11.40
N SER A 241 45.33 -19.34 11.23
CA SER A 241 46.41 -18.87 10.37
C SER A 241 46.00 -18.80 8.88
N ILE A 242 44.83 -19.34 8.55
CA ILE A 242 44.35 -19.23 7.17
C ILE A 242 43.89 -17.81 6.91
N ASP A 243 43.39 -17.15 7.95
CA ASP A 243 42.99 -15.76 7.82
C ASP A 243 44.20 -14.86 7.53
N VAL A 244 45.32 -15.18 8.17
CA VAL A 244 46.58 -14.50 7.92
C VAL A 244 46.98 -14.62 6.46
N TRP A 245 46.77 -15.81 5.88
CA TRP A 245 47.05 -16.01 4.47
C TRP A 245 46.22 -15.03 3.65
N SER A 246 44.92 -15.02 3.91
CA SER A 246 43.97 -14.19 3.17
C SER A 246 44.33 -12.71 3.30
N ALA A 247 44.73 -12.32 4.51
CA ALA A 247 45.17 -10.97 4.79
C ALA A 247 46.39 -10.58 3.91
N GLY A 248 47.34 -11.51 3.76
CA GLY A 248 48.47 -11.32 2.88
C GLY A 248 48.05 -11.12 1.43
N CYS A 249 47.03 -11.87 1.02
CA CYS A 249 46.47 -11.71 -0.32
C CYS A 249 45.84 -10.33 -0.54
N VAL A 250 45.29 -9.75 0.53
CA VAL A 250 44.66 -8.43 0.47
C VAL A 250 45.75 -7.37 0.34
N LEU A 251 46.79 -7.51 1.15
CA LEU A 251 47.92 -6.61 1.13
C LEU A 251 48.56 -6.56 -0.25
N ALA A 252 48.82 -7.73 -0.80
CA ALA A 252 49.46 -7.85 -2.10
C ALA A 252 48.62 -7.20 -3.17
N GLU A 253 47.31 -7.41 -3.10
CA GLU A 253 46.39 -6.84 -4.08
C GLU A 253 46.37 -5.31 -4.02
N LEU A 254 46.61 -4.76 -2.84
CA LEU A 254 46.69 -3.32 -2.65
C LEU A 254 47.98 -2.71 -3.17
N LEU A 255 49.03 -3.51 -3.21
CA LEU A 255 50.32 -3.08 -3.75
C LEU A 255 50.37 -3.24 -5.26
N LEU A 256 49.63 -4.21 -5.78
CA LEU A 256 49.68 -4.59 -7.20
C LEU A 256 48.59 -3.93 -8.04
N GLY A 257 47.45 -3.67 -7.43
CA GLY A 257 46.31 -3.09 -8.13
C GLY A 257 45.44 -4.17 -8.73
N GLN A 258 45.77 -5.41 -8.44
CA GLN A 258 45.02 -6.55 -8.90
C GLN A 258 45.35 -7.75 -8.01
N PRO A 259 44.44 -8.74 -7.95
CA PRO A 259 44.65 -9.92 -7.11
C PRO A 259 45.93 -10.68 -7.50
N ILE A 260 46.68 -11.12 -6.48
CA ILE A 260 47.95 -11.79 -6.72
C ILE A 260 47.78 -13.25 -7.15
N PHE A 261 46.75 -13.92 -6.67
CA PHE A 261 46.47 -15.29 -7.11
C PHE A 261 45.09 -15.41 -7.71
N PRO A 262 44.96 -15.11 -9.02
CA PRO A 262 43.65 -15.15 -9.71
C PRO A 262 43.28 -16.51 -10.33
N GLY A 263 42.85 -17.45 -9.48
CA GLY A 263 42.51 -18.81 -9.92
C GLY A 263 41.21 -18.91 -10.69
N ASP A 264 41.21 -19.77 -11.70
CA ASP A 264 40.01 -20.05 -12.51
C ASP A 264 39.16 -21.15 -11.90
N SER A 265 39.75 -21.89 -10.97
CA SER A 265 39.04 -22.96 -10.27
C SER A 265 39.66 -23.15 -8.89
N GLY A 266 39.05 -24.02 -8.08
CA GLY A 266 39.60 -24.32 -6.76
C GLY A 266 41.00 -24.90 -6.86
N VAL A 267 41.25 -25.69 -7.89
CA VAL A 267 42.57 -26.30 -8.12
C VAL A 267 43.54 -25.37 -8.86
N ASP A 268 43.04 -24.65 -9.87
CA ASP A 268 43.88 -23.67 -10.60
C ASP A 268 44.46 -22.62 -9.66
N GLN A 269 43.72 -22.28 -8.61
CA GLN A 269 44.19 -21.36 -7.58
C GLN A 269 45.54 -21.77 -7.01
N LEU A 270 45.74 -23.07 -6.87
CA LEU A 270 47.00 -23.60 -6.37
C LEU A 270 48.14 -23.35 -7.35
N VAL A 271 47.83 -23.49 -8.64
CA VAL A 271 48.82 -23.27 -9.68
C VAL A 271 49.30 -21.83 -9.65
N GLU A 272 48.35 -20.92 -9.49
CA GLU A 272 48.67 -19.50 -9.42
C GLU A 272 49.57 -19.20 -8.24
N ILE A 273 49.31 -19.87 -7.12
CA ILE A 273 50.16 -19.79 -5.93
C ILE A 273 51.57 -20.30 -6.22
N ILE A 274 51.63 -21.47 -6.83
CA ILE A 274 52.89 -22.08 -7.27
C ILE A 274 53.71 -21.22 -8.21
N LYS A 275 53.06 -20.58 -9.19
CA LYS A 275 53.73 -19.69 -10.12
C LYS A 275 54.50 -18.56 -9.41
N VAL A 276 54.23 -18.35 -8.13
CA VAL A 276 54.90 -17.33 -7.36
C VAL A 276 55.80 -17.92 -6.28
N LEU A 277 55.24 -18.81 -5.47
CA LEU A 277 55.99 -19.41 -4.37
C LEU A 277 56.79 -20.65 -4.82
N GLY A 278 56.59 -21.07 -6.06
CA GLY A 278 57.19 -22.29 -6.55
C GLY A 278 56.42 -23.47 -6.02
N THR A 279 56.90 -24.69 -6.26
CA THR A 279 56.27 -25.87 -5.67
C THR A 279 56.76 -26.11 -4.27
N PRO A 280 55.86 -26.49 -3.38
CA PRO A 280 56.21 -26.74 -1.97
C PRO A 280 56.98 -28.06 -1.78
N THR A 281 57.90 -28.06 -0.81
CA THR A 281 58.64 -29.26 -0.45
C THR A 281 57.70 -30.21 0.26
N ARG A 282 58.06 -31.49 0.29
CA ARG A 282 57.24 -32.49 0.94
C ARG A 282 56.99 -32.14 2.40
N GLU A 283 57.98 -31.50 3.03
CA GLU A 283 57.84 -31.12 4.42
C GLU A 283 56.73 -30.08 4.55
N GLN A 284 56.68 -29.16 3.58
CA GLN A 284 55.70 -28.09 3.56
C GLN A 284 54.28 -28.65 3.41
N ILE A 285 54.15 -29.61 2.49
CA ILE A 285 52.85 -30.25 2.27
C ILE A 285 52.41 -31.03 3.48
N ARG A 286 53.38 -31.60 4.18
CA ARG A 286 53.10 -32.38 5.39
C ARG A 286 52.49 -31.46 6.43
N GLU A 287 53.05 -30.26 6.57
CA GLU A 287 52.56 -29.27 7.55
C GLU A 287 51.13 -28.85 7.26
N MET A 288 50.79 -28.82 5.97
CA MET A 288 49.45 -28.43 5.56
C MET A 288 48.40 -29.46 5.90
N ASN A 289 48.81 -30.72 5.95
CA ASN A 289 47.95 -31.85 6.33
C ASN A 289 46.81 -32.14 5.38
N PRO A 290 47.14 -32.41 4.13
CA PRO A 290 46.11 -32.49 3.11
C PRO A 290 45.24 -33.74 3.16
N ASN A 291 43.96 -33.54 2.85
CA ASN A 291 43.04 -34.63 2.58
C ASN A 291 43.32 -35.38 1.30
N TYR A 292 43.65 -34.67 0.23
CA TYR A 292 44.05 -35.32 -1.00
C TYR A 292 45.51 -35.08 -1.23
N THR A 293 46.22 -36.16 -1.45
CA THR A 293 47.66 -36.13 -1.49
C THR A 293 48.31 -35.30 -2.59
N GLU A 294 47.87 -35.47 -3.84
CA GLU A 294 48.63 -34.89 -4.92
C GLU A 294 47.96 -34.61 -6.26
N PHE A 295 48.60 -33.69 -6.98
CA PHE A 295 48.14 -33.17 -8.25
C PHE A 295 49.28 -33.28 -9.26
N LYS A 296 48.92 -33.21 -10.53
CA LYS A 296 49.83 -33.45 -11.65
C LYS A 296 51.05 -32.54 -11.69
N PHE A 297 51.02 -31.48 -10.90
CA PHE A 297 51.93 -30.38 -11.07
C PHE A 297 53.38 -30.75 -10.91
N PRO A 298 54.21 -30.19 -11.78
CA PRO A 298 55.66 -30.42 -11.77
C PRO A 298 56.35 -29.47 -10.82
N GLN A 299 57.52 -29.88 -10.35
CA GLN A 299 58.37 -29.03 -9.52
C GLN A 299 58.67 -27.71 -10.23
N ILE A 300 58.51 -26.60 -9.52
CA ILE A 300 58.78 -25.29 -10.09
C ILE A 300 59.47 -24.37 -9.10
N LYS A 301 60.52 -23.71 -9.57
CA LYS A 301 61.25 -22.79 -8.74
C LYS A 301 60.45 -21.49 -8.51
N ALA A 302 60.63 -20.89 -7.33
CA ALA A 302 59.95 -19.69 -6.97
C ALA A 302 60.39 -18.46 -7.77
N HIS A 303 59.47 -17.51 -7.94
CA HIS A 303 59.77 -16.21 -8.52
C HIS A 303 60.23 -15.22 -7.46
N PRO A 304 61.20 -14.36 -7.82
CA PRO A 304 61.68 -13.36 -6.87
C PRO A 304 60.57 -12.40 -6.47
N TRP A 305 60.39 -12.22 -5.17
CA TRP A 305 59.34 -11.36 -4.63
C TRP A 305 59.44 -9.96 -5.19
N THR A 306 60.67 -9.47 -5.29
CA THR A 306 60.96 -8.16 -5.82
C THR A 306 60.36 -7.99 -7.20
N LYS A 307 60.43 -9.07 -7.99
CA LYS A 307 60.03 -9.04 -9.38
C LYS A 307 58.53 -9.15 -9.54
N VAL A 308 57.89 -9.74 -8.53
CA VAL A 308 56.43 -9.89 -8.50
C VAL A 308 55.75 -8.53 -8.45
N PHE A 309 56.27 -7.67 -7.57
CA PHE A 309 55.71 -6.34 -7.36
C PHE A 309 56.28 -5.31 -8.28
N ARG A 310 55.73 -4.12 -8.26
CA ARG A 310 56.22 -3.04 -9.09
C ARG A 310 57.58 -2.59 -8.60
N PRO A 311 58.34 -1.95 -9.46
CA PRO A 311 59.69 -1.48 -9.11
C PRO A 311 59.72 -0.52 -7.92
N ARG A 312 58.77 0.39 -7.82
CA ARG A 312 58.76 1.32 -6.70
C ARG A 312 58.53 0.62 -5.37
N THR A 313 57.69 -0.39 -5.39
CA THR A 313 57.05 -0.93 -4.23
C THR A 313 58.05 -0.91 -3.08
N PRO A 314 57.63 -0.40 -1.90
CA PRO A 314 58.46 -0.37 -0.69
C PRO A 314 58.90 -1.75 -0.25
N PRO A 315 60.16 -1.88 0.20
CA PRO A 315 60.77 -3.16 0.60
C PRO A 315 60.15 -3.75 1.86
N GLU A 316 59.71 -2.90 2.79
CA GLU A 316 59.09 -3.36 4.04
C GLU A 316 57.76 -4.03 3.76
N ALA A 317 57.06 -3.53 2.75
CA ALA A 317 55.79 -4.07 2.32
C ALA A 317 56.03 -5.48 1.82
N ILE A 318 56.96 -5.60 0.87
CA ILE A 318 57.33 -6.86 0.25
C ILE A 318 57.78 -7.84 1.29
N ALA A 319 58.62 -7.37 2.20
CA ALA A 319 59.16 -8.18 3.31
C ALA A 319 58.05 -8.71 4.20
N LEU A 320 56.99 -7.92 4.36
CA LEU A 320 55.85 -8.34 5.15
C LEU A 320 55.04 -9.42 4.42
N CYS A 321 54.87 -9.24 3.11
CA CYS A 321 54.13 -10.19 2.28
C CYS A 321 54.70 -11.59 2.35
N SER A 322 56.02 -11.69 2.25
CA SER A 322 56.68 -12.99 2.26
C SER A 322 56.47 -13.70 3.60
N ARG A 323 56.31 -12.92 4.68
CA ARG A 323 56.11 -13.46 6.02
C ARG A 323 54.68 -13.93 6.27
N LEU A 324 53.74 -13.40 5.50
CA LEU A 324 52.33 -13.79 5.60
C LEU A 324 52.04 -14.98 4.69
N LEU A 325 52.47 -14.85 3.43
CA LEU A 325 52.22 -15.86 2.41
C LEU A 325 53.26 -16.99 2.44
N GLU A 326 53.21 -17.80 3.50
CA GLU A 326 54.05 -18.99 3.66
C GLU A 326 53.22 -20.24 3.43
N TYR A 327 53.83 -21.25 2.82
CA TYR A 327 53.16 -22.56 2.65
C TYR A 327 52.82 -23.21 4.00
N THR A 328 53.83 -23.23 4.84
CA THR A 328 53.73 -23.84 6.15
C THR A 328 52.98 -22.89 7.11
N PRO A 329 51.74 -23.29 7.52
CA PRO A 329 50.83 -22.43 8.34
C PRO A 329 51.44 -21.89 9.62
N THR A 330 52.30 -22.69 10.24
CA THR A 330 52.99 -22.31 11.48
C THR A 330 54.07 -21.25 11.23
N ALA A 331 54.53 -21.16 9.97
CA ALA A 331 55.58 -20.18 9.60
C ALA A 331 55.04 -18.76 9.47
N ARG A 332 53.76 -18.62 9.19
CA ARG A 332 53.16 -17.32 9.05
C ARG A 332 53.06 -16.55 10.35
N LEU A 333 53.05 -15.24 10.23
CA LEU A 333 52.97 -14.32 11.35
C LEU A 333 51.62 -14.41 12.04
N THR A 334 51.60 -14.19 13.34
CA THR A 334 50.36 -13.95 14.06
C THR A 334 49.91 -12.52 13.86
N PRO A 335 48.63 -12.25 13.97
CA PRO A 335 48.12 -10.89 13.73
C PRO A 335 48.82 -9.82 14.55
N LEU A 336 49.32 -10.17 15.75
CA LEU A 336 50.08 -9.21 16.56
C LEU A 336 51.48 -8.96 16.00
N GLU A 337 52.16 -10.03 15.63
CA GLU A 337 53.50 -9.93 15.04
C GLU A 337 53.46 -9.07 13.78
N ALA A 338 52.35 -9.15 13.04
CA ALA A 338 52.19 -8.41 11.79
C ALA A 338 52.01 -6.93 12.08
N CYS A 339 51.27 -6.63 13.14
CA CYS A 339 51.08 -5.26 13.58
C CYS A 339 52.40 -4.65 14.01
N ALA A 340 53.25 -5.46 14.62
CA ALA A 340 54.53 -4.99 15.11
C ALA A 340 55.59 -5.04 14.01
N HIS A 341 55.16 -5.10 12.76
CA HIS A 341 56.12 -5.17 11.67
C HIS A 341 56.65 -3.78 11.32
N SER A 342 57.85 -3.78 10.75
CA SER A 342 58.53 -2.56 10.33
C SER A 342 57.71 -1.77 9.32
N PHE A 343 56.81 -2.47 8.64
CA PHE A 343 55.99 -1.86 7.63
C PHE A 343 55.07 -0.79 8.26
N PHE A 344 54.71 -1.01 9.52
CA PHE A 344 53.76 -0.14 10.20
C PHE A 344 54.42 0.92 11.08
N ASP A 345 55.75 1.08 10.95
CA ASP A 345 56.49 2.00 11.82
C ASP A 345 56.08 3.45 11.62
N GLU A 346 55.67 3.78 10.40
CA GLU A 346 55.23 5.13 10.08
C GLU A 346 54.01 5.54 10.94
N LEU A 347 53.20 4.55 11.31
CA LEU A 347 52.00 4.79 12.11
C LEU A 347 52.30 5.02 13.59
N ARG A 348 53.49 4.60 14.01
CA ARG A 348 53.91 4.74 15.39
C ARG A 348 54.72 6.02 15.61
N ASP A 349 54.97 6.75 14.53
CA ASP A 349 55.56 8.09 14.61
C ASP A 349 54.57 9.09 15.19
N PRO A 350 54.99 9.83 16.23
CA PRO A 350 54.09 10.77 16.93
C PRO A 350 53.59 11.92 16.05
N ASN A 351 54.25 12.14 14.91
CA ASN A 351 53.89 13.26 14.03
C ASN A 351 52.93 12.89 12.91
N VAL A 352 52.62 11.60 12.81
CA VAL A 352 51.82 11.07 11.71
C VAL A 352 50.38 11.63 11.70
N LYS A 353 49.90 11.92 10.50
CA LYS A 353 48.56 12.45 10.34
C LYS A 353 47.96 11.83 9.10
N LEU A 354 46.65 11.99 8.95
CA LEU A 354 45.99 11.58 7.71
C LEU A 354 46.35 12.54 6.56
N PRO A 355 46.23 12.05 5.32
CA PRO A 355 46.51 12.87 4.14
C PRO A 355 45.61 14.12 4.09
N ASN A 356 44.38 14.01 4.61
CA ASN A 356 43.48 15.15 4.71
C ASN A 356 43.71 16.00 5.98
N GLY A 357 44.89 15.83 6.59
CA GLY A 357 45.32 16.67 7.67
C GLY A 357 44.81 16.24 9.03
N ARG A 358 43.80 15.37 9.02
CA ARG A 358 43.19 14.87 10.25
C ARG A 358 44.06 13.86 11.00
N ASP A 359 43.72 13.62 12.25
CA ASP A 359 44.49 12.69 13.06
C ASP A 359 44.12 11.25 12.76
N THR A 360 45.09 10.37 12.91
CA THR A 360 44.85 8.94 12.73
C THR A 360 43.96 8.43 13.85
N PRO A 361 43.13 7.43 13.54
CA PRO A 361 42.26 6.81 14.57
C PRO A 361 43.07 6.17 15.73
N ALA A 362 42.37 5.77 16.79
CA ALA A 362 43.01 5.09 17.91
C ALA A 362 43.60 3.77 17.45
N LEU A 363 44.92 3.74 17.33
CA LEU A 363 45.61 2.58 16.84
C LEU A 363 46.33 1.83 17.95
N PHE A 364 46.34 2.41 19.14
CA PHE A 364 47.17 1.86 20.22
C PHE A 364 46.40 1.49 21.46
N ASN A 365 45.08 1.71 21.43
CA ASN A 365 44.21 1.35 22.54
C ASN A 365 43.99 -0.18 22.64
N PHE A 366 45.05 -0.90 22.98
CA PHE A 366 45.02 -2.36 23.11
C PHE A 366 44.46 -2.81 24.44
N THR A 367 43.58 -3.80 24.39
CA THR A 367 43.07 -4.40 25.59
C THR A 367 43.98 -5.56 25.94
N THR A 368 43.88 -6.04 27.17
CA THR A 368 44.63 -7.20 27.59
C THR A 368 44.18 -8.44 26.80
N GLN A 369 42.91 -8.43 26.39
CA GLN A 369 42.35 -9.48 25.54
C GLN A 369 43.07 -9.57 24.19
N GLU A 370 43.41 -8.41 23.62
CA GLU A 370 44.08 -8.36 22.33
C GLU A 370 45.54 -8.79 22.47
N LEU A 371 46.17 -8.37 23.57
CA LEU A 371 47.57 -8.68 23.83
C LEU A 371 47.76 -10.11 24.34
N SER A 372 46.65 -10.84 24.46
CA SER A 372 46.64 -12.21 24.99
C SER A 372 47.63 -13.09 24.24
N SER A 373 47.77 -12.85 22.95
CA SER A 373 48.59 -13.66 22.10
C SER A 373 50.07 -13.55 22.49
N ASN A 374 50.57 -12.32 22.61
CA ASN A 374 51.95 -12.11 23.03
C ASN A 374 52.12 -10.78 23.75
N PRO A 375 51.93 -10.78 25.06
CA PRO A 375 51.97 -9.56 25.90
C PRO A 375 53.24 -8.71 25.81
N PRO A 376 54.45 -9.31 25.70
CA PRO A 376 55.63 -8.44 25.65
C PRO A 376 55.79 -7.66 24.34
N LEU A 377 54.93 -7.91 23.36
CA LEU A 377 54.93 -7.11 22.13
C LEU A 377 54.33 -5.73 22.36
N ALA A 378 53.72 -5.53 23.53
CA ALA A 378 53.08 -4.25 23.88
C ALA A 378 54.08 -3.09 23.88
N THR A 379 55.34 -3.40 24.11
CA THR A 379 56.39 -2.40 24.21
C THR A 379 56.87 -1.99 22.83
N ILE A 380 56.32 -2.62 21.81
CA ILE A 380 56.58 -2.24 20.42
C ILE A 380 55.32 -1.67 19.79
N LEU A 381 54.19 -2.31 20.08
CA LEU A 381 52.91 -1.89 19.53
C LEU A 381 52.51 -0.54 20.10
N ILE A 382 52.82 -0.34 21.38
CA ILE A 382 52.48 0.89 22.08
C ILE A 382 53.69 1.77 22.30
N PRO A 383 53.85 2.81 21.46
CA PRO A 383 54.93 3.77 21.60
C PRO A 383 54.73 4.56 22.89
N PRO A 384 55.83 5.03 23.50
CA PRO A 384 55.79 5.80 24.74
C PRO A 384 54.95 7.07 24.62
N HIS A 385 54.98 7.69 23.43
CA HIS A 385 54.20 8.91 23.23
C HIS A 385 52.70 8.62 23.26
N ALA A 386 52.35 7.36 23.01
CA ALA A 386 50.95 6.93 23.00
C ALA A 386 50.48 6.44 24.38
N ARG A 387 51.43 6.07 25.24
CA ARG A 387 51.13 5.69 26.59
C ARG A 387 50.67 7.00 27.23
N LYS B 40 49.85 -47.38 -9.50
CA LYS B 40 48.97 -48.36 -8.85
C LYS B 40 47.57 -48.39 -9.46
N VAL B 41 46.97 -49.58 -9.48
CA VAL B 41 45.65 -49.74 -10.11
C VAL B 41 44.52 -49.92 -9.11
N THR B 42 43.44 -49.16 -9.30
CA THR B 42 42.27 -49.24 -8.42
C THR B 42 41.15 -49.96 -9.12
N THR B 43 40.58 -50.98 -8.49
CA THR B 43 39.38 -51.65 -9.01
C THR B 43 38.20 -51.44 -8.10
N VAL B 44 37.09 -51.07 -8.71
CA VAL B 44 35.85 -50.83 -7.98
C VAL B 44 34.67 -51.51 -8.67
N VAL B 45 33.58 -51.68 -7.93
CA VAL B 45 32.35 -52.24 -8.49
C VAL B 45 31.36 -51.11 -8.80
N ALA B 46 31.16 -50.84 -10.09
CA ALA B 46 30.36 -49.72 -10.50
C ALA B 46 29.24 -50.14 -11.44
N THR B 47 28.11 -49.48 -11.31
CA THR B 47 27.01 -49.66 -12.22
C THR B 47 27.12 -48.70 -13.41
N PRO B 48 26.95 -49.22 -14.63
CA PRO B 48 26.92 -48.33 -15.79
C PRO B 48 25.79 -47.29 -15.71
N GLY B 49 26.13 -46.05 -16.03
CA GLY B 49 25.19 -44.95 -15.95
C GLY B 49 24.04 -45.02 -16.95
N GLN B 50 24.30 -45.54 -18.14
CA GLN B 50 23.27 -45.59 -19.16
C GLN B 50 22.74 -47.01 -19.40
N GLY B 51 23.59 -47.99 -19.18
CA GLY B 51 23.22 -49.38 -19.41
C GLY B 51 22.29 -49.92 -18.34
N PRO B 52 21.97 -51.23 -18.43
CA PRO B 52 21.08 -51.89 -17.47
C PRO B 52 21.70 -51.79 -16.09
N ASP B 53 20.85 -51.75 -15.07
CA ASP B 53 21.35 -51.63 -13.71
C ASP B 53 22.07 -52.90 -13.27
N ARG B 54 23.25 -53.13 -13.83
CA ARG B 54 24.08 -54.27 -13.45
C ARG B 54 25.52 -53.94 -13.12
N PRO B 55 25.88 -54.02 -11.85
CA PRO B 55 27.23 -53.71 -11.36
C PRO B 55 28.31 -54.59 -12.02
N GLN B 56 29.54 -54.09 -12.04
CA GLN B 56 30.62 -54.84 -12.64
C GLN B 56 31.91 -54.25 -12.13
N GLU B 57 32.98 -55.03 -12.22
CA GLU B 57 34.27 -54.53 -11.77
C GLU B 57 34.83 -53.61 -12.84
N VAL B 58 35.26 -52.45 -12.39
CA VAL B 58 35.86 -51.45 -13.28
C VAL B 58 37.23 -51.05 -12.70
N SER B 59 38.23 -50.95 -13.57
CA SER B 59 39.57 -50.59 -13.12
C SER B 59 40.08 -49.30 -13.76
N TYR B 60 40.79 -48.50 -12.96
CA TYR B 60 41.40 -47.27 -13.46
C TYR B 60 42.74 -46.97 -12.77
N THR B 61 43.57 -46.20 -13.45
CA THR B 61 44.87 -45.84 -12.90
C THR B 61 45.18 -44.38 -13.20
N ASP B 62 46.32 -43.90 -12.68
CA ASP B 62 46.83 -42.55 -12.95
C ASP B 62 45.87 -41.50 -12.45
N THR B 63 45.51 -41.63 -11.18
CA THR B 63 44.51 -40.76 -10.60
C THR B 63 45.15 -39.48 -10.08
N LYS B 64 44.57 -38.34 -10.42
CA LYS B 64 45.04 -37.05 -9.92
C LYS B 64 43.92 -36.04 -9.74
N VAL B 65 44.02 -35.24 -8.68
CA VAL B 65 42.97 -34.29 -8.35
C VAL B 65 42.98 -33.20 -9.40
N ILE B 66 41.80 -32.88 -9.92
CA ILE B 66 41.64 -31.80 -10.91
C ILE B 66 40.52 -30.82 -10.54
N GLY B 67 39.83 -31.09 -9.45
CA GLY B 67 38.68 -30.28 -9.09
C GLY B 67 38.40 -30.20 -7.61
N ASN B 68 37.72 -29.14 -7.22
CA ASN B 68 37.39 -28.93 -5.83
C ASN B 68 36.06 -28.24 -5.78
N GLY B 69 35.24 -28.59 -4.80
CA GLY B 69 34.01 -27.86 -4.64
C GLY B 69 33.42 -28.08 -3.29
N SER B 70 32.24 -27.49 -3.09
CA SER B 70 31.51 -27.71 -1.85
C SER B 70 30.91 -29.12 -1.87
N PHE B 71 30.99 -29.77 -3.02
CA PHE B 71 30.49 -31.14 -3.17
C PHE B 71 31.53 -32.19 -2.77
N GLY B 72 32.79 -31.85 -2.94
CA GLY B 72 33.88 -32.76 -2.69
C GLY B 72 35.01 -32.51 -3.67
N VAL B 73 35.44 -33.58 -4.34
CA VAL B 73 36.64 -33.55 -5.19
C VAL B 73 36.37 -34.14 -6.56
N VAL B 74 37.15 -33.73 -7.55
CA VAL B 74 37.06 -34.30 -8.88
C VAL B 74 38.43 -34.78 -9.31
N TYR B 75 38.51 -36.06 -9.67
CA TYR B 75 39.77 -36.68 -10.04
C TYR B 75 39.79 -36.92 -11.54
N GLN B 76 40.97 -37.20 -12.05
CA GLN B 76 41.11 -37.56 -13.44
C GLN B 76 41.86 -38.89 -13.49
N ALA B 77 41.28 -39.87 -14.19
CA ALA B 77 41.88 -41.19 -14.27
C ALA B 77 41.83 -41.75 -15.68
N LYS B 78 42.47 -42.89 -15.84
CA LYS B 78 42.46 -43.62 -17.11
C LYS B 78 41.95 -45.05 -16.89
N LEU B 79 40.91 -45.42 -17.64
CA LEU B 79 40.34 -46.76 -17.58
C LEU B 79 41.33 -47.78 -18.10
N CYS B 80 41.58 -48.82 -17.30
CA CYS B 80 42.57 -49.82 -17.68
C CYS B 80 42.16 -50.57 -18.95
N ASP B 81 40.86 -50.77 -19.10
CA ASP B 81 40.33 -51.53 -20.23
C ASP B 81 40.45 -50.77 -21.57
N SER B 82 39.75 -49.65 -21.65
CA SER B 82 39.69 -48.88 -22.88
C SER B 82 40.93 -47.99 -23.04
N GLY B 83 41.51 -47.58 -21.92
CA GLY B 83 42.60 -46.61 -21.96
C GLY B 83 42.05 -45.21 -22.00
N GLU B 84 40.71 -45.09 -22.02
CA GLU B 84 40.04 -43.80 -22.09
C GLU B 84 40.13 -43.03 -20.80
N LEU B 85 40.08 -41.71 -20.93
CA LEU B 85 40.20 -40.83 -19.77
C LEU B 85 38.82 -40.47 -19.30
N VAL B 86 38.70 -40.41 -17.97
CA VAL B 86 37.44 -40.07 -17.34
C VAL B 86 37.68 -39.05 -16.20
N ALA B 87 36.62 -38.36 -15.80
CA ALA B 87 36.66 -37.57 -14.59
C ALA B 87 35.86 -38.28 -13.51
N ILE B 88 36.32 -38.21 -12.26
CA ILE B 88 35.62 -38.82 -11.16
C ILE B 88 35.23 -37.80 -10.11
N LYS B 89 33.96 -37.41 -10.14
CA LYS B 89 33.41 -36.49 -9.15
C LYS B 89 32.97 -37.23 -7.87
N LYS B 90 33.72 -37.01 -6.79
CA LYS B 90 33.48 -37.68 -5.50
C LYS B 90 32.60 -36.81 -4.57
N VAL B 91 31.37 -37.26 -4.32
CA VAL B 91 30.40 -36.48 -3.58
C VAL B 91 29.92 -37.20 -2.33
N LEU B 92 30.11 -36.61 -1.16
CA LEU B 92 29.55 -37.15 0.07
C LEU B 92 28.03 -37.20 0.02
N GLN B 93 27.46 -38.36 0.35
CA GLN B 93 26.04 -38.56 0.19
C GLN B 93 25.47 -39.10 1.48
N ASP B 94 24.19 -38.82 1.67
CA ASP B 94 23.39 -39.40 2.71
C ASP B 94 22.49 -40.46 2.18
N LYS B 95 22.54 -41.65 2.73
CA LYS B 95 21.74 -42.70 2.17
C LYS B 95 20.28 -42.29 2.27
N ARG B 96 19.89 -41.76 3.41
CA ARG B 96 18.48 -41.43 3.63
C ARG B 96 17.90 -40.77 2.38
N PHE B 97 18.70 -39.93 1.72
CA PHE B 97 18.21 -39.19 0.54
C PHE B 97 18.93 -39.48 -0.76
N LYS B 98 18.14 -39.57 -1.83
CA LYS B 98 18.69 -39.81 -3.17
C LYS B 98 19.36 -38.58 -3.71
N ASN B 99 20.36 -38.82 -4.56
CA ASN B 99 21.14 -37.76 -5.14
C ASN B 99 20.49 -37.27 -6.44
N ARG B 100 20.21 -35.97 -6.52
CA ARG B 100 19.55 -35.40 -7.69
C ARG B 100 20.35 -35.56 -8.97
N GLU B 101 21.65 -35.32 -8.89
CA GLU B 101 22.52 -35.35 -10.05
C GLU B 101 22.56 -36.77 -10.65
N LEU B 102 22.62 -37.76 -9.76
CA LEU B 102 22.66 -39.14 -10.20
C LEU B 102 21.36 -39.56 -10.88
N GLN B 103 20.23 -39.12 -10.33
CA GLN B 103 18.93 -39.46 -10.90
C GLN B 103 18.78 -38.84 -12.29
N ILE B 104 19.37 -37.66 -12.47
CA ILE B 104 19.27 -36.94 -13.73
C ILE B 104 20.24 -37.48 -14.79
N MET B 105 21.47 -37.78 -14.38
CA MET B 105 22.50 -38.25 -15.30
C MET B 105 22.17 -39.61 -15.95
N ARG B 106 21.27 -40.34 -15.32
CA ARG B 106 20.89 -41.65 -15.82
C ARG B 106 19.80 -41.54 -16.90
N LYS B 107 19.01 -40.47 -16.85
CA LYS B 107 18.01 -40.19 -17.88
C LYS B 107 18.65 -39.71 -19.17
N LEU B 108 19.63 -38.81 -19.04
CA LEU B 108 20.21 -38.09 -20.18
C LEU B 108 21.10 -38.95 -21.10
N ASP B 109 20.83 -38.90 -22.40
CA ASP B 109 21.65 -39.56 -23.40
C ASP B 109 21.74 -38.69 -24.64
N HIS B 110 22.64 -37.72 -24.63
CA HIS B 110 22.72 -36.75 -25.71
C HIS B 110 24.17 -36.49 -26.10
N CYS B 111 24.35 -36.21 -27.39
CA CYS B 111 25.68 -35.96 -27.95
C CYS B 111 26.32 -34.66 -27.42
N ASN B 112 25.49 -33.68 -27.06
CA ASN B 112 25.99 -32.41 -26.54
C ASN B 112 25.94 -32.36 -25.02
N ILE B 113 25.91 -33.53 -24.41
CA ILE B 113 25.94 -33.61 -22.97
C ILE B 113 26.99 -34.60 -22.56
N VAL B 114 27.76 -34.24 -21.54
CA VAL B 114 28.76 -35.15 -20.95
C VAL B 114 28.10 -36.45 -20.51
N ARG B 115 28.73 -37.56 -20.85
CA ARG B 115 28.14 -38.86 -20.58
C ARG B 115 28.55 -39.39 -19.21
N LEU B 116 27.60 -39.99 -18.52
CA LEU B 116 27.92 -40.71 -17.28
C LEU B 116 28.31 -42.16 -17.62
N ARG B 117 29.59 -42.46 -17.44
CA ARG B 117 30.09 -43.80 -17.81
C ARG B 117 29.59 -44.82 -16.78
N TYR B 118 29.98 -44.60 -15.53
CA TYR B 118 29.62 -45.49 -14.44
C TYR B 118 29.40 -44.66 -13.18
N PHE B 119 29.10 -45.33 -12.07
CA PHE B 119 29.05 -44.70 -10.74
C PHE B 119 29.18 -45.74 -9.65
N PHE B 120 29.85 -45.38 -8.57
CA PHE B 120 30.12 -46.32 -7.50
C PHE B 120 30.26 -45.63 -6.15
N TYR B 121 30.29 -46.41 -5.08
CA TYR B 121 30.38 -45.84 -3.73
C TYR B 121 31.69 -46.18 -3.02
N SER B 122 32.29 -45.18 -2.38
CA SER B 122 33.48 -45.41 -1.54
C SER B 122 33.24 -45.02 -0.11
N SER B 123 34.05 -45.55 0.80
CA SER B 123 33.80 -45.39 2.27
C SER B 123 33.90 -43.96 2.80
N GLY B 124 32.84 -43.57 3.52
CA GLY B 124 32.83 -42.39 4.39
C GLY B 124 32.66 -42.85 5.84
N GLU B 125 33.37 -42.19 6.75
CA GLU B 125 33.52 -42.69 8.12
C GLU B 125 32.19 -42.92 8.84
N LYS B 126 31.25 -41.97 8.70
CA LYS B 126 29.95 -42.15 9.33
C LYS B 126 29.14 -43.27 8.68
N LYS B 127 28.15 -43.78 9.42
CA LYS B 127 27.34 -44.91 8.96
C LYS B 127 26.57 -44.58 7.68
N ASP B 128 25.97 -43.40 7.65
CA ASP B 128 25.18 -42.93 6.51
C ASP B 128 26.00 -42.06 5.56
N GLU B 129 27.22 -41.75 5.98
CA GLU B 129 28.15 -40.96 5.16
C GLU B 129 29.14 -41.83 4.41
N VAL B 130 29.06 -41.72 3.10
CA VAL B 130 29.61 -42.57 2.07
C VAL B 130 29.69 -41.61 0.90
N TYR B 131 30.61 -41.88 -0.02
CA TYR B 131 30.82 -41.01 -1.16
C TYR B 131 30.26 -41.62 -2.43
N LEU B 132 29.39 -40.88 -3.11
CA LEU B 132 28.93 -41.22 -4.45
C LEU B 132 29.99 -40.75 -5.43
N ASN B 133 30.43 -41.65 -6.32
CA ASN B 133 31.47 -41.30 -7.29
C ASN B 133 30.92 -41.35 -8.70
N LEU B 134 30.87 -40.20 -9.35
CA LEU B 134 30.37 -40.12 -10.72
C LEU B 134 31.53 -40.18 -11.72
N VAL B 135 31.48 -41.15 -12.63
CA VAL B 135 32.52 -41.32 -13.63
C VAL B 135 32.00 -40.75 -14.95
N LEU B 136 32.54 -39.58 -15.30
CA LEU B 136 32.09 -38.85 -16.47
C LEU B 136 33.18 -38.80 -17.51
N ASP B 137 32.81 -38.37 -18.71
CA ASP B 137 33.76 -38.15 -19.78
C ASP B 137 34.69 -37.02 -19.39
N TYR B 138 35.97 -37.24 -19.64
CA TYR B 138 36.97 -36.20 -19.34
C TYR B 138 37.26 -35.35 -20.57
N VAL B 139 36.81 -34.10 -20.55
CA VAL B 139 37.10 -33.14 -21.59
C VAL B 139 37.72 -31.87 -20.99
N PRO B 140 39.07 -31.74 -21.06
CA PRO B 140 39.80 -30.65 -20.37
C PRO B 140 39.46 -29.24 -20.89
N GLU B 141 39.31 -29.09 -22.21
CA GLU B 141 39.07 -27.77 -22.81
C GLU B 141 37.67 -27.23 -22.56
N THR B 142 37.59 -25.97 -22.14
CA THR B 142 36.30 -25.33 -21.93
C THR B 142 36.18 -24.09 -22.80
N VAL B 143 34.95 -23.60 -22.97
CA VAL B 143 34.71 -22.36 -23.71
C VAL B 143 35.31 -21.16 -22.99
N TYR B 144 35.35 -21.25 -21.67
CA TYR B 144 36.01 -20.21 -20.86
C TYR B 144 37.50 -20.07 -21.23
N ARG B 145 38.20 -21.18 -21.32
CA ARG B 145 39.61 -21.23 -21.60
C ARG B 145 39.92 -20.64 -22.95
N VAL B 146 39.05 -20.90 -23.90
CA VAL B 146 39.17 -20.46 -25.30
C VAL B 146 38.94 -18.97 -25.45
N ALA B 147 37.88 -18.49 -24.82
CA ALA B 147 37.50 -17.09 -24.91
C ALA B 147 38.57 -16.24 -24.27
N ARG B 148 39.07 -16.72 -23.14
CA ARG B 148 40.11 -16.05 -22.39
C ARG B 148 41.37 -15.97 -23.20
N HIS B 149 41.69 -17.03 -23.90
CA HIS B 149 42.85 -17.09 -24.77
C HIS B 149 42.81 -15.95 -25.80
N TYR B 150 41.62 -15.66 -26.30
CA TYR B 150 41.43 -14.59 -27.28
C TYR B 150 41.42 -13.21 -26.64
N SER B 151 40.73 -13.08 -25.52
CA SER B 151 40.56 -11.77 -24.90
C SER B 151 41.87 -11.21 -24.34
N ARG B 152 42.77 -12.10 -23.93
CA ARG B 152 44.09 -11.67 -23.45
C ARG B 152 44.90 -11.22 -24.63
N ALA B 153 44.54 -11.74 -25.79
CA ALA B 153 45.11 -11.28 -27.05
C ALA B 153 44.39 -10.04 -27.58
N LYS B 154 43.36 -9.60 -26.88
CA LYS B 154 42.56 -8.41 -27.23
C LYS B 154 41.78 -8.57 -28.52
N GLN B 155 41.61 -9.81 -28.96
CA GLN B 155 40.81 -10.06 -30.16
C GLN B 155 39.60 -10.94 -29.86
N THR B 156 38.69 -10.95 -30.81
CA THR B 156 37.46 -11.69 -30.63
C THR B 156 37.48 -13.03 -31.39
N LEU B 157 36.82 -14.03 -30.79
CA LEU B 157 36.68 -15.34 -31.39
C LEU B 157 35.88 -15.25 -32.71
N PRO B 158 36.36 -15.95 -33.77
CA PRO B 158 35.66 -15.94 -35.06
C PRO B 158 34.19 -16.37 -34.93
N VAL B 159 33.30 -15.64 -35.61
CA VAL B 159 31.86 -15.85 -35.53
C VAL B 159 31.46 -17.29 -35.81
N ILE B 160 32.23 -17.97 -36.66
CA ILE B 160 31.90 -19.33 -37.00
C ILE B 160 31.96 -20.23 -35.75
N TYR B 161 32.96 -20.02 -34.89
CA TYR B 161 33.10 -20.83 -33.69
C TYR B 161 31.98 -20.50 -32.70
N VAL B 162 31.62 -19.23 -32.64
CA VAL B 162 30.51 -18.79 -31.80
C VAL B 162 29.18 -19.46 -32.20
N LYS B 163 28.90 -19.50 -33.50
CA LYS B 163 27.66 -20.12 -33.99
C LYS B 163 27.65 -21.60 -33.63
N LEU B 164 28.80 -22.26 -33.76
CA LEU B 164 28.92 -23.69 -33.49
C LEU B 164 28.63 -24.00 -32.04
N TYR B 165 29.32 -23.29 -31.17
CA TYR B 165 29.23 -23.54 -29.75
C TYR B 165 27.84 -23.25 -29.21
N MET B 166 27.26 -22.12 -29.62
CA MET B 166 25.95 -21.73 -29.11
C MET B 166 24.85 -22.67 -29.57
N TYR B 167 24.95 -23.11 -30.82
CA TYR B 167 23.95 -23.99 -31.37
C TYR B 167 23.90 -25.31 -30.59
N GLN B 168 25.06 -25.91 -30.37
CA GLN B 168 25.16 -27.13 -29.58
C GLN B 168 24.65 -26.93 -28.17
N LEU B 169 24.87 -25.74 -27.64
CA LEU B 169 24.39 -25.42 -26.32
C LEU B 169 22.86 -25.41 -26.26
N PHE B 170 22.24 -24.72 -27.22
CA PHE B 170 20.78 -24.72 -27.29
C PHE B 170 20.21 -26.13 -27.49
N ARG B 171 20.96 -26.97 -28.21
CA ARG B 171 20.50 -28.34 -28.43
C ARG B 171 20.40 -29.10 -27.14
N SER B 172 21.47 -29.07 -26.36
CA SER B 172 21.48 -29.84 -25.11
C SER B 172 20.42 -29.29 -24.17
N LEU B 173 20.20 -27.98 -24.27
CA LEU B 173 19.21 -27.30 -23.45
C LEU B 173 17.79 -27.69 -23.87
N ALA B 174 17.55 -27.76 -25.18
CA ALA B 174 16.25 -28.21 -25.69
C ALA B 174 15.99 -29.63 -25.20
N TYR B 175 17.07 -30.40 -25.11
CA TYR B 175 17.00 -31.79 -24.67
C TYR B 175 16.60 -31.87 -23.21
N ILE B 176 17.35 -31.20 -22.34
CA ILE B 176 17.11 -31.33 -20.92
C ILE B 176 15.83 -30.65 -20.49
N HIS B 177 15.44 -29.62 -21.25
CA HIS B 177 14.21 -28.89 -20.93
C HIS B 177 12.96 -29.72 -21.26
N SER B 178 13.08 -30.65 -22.20
CA SER B 178 11.96 -31.52 -22.54
C SER B 178 11.58 -32.41 -21.38
N PHE B 179 12.57 -32.79 -20.56
CA PHE B 179 12.32 -33.59 -19.35
C PHE B 179 11.81 -32.77 -18.18
N GLY B 180 11.77 -31.45 -18.34
CA GLY B 180 11.46 -30.53 -17.25
C GLY B 180 12.65 -30.23 -16.35
N ILE B 181 13.85 -30.49 -16.86
CA ILE B 181 15.08 -30.32 -16.09
C ILE B 181 15.78 -29.00 -16.42
N CYS B 182 16.12 -28.25 -15.38
CA CYS B 182 16.81 -26.98 -15.55
C CYS B 182 18.23 -27.10 -15.01
N HIS B 183 19.22 -26.65 -15.79
CA HIS B 183 20.61 -26.80 -15.39
C HIS B 183 21.03 -25.87 -14.24
N ARG B 184 20.52 -24.64 -14.27
CA ARG B 184 20.70 -23.68 -13.17
C ARG B 184 22.15 -23.35 -12.86
N ASP B 185 23.06 -23.64 -13.80
CA ASP B 185 24.45 -23.21 -13.69
C ASP B 185 25.11 -23.17 -15.05
N ILE B 186 24.43 -22.55 -16.02
CA ILE B 186 24.99 -22.40 -17.35
C ILE B 186 26.07 -21.33 -17.28
N LYS B 187 27.29 -21.70 -17.68
CA LYS B 187 28.42 -20.79 -17.73
C LYS B 187 29.53 -21.38 -18.62
N PRO B 188 30.39 -20.53 -19.21
CA PRO B 188 31.48 -20.96 -20.11
C PRO B 188 32.37 -22.06 -19.53
N GLN B 189 32.60 -22.01 -18.22
CA GLN B 189 33.40 -23.04 -17.53
C GLN B 189 32.74 -24.42 -17.51
N ASN B 190 31.43 -24.50 -17.78
CA ASN B 190 30.72 -25.78 -17.84
C ASN B 190 30.43 -26.25 -19.25
N LEU B 191 31.04 -25.58 -20.22
CA LEU B 191 30.92 -26.00 -21.62
C LEU B 191 32.25 -26.60 -22.08
N LEU B 192 32.28 -27.90 -22.26
CA LEU B 192 33.48 -28.62 -22.63
C LEU B 192 33.61 -28.79 -24.13
N LEU B 193 34.84 -28.67 -24.63
CA LEU B 193 35.09 -28.64 -26.08
C LEU B 193 36.08 -29.71 -26.52
N ASP B 194 35.76 -30.35 -27.65
CA ASP B 194 36.78 -31.09 -28.38
C ASP B 194 37.29 -30.21 -29.52
N PRO B 195 38.54 -29.72 -29.41
CA PRO B 195 39.10 -28.75 -30.37
C PRO B 195 39.14 -29.29 -31.82
N ASP B 196 39.36 -30.59 -31.96
CA ASP B 196 39.45 -31.22 -33.25
C ASP B 196 38.10 -31.30 -33.94
N THR B 197 37.06 -31.70 -33.20
CA THR B 197 35.74 -31.87 -33.81
C THR B 197 34.84 -30.69 -33.60
N ALA B 198 35.26 -29.82 -32.70
CA ALA B 198 34.47 -28.67 -32.26
C ALA B 198 33.12 -29.12 -31.68
N VAL B 199 33.13 -30.25 -30.98
CA VAL B 199 31.93 -30.72 -30.31
C VAL B 199 31.84 -30.21 -28.87
N LEU B 200 30.69 -29.62 -28.58
CA LEU B 200 30.41 -29.04 -27.28
C LEU B 200 29.53 -29.96 -26.43
N LYS B 201 29.93 -30.13 -25.18
CA LYS B 201 29.18 -30.95 -24.23
C LYS B 201 28.91 -30.24 -22.91
N LEU B 202 27.63 -30.09 -22.59
CA LEU B 202 27.25 -29.49 -21.33
C LEU B 202 27.65 -30.43 -20.18
N CYS B 203 28.17 -29.86 -19.10
CA CYS B 203 28.57 -30.68 -17.98
C CYS B 203 28.16 -30.03 -16.67
N ASP B 204 28.64 -30.62 -15.57
CA ASP B 204 28.41 -30.17 -14.19
C ASP B 204 26.92 -29.94 -13.87
N PHE B 205 26.20 -31.04 -13.71
CA PHE B 205 24.79 -30.98 -13.37
C PHE B 205 24.56 -30.98 -11.86
N GLY B 206 25.50 -30.39 -11.12
CA GLY B 206 25.41 -30.36 -9.68
C GLY B 206 24.33 -29.42 -9.15
N SER B 207 23.91 -28.48 -9.99
CA SER B 207 22.87 -27.54 -9.62
C SER B 207 21.58 -27.84 -10.38
N ALA B 208 21.63 -28.82 -11.29
CA ALA B 208 20.44 -29.18 -12.05
C ALA B 208 19.30 -29.72 -11.18
N LYS B 209 18.08 -29.53 -11.66
CA LYS B 209 16.90 -30.01 -10.96
C LYS B 209 15.70 -30.08 -11.89
N GLN B 210 14.89 -31.13 -11.72
CA GLN B 210 13.60 -31.23 -12.42
C GLN B 210 12.55 -30.38 -11.73
N LEU B 211 12.17 -29.30 -12.38
CA LEU B 211 11.25 -28.35 -11.80
C LEU B 211 9.83 -28.85 -11.88
N VAL B 212 9.09 -28.68 -10.78
CA VAL B 212 7.68 -29.01 -10.72
C VAL B 212 6.86 -27.79 -10.30
N ARG B 213 5.81 -27.48 -11.07
CA ARG B 213 4.97 -26.30 -10.81
C ARG B 213 4.30 -26.38 -9.44
N GLY B 214 4.29 -25.25 -8.73
CA GLY B 214 3.74 -25.22 -7.39
C GLY B 214 4.75 -25.57 -6.33
N GLU B 215 5.90 -26.10 -6.74
CA GLU B 215 6.96 -26.43 -5.80
C GLU B 215 8.08 -25.41 -5.92
N PRO B 216 8.43 -24.79 -4.79
CA PRO B 216 9.42 -23.70 -4.75
C PRO B 216 10.83 -24.17 -5.08
N ASN B 217 11.61 -23.26 -5.64
CA ASN B 217 13.02 -23.50 -5.96
C ASN B 217 13.88 -22.36 -5.44
N VAL B 218 15.15 -22.66 -5.17
CA VAL B 218 16.04 -21.67 -4.60
C VAL B 218 16.29 -20.54 -5.60
N SER B 219 16.30 -19.30 -5.09
CA SER B 219 16.56 -18.13 -5.93
C SER B 219 18.06 -17.83 -6.10
N PTR B 220 18.85 -18.07 -5.05
CA PTR B 220 20.30 -17.92 -5.14
C PTR B 220 20.87 -19.20 -5.72
O PTR B 220 21.11 -20.24 -5.06
CB PTR B 220 21.02 -17.63 -3.81
CG PTR B 220 22.29 -16.84 -3.92
CD1 PTR B 220 22.28 -15.51 -4.31
CD2 PTR B 220 23.52 -17.39 -3.58
CE1 PTR B 220 23.46 -14.74 -4.38
CE2 PTR B 220 24.72 -16.65 -3.64
CZ PTR B 220 24.64 -15.35 -4.07
OH PTR B 220 25.77 -14.58 -4.11
P PTR B 220 26.93 -14.60 -5.16
O1P PTR B 220 28.29 -14.22 -4.47
O2P PTR B 220 26.61 -13.52 -6.22
O3P PTR B 220 27.04 -15.94 -5.81
N ILE B 221 21.07 -19.10 -7.02
CA ILE B 221 21.53 -20.22 -7.77
C ILE B 221 22.11 -19.58 -9.02
N CYS B 222 23.01 -20.32 -9.66
CA CYS B 222 23.58 -19.96 -10.91
C CYS B 222 24.78 -19.05 -10.64
N SER B 223 25.70 -18.91 -11.61
CA SER B 223 26.78 -17.96 -11.45
C SER B 223 26.28 -16.56 -11.62
N ARG B 224 26.79 -15.69 -10.76
CA ARG B 224 26.32 -14.31 -10.69
C ARG B 224 26.23 -13.65 -12.07
N TYR B 225 27.29 -13.75 -12.87
CA TYR B 225 27.30 -13.03 -14.14
C TYR B 225 26.21 -13.55 -15.08
N TYR B 226 25.77 -14.79 -14.85
CA TYR B 226 24.84 -15.45 -15.78
C TYR B 226 23.50 -15.70 -15.11
N ARG B 227 23.28 -15.06 -13.97
CA ARG B 227 22.06 -15.22 -13.19
C ARG B 227 20.89 -14.40 -13.77
N ALA B 228 19.77 -15.08 -14.02
CA ALA B 228 18.57 -14.45 -14.53
C ALA B 228 18.10 -13.37 -13.56
N PRO B 229 17.45 -12.33 -14.10
CA PRO B 229 16.90 -11.21 -13.32
C PRO B 229 15.86 -11.64 -12.26
N GLU B 230 14.96 -12.57 -12.61
CA GLU B 230 13.97 -13.05 -11.64
C GLU B 230 14.58 -13.71 -10.41
N LEU B 231 15.73 -14.34 -10.59
CA LEU B 231 16.47 -14.94 -9.48
C LEU B 231 16.96 -13.84 -8.53
N ILE B 232 17.45 -12.74 -9.10
CA ILE B 232 17.93 -11.61 -8.29
C ILE B 232 16.76 -10.96 -7.56
N PHE B 233 15.57 -11.11 -8.12
CA PHE B 233 14.34 -10.66 -7.48
C PHE B 233 13.80 -11.70 -6.50
N GLY B 234 14.57 -12.77 -6.28
CA GLY B 234 14.25 -13.76 -5.28
C GLY B 234 13.11 -14.68 -5.66
N ALA B 235 12.80 -14.75 -6.95
CA ALA B 235 11.71 -15.63 -7.42
C ALA B 235 12.03 -17.08 -7.04
N THR B 236 11.00 -17.80 -6.64
CA THR B 236 11.17 -19.20 -6.25
C THR B 236 10.29 -20.04 -7.14
N ASP B 237 9.58 -19.36 -8.03
CA ASP B 237 8.78 -20.10 -8.97
C ASP B 237 9.21 -19.78 -10.42
N TYR B 238 10.42 -20.15 -10.74
CA TYR B 238 10.91 -19.80 -12.04
C TYR B 238 10.83 -21.01 -12.96
N THR B 239 11.13 -20.80 -14.23
CA THR B 239 11.13 -21.91 -15.17
C THR B 239 12.54 -22.12 -15.71
N SER B 240 12.64 -23.07 -16.64
CA SER B 240 13.91 -23.38 -17.28
C SER B 240 14.36 -22.25 -18.22
N SER B 241 13.51 -21.24 -18.38
CA SER B 241 13.86 -20.06 -19.16
C SER B 241 15.02 -19.25 -18.56
N ILE B 242 15.42 -19.60 -17.34
CA ILE B 242 16.57 -18.93 -16.73
C ILE B 242 17.86 -19.41 -17.41
N ASP B 243 17.83 -20.63 -17.92
CA ASP B 243 18.99 -21.19 -18.58
C ASP B 243 19.23 -20.45 -19.89
N VAL B 244 18.12 -20.12 -20.55
CA VAL B 244 18.11 -19.28 -21.74
C VAL B 244 18.76 -17.91 -21.49
N TRP B 245 18.47 -17.33 -20.33
CA TRP B 245 19.09 -16.06 -19.96
C TRP B 245 20.59 -16.25 -19.92
N SER B 246 21.02 -17.27 -19.18
CA SER B 246 22.44 -17.58 -18.97
C SER B 246 23.15 -17.83 -20.28
N ALA B 247 22.47 -18.54 -21.17
CA ALA B 247 22.98 -18.81 -22.51
C ALA B 247 23.20 -17.48 -23.31
N GLY B 248 22.27 -16.54 -23.17
CA GLY B 248 22.43 -15.23 -23.79
C GLY B 248 23.63 -14.48 -23.23
N CYS B 249 23.87 -14.64 -21.93
CA CYS B 249 25.06 -14.07 -21.30
C CYS B 249 26.36 -14.66 -21.85
N VAL B 250 26.32 -15.93 -22.23
CA VAL B 250 27.49 -16.62 -22.77
C VAL B 250 27.76 -16.11 -24.20
N LEU B 251 26.70 -16.03 -24.99
CA LEU B 251 26.78 -15.53 -26.35
C LEU B 251 27.38 -14.13 -26.38
N ALA B 252 26.85 -13.27 -25.52
CA ALA B 252 27.29 -11.87 -25.47
C ALA B 252 28.75 -11.78 -25.10
N GLU B 253 29.16 -12.59 -24.13
CA GLU B 253 30.55 -12.61 -23.69
C GLU B 253 31.49 -13.08 -24.83
N LEU B 254 31.00 -13.97 -25.68
CA LEU B 254 31.80 -14.41 -26.82
C LEU B 254 31.95 -13.35 -27.92
N LEU B 255 30.95 -12.49 -28.03
CA LEU B 255 30.98 -11.39 -28.98
C LEU B 255 31.78 -10.20 -28.46
N LEU B 256 31.80 -10.03 -27.12
CA LEU B 256 32.42 -8.88 -26.47
C LEU B 256 33.85 -9.12 -26.02
N GLY B 257 34.16 -10.36 -25.66
CA GLY B 257 35.50 -10.69 -25.19
C GLY B 257 35.57 -10.52 -23.69
N GLN B 258 34.44 -10.21 -23.10
CA GLN B 258 34.33 -10.06 -21.65
C GLN B 258 32.86 -10.19 -21.25
N PRO B 259 32.61 -10.55 -19.98
CA PRO B 259 31.22 -10.70 -19.50
C PRO B 259 30.41 -9.42 -19.67
N ILE B 260 29.16 -9.58 -20.11
CA ILE B 260 28.31 -8.43 -20.37
C ILE B 260 27.72 -7.85 -19.06
N PHE B 261 27.44 -8.70 -18.08
CA PHE B 261 26.96 -8.21 -16.80
C PHE B 261 27.89 -8.61 -15.67
N PRO B 262 28.94 -7.82 -15.42
CA PRO B 262 29.92 -8.12 -14.37
C PRO B 262 29.59 -7.52 -12.98
N GLY B 263 28.68 -8.17 -12.26
CA GLY B 263 28.25 -7.69 -10.95
C GLY B 263 29.25 -7.94 -9.83
N ASP B 264 29.31 -7.00 -8.90
CA ASP B 264 30.18 -7.09 -7.72
C ASP B 264 29.46 -7.77 -6.56
N SER B 265 28.15 -7.91 -6.69
CA SER B 265 27.35 -8.58 -5.67
C SER B 265 26.08 -9.12 -6.32
N GLY B 266 25.30 -9.88 -5.56
CA GLY B 266 24.06 -10.43 -6.05
C GLY B 266 23.11 -9.33 -6.46
N VAL B 267 23.13 -8.20 -5.74
CA VAL B 267 22.29 -7.04 -6.07
C VAL B 267 22.90 -6.12 -7.14
N ASP B 268 24.22 -5.88 -7.06
CA ASP B 268 24.90 -5.10 -8.10
C ASP B 268 24.72 -5.70 -9.49
N GLN B 269 24.63 -7.03 -9.56
CA GLN B 269 24.38 -7.72 -10.82
C GLN B 269 23.15 -7.17 -11.55
N LEU B 270 22.15 -6.79 -10.77
CA LEU B 270 20.93 -6.21 -11.32
C LEU B 270 21.19 -4.84 -11.93
N VAL B 271 22.02 -4.05 -11.26
CA VAL B 271 22.38 -2.75 -11.77
C VAL B 271 23.06 -2.86 -13.12
N GLU B 272 23.97 -3.82 -13.24
CA GLU B 272 24.70 -4.02 -14.47
C GLU B 272 23.73 -4.37 -15.59
N ILE B 273 22.74 -5.17 -15.26
CA ILE B 273 21.69 -5.54 -16.20
C ILE B 273 20.91 -4.30 -16.67
N ILE B 274 20.49 -3.51 -15.68
CA ILE B 274 19.79 -2.24 -15.89
C ILE B 274 20.56 -1.25 -16.75
N LYS B 275 21.87 -1.13 -16.53
CA LYS B 275 22.73 -0.25 -17.34
C LYS B 275 22.69 -0.57 -18.84
N VAL B 276 22.15 -1.74 -19.17
CA VAL B 276 22.01 -2.12 -20.56
C VAL B 276 20.55 -2.19 -21.02
N LEU B 277 19.72 -2.91 -20.25
CA LEU B 277 18.31 -3.08 -20.59
C LEU B 277 17.43 -1.95 -20.09
N GLY B 278 18.01 -1.03 -19.32
CA GLY B 278 17.25 0.04 -18.68
C GLY B 278 16.51 -0.54 -17.49
N THR B 279 15.67 0.25 -16.83
CA THR B 279 14.82 -0.27 -15.75
C THR B 279 13.57 -0.96 -16.31
N PRO B 280 13.21 -2.10 -15.71
CA PRO B 280 12.03 -2.84 -16.14
C PRO B 280 10.71 -2.14 -15.75
N THR B 281 9.70 -2.29 -16.61
CA THR B 281 8.37 -1.76 -16.30
C THR B 281 7.75 -2.61 -15.21
N ARG B 282 6.74 -2.06 -14.57
CA ARG B 282 6.04 -2.78 -13.50
C ARG B 282 5.49 -4.10 -14.01
N GLU B 283 5.06 -4.11 -15.27
CA GLU B 283 4.51 -5.33 -15.85
C GLU B 283 5.61 -6.39 -15.94
N GLN B 284 6.82 -5.95 -16.29
CA GLN B 284 7.95 -6.85 -16.44
C GLN B 284 8.36 -7.46 -15.10
N ILE B 285 8.33 -6.66 -14.06
CA ILE B 285 8.66 -7.17 -12.75
C ILE B 285 7.60 -8.12 -12.26
N ARG B 286 6.38 -7.93 -12.71
CA ARG B 286 5.30 -8.82 -12.34
C ARG B 286 5.54 -10.22 -12.85
N GLU B 287 5.92 -10.32 -14.11
CA GLU B 287 6.15 -11.60 -14.74
C GLU B 287 7.34 -12.28 -14.11
N MET B 288 8.22 -11.49 -13.54
CA MET B 288 9.35 -11.98 -12.77
C MET B 288 8.94 -12.69 -11.49
N ASN B 289 7.88 -12.20 -10.86
CA ASN B 289 7.33 -12.81 -9.65
C ASN B 289 8.22 -12.63 -8.43
N PRO B 290 9.09 -11.65 -8.50
CA PRO B 290 9.95 -11.31 -7.38
C PRO B 290 9.51 -12.04 -6.12
N THR B 293 8.79 -6.87 -4.90
CA THR B 293 9.44 -5.89 -4.05
C THR B 293 10.48 -5.09 -4.79
N GLU B 294 11.15 -4.22 -4.05
CA GLU B 294 11.92 -3.16 -4.67
C GLU B 294 13.24 -2.81 -4.03
N PHE B 295 14.04 -2.15 -4.83
CA PHE B 295 15.33 -1.62 -4.48
C PHE B 295 15.18 -0.17 -4.87
N LYS B 296 16.15 0.65 -4.52
CA LYS B 296 15.98 2.08 -4.65
C LYS B 296 16.46 2.60 -6.00
N PHE B 297 16.78 1.70 -6.92
CA PHE B 297 17.31 2.14 -8.19
C PHE B 297 16.32 2.96 -9.00
N PRO B 298 16.87 4.03 -9.55
CA PRO B 298 16.15 5.03 -10.34
C PRO B 298 15.76 4.55 -11.72
N GLN B 299 14.66 5.05 -12.25
CA GLN B 299 14.30 4.71 -13.62
C GLN B 299 15.46 5.03 -14.54
N ILE B 300 15.69 4.16 -15.52
CA ILE B 300 16.77 4.39 -16.47
C ILE B 300 16.42 3.85 -17.85
N LYS B 301 16.68 4.68 -18.85
CA LYS B 301 16.46 4.27 -20.22
C LYS B 301 17.51 3.28 -20.72
N ALA B 302 17.08 2.38 -21.60
CA ALA B 302 17.97 1.35 -22.15
C ALA B 302 19.05 1.92 -23.08
N HIS B 303 20.18 1.23 -23.10
CA HIS B 303 21.23 1.48 -24.06
C HIS B 303 21.00 0.75 -25.38
N PRO B 304 21.36 1.41 -26.51
CA PRO B 304 21.19 0.76 -27.82
C PRO B 304 22.06 -0.50 -27.90
N TRP B 305 21.45 -1.60 -28.34
CA TRP B 305 22.14 -2.88 -28.45
C TRP B 305 23.34 -2.80 -29.37
N THR B 306 23.15 -2.06 -30.45
CA THR B 306 24.19 -1.81 -31.44
C THR B 306 25.43 -1.22 -30.79
N LYS B 307 25.19 -0.32 -29.82
CA LYS B 307 26.27 0.41 -29.18
C LYS B 307 26.95 -0.38 -28.09
N VAL B 308 26.24 -1.38 -27.56
CA VAL B 308 26.80 -2.27 -26.54
C VAL B 308 27.93 -3.10 -27.11
N PHE B 309 27.72 -3.61 -28.29
CA PHE B 309 28.68 -4.43 -28.99
C PHE B 309 29.69 -3.66 -29.82
N ARG B 310 30.73 -4.33 -30.25
CA ARG B 310 31.71 -3.74 -31.13
C ARG B 310 31.07 -3.51 -32.46
N PRO B 311 31.65 -2.58 -33.19
CA PRO B 311 31.11 -2.08 -34.45
C PRO B 311 30.97 -3.14 -35.51
N ARG B 312 31.93 -4.04 -35.58
CA ARG B 312 31.91 -5.05 -36.62
C ARG B 312 31.05 -6.26 -36.28
N THR B 313 30.46 -6.24 -35.08
CA THR B 313 29.63 -7.34 -34.63
C THR B 313 28.47 -7.55 -35.60
N PRO B 314 28.24 -8.80 -36.02
CA PRO B 314 27.15 -9.16 -36.94
C PRO B 314 25.78 -8.86 -36.34
N PRO B 315 24.86 -8.35 -37.16
CA PRO B 315 23.54 -7.92 -36.74
C PRO B 315 22.66 -9.08 -36.29
N GLU B 316 22.81 -10.26 -36.90
CA GLU B 316 22.02 -11.45 -36.54
C GLU B 316 22.36 -11.92 -35.12
N ALA B 317 23.64 -11.78 -34.78
CA ALA B 317 24.11 -12.10 -33.43
C ALA B 317 23.42 -11.19 -32.42
N ILE B 318 23.51 -9.90 -32.67
CA ILE B 318 22.92 -8.89 -31.81
C ILE B 318 21.41 -9.12 -31.68
N ALA B 319 20.78 -9.38 -32.83
CA ALA B 319 19.35 -9.60 -32.89
C ALA B 319 18.94 -10.84 -32.09
N LEU B 320 19.84 -11.82 -32.02
CA LEU B 320 19.60 -13.01 -31.23
C LEU B 320 19.73 -12.70 -29.74
N CYS B 321 20.74 -11.92 -29.39
CA CYS B 321 20.97 -11.55 -28.00
C CYS B 321 19.79 -10.87 -27.37
N SER B 322 19.19 -9.94 -28.12
CA SER B 322 18.04 -9.20 -27.60
C SER B 322 16.83 -10.11 -27.37
N ARG B 323 16.75 -11.20 -28.12
CA ARG B 323 15.66 -12.15 -27.96
C ARG B 323 15.83 -13.13 -26.79
N LEU B 324 17.06 -13.28 -26.34
CA LEU B 324 17.39 -14.14 -25.21
C LEU B 324 17.36 -13.37 -23.90
N LEU B 325 18.01 -12.21 -23.92
CA LEU B 325 18.10 -11.36 -22.74
C LEU B 325 16.88 -10.43 -22.62
N GLU B 326 15.74 -11.03 -22.27
CA GLU B 326 14.49 -10.30 -22.00
C GLU B 326 14.20 -10.34 -20.49
N TYR B 327 13.65 -9.24 -19.97
CA TYR B 327 13.23 -9.19 -18.58
C TYR B 327 12.12 -10.21 -18.31
N THR B 328 11.08 -10.17 -19.14
CA THR B 328 9.95 -11.08 -19.08
C THR B 328 10.37 -12.52 -19.51
N PRO B 329 10.40 -13.47 -18.55
CA PRO B 329 10.85 -14.83 -18.81
C PRO B 329 10.14 -15.52 -19.97
N THR B 330 8.85 -15.24 -20.13
CA THR B 330 8.03 -15.83 -21.19
C THR B 330 8.37 -15.22 -22.55
N ALA B 331 9.01 -14.05 -22.53
CA ALA B 331 9.36 -13.35 -23.77
C ALA B 331 10.59 -13.97 -24.44
N ARG B 332 11.45 -14.59 -23.66
CA ARG B 332 12.68 -15.16 -24.18
C ARG B 332 12.43 -16.36 -25.04
N LEU B 333 13.38 -16.66 -25.92
CA LEU B 333 13.25 -17.77 -26.82
C LEU B 333 13.34 -19.09 -26.10
N THR B 334 12.70 -20.11 -26.65
CA THR B 334 12.95 -21.46 -26.23
C THR B 334 14.17 -21.91 -26.97
N PRO B 335 14.81 -22.94 -26.47
CA PRO B 335 16.07 -23.42 -27.02
C PRO B 335 15.96 -23.86 -28.47
N LEU B 336 14.83 -24.42 -28.87
CA LEU B 336 14.60 -24.78 -30.27
C LEU B 336 14.49 -23.55 -31.16
N GLU B 337 13.72 -22.56 -30.71
CA GLU B 337 13.53 -21.32 -31.47
C GLU B 337 14.88 -20.64 -31.70
N ALA B 338 15.78 -20.80 -30.73
CA ALA B 338 17.10 -20.17 -30.78
C ALA B 338 17.92 -20.85 -31.87
N CYS B 339 17.78 -22.17 -31.90
CA CYS B 339 18.49 -22.97 -32.89
C CYS B 339 18.03 -22.64 -34.28
N ALA B 340 16.75 -22.31 -34.39
CA ALA B 340 16.16 -21.98 -35.70
C ALA B 340 16.32 -20.51 -36.01
N HIS B 341 17.23 -19.84 -35.32
CA HIS B 341 17.47 -18.44 -35.56
C HIS B 341 18.33 -18.23 -36.80
N SER B 342 18.17 -17.06 -37.41
CA SER B 342 18.91 -16.66 -38.61
C SER B 342 20.42 -16.65 -38.37
N PHE B 343 20.79 -16.55 -37.11
CA PHE B 343 22.17 -16.47 -36.71
C PHE B 343 22.88 -17.75 -37.07
N PHE B 344 22.13 -18.85 -37.06
CA PHE B 344 22.72 -20.15 -37.29
C PHE B 344 22.55 -20.65 -38.72
N ASP B 345 22.13 -19.78 -39.63
CA ASP B 345 21.82 -20.18 -41.00
C ASP B 345 23.05 -20.67 -41.75
N GLU B 346 24.20 -20.14 -41.38
CA GLU B 346 25.48 -20.53 -41.97
C GLU B 346 25.77 -22.01 -41.74
N LEU B 347 25.24 -22.54 -40.64
CA LEU B 347 25.48 -23.93 -40.29
C LEU B 347 24.58 -24.87 -41.08
N ARG B 348 23.49 -24.33 -41.63
CA ARG B 348 22.54 -25.12 -42.40
C ARG B 348 22.84 -25.11 -43.91
N ASP B 349 23.87 -24.35 -44.28
CA ASP B 349 24.41 -24.37 -45.64
C ASP B 349 25.14 -25.69 -45.89
N PRO B 350 24.79 -26.39 -47.00
CA PRO B 350 25.37 -27.71 -47.30
C PRO B 350 26.88 -27.68 -47.56
N ASN B 351 27.42 -26.48 -47.79
CA ASN B 351 28.83 -26.33 -48.13
C ASN B 351 29.73 -26.03 -46.95
N VAL B 352 29.11 -25.82 -45.79
CA VAL B 352 29.82 -25.38 -44.59
C VAL B 352 30.84 -26.41 -44.09
N LYS B 353 31.98 -25.93 -43.63
CA LYS B 353 33.04 -26.79 -43.14
C LYS B 353 33.68 -26.12 -41.94
N LEU B 354 34.47 -26.88 -41.19
CA LEU B 354 35.27 -26.29 -40.14
C LEU B 354 36.43 -25.48 -40.71
N PRO B 355 36.94 -24.52 -39.93
CA PRO B 355 38.08 -23.71 -40.37
C PRO B 355 39.28 -24.59 -40.69
N ASN B 356 39.48 -25.67 -39.94
CA ASN B 356 40.56 -26.62 -40.25
C ASN B 356 40.20 -27.60 -41.35
N GLY B 357 39.16 -27.25 -42.13
CA GLY B 357 38.81 -27.96 -43.35
C GLY B 357 37.96 -29.20 -43.11
N ARG B 358 37.87 -29.59 -41.84
CA ARG B 358 37.09 -30.78 -41.48
C ARG B 358 35.58 -30.51 -41.50
N ASP B 359 34.81 -31.58 -41.46
CA ASP B 359 33.36 -31.44 -41.52
C ASP B 359 32.78 -31.07 -40.15
N THR B 360 31.68 -30.33 -40.18
CA THR B 360 30.99 -30.00 -38.95
C THR B 360 30.38 -31.25 -38.35
N PRO B 361 30.30 -31.29 -37.01
CA PRO B 361 29.65 -32.41 -36.31
C PRO B 361 28.18 -32.58 -36.68
N ALA B 362 27.58 -33.68 -36.26
CA ALA B 362 26.15 -33.94 -36.50
C ALA B 362 25.33 -32.88 -35.79
N LEU B 363 24.76 -31.98 -36.58
CA LEU B 363 24.01 -30.87 -36.01
C LEU B 363 22.52 -31.05 -36.24
N PHE B 364 22.14 -32.07 -37.02
CA PHE B 364 20.75 -32.17 -37.46
C PHE B 364 20.10 -33.48 -37.06
N ASN B 365 20.85 -34.33 -36.38
CA ASN B 365 20.32 -35.59 -35.88
C ASN B 365 19.38 -35.40 -34.67
N PHE B 366 18.23 -34.79 -34.91
CA PHE B 366 17.22 -34.53 -33.88
C PHE B 366 16.35 -35.72 -33.60
N THR B 367 16.15 -36.00 -32.32
CA THR B 367 15.25 -37.05 -31.91
C THR B 367 13.88 -36.42 -31.74
N THR B 368 12.87 -37.27 -31.71
CA THR B 368 11.52 -36.79 -31.48
C THR B 368 11.43 -36.18 -30.08
N GLN B 369 12.27 -36.67 -29.17
CA GLN B 369 12.36 -36.15 -27.80
C GLN B 369 12.83 -34.69 -27.78
N GLU B 370 13.76 -34.36 -28.67
CA GLU B 370 14.28 -33.01 -28.77
C GLU B 370 13.26 -32.09 -29.43
N LEU B 371 12.56 -32.62 -30.45
CA LEU B 371 11.56 -31.83 -31.17
C LEU B 371 10.24 -31.72 -30.41
N SER B 372 10.20 -32.30 -29.21
CA SER B 372 9.01 -32.32 -28.36
C SER B 372 8.44 -30.92 -28.13
N SER B 373 9.33 -29.95 -28.03
CA SER B 373 8.90 -28.64 -27.67
C SER B 373 8.10 -27.94 -28.82
N ASN B 374 8.60 -28.09 -30.05
CA ASN B 374 7.87 -27.58 -31.20
C ASN B 374 8.22 -28.35 -32.47
N PRO B 375 7.50 -29.44 -32.73
CA PRO B 375 7.73 -30.34 -33.88
C PRO B 375 7.77 -29.67 -35.27
N PRO B 376 6.88 -28.69 -35.58
CA PRO B 376 6.95 -28.13 -36.93
C PRO B 376 8.19 -27.26 -37.22
N LEU B 377 9.01 -27.01 -36.21
CA LEU B 377 10.28 -26.32 -36.43
C LEU B 377 11.31 -27.23 -37.13
N ALA B 378 10.99 -28.52 -37.22
CA ALA B 378 11.86 -29.52 -37.85
C ALA B 378 12.17 -29.20 -39.31
N THR B 379 11.25 -28.49 -39.95
CA THR B 379 11.37 -28.15 -41.36
C THR B 379 12.27 -26.94 -41.57
N ILE B 380 12.75 -26.38 -40.47
CA ILE B 380 13.72 -25.30 -40.50
C ILE B 380 15.05 -25.78 -39.94
N LEU B 381 14.99 -26.52 -38.83
CA LEU B 381 16.17 -27.05 -38.18
C LEU B 381 16.87 -28.08 -39.05
N ILE B 382 16.09 -28.86 -39.79
CA ILE B 382 16.60 -29.92 -40.64
C ILE B 382 16.47 -29.56 -42.11
N PRO B 383 17.58 -29.12 -42.73
CA PRO B 383 17.61 -28.78 -44.15
C PRO B 383 17.40 -30.05 -44.95
N PRO B 384 16.85 -29.91 -46.17
CA PRO B 384 16.61 -31.04 -47.05
C PRO B 384 17.88 -31.83 -47.40
N HIS B 385 19.00 -31.13 -47.50
CA HIS B 385 20.27 -31.77 -47.82
C HIS B 385 20.75 -32.67 -46.66
N ALA B 386 20.23 -32.39 -45.47
CA ALA B 386 20.59 -33.16 -44.29
C ALA B 386 19.62 -34.32 -44.01
N ARG B 387 18.43 -34.23 -44.57
CA ARG B 387 17.45 -35.32 -44.47
C ARG B 387 18.03 -36.42 -45.30
N ILE B 388 18.74 -36.01 -46.33
CA ILE B 388 19.34 -36.96 -47.22
C ILE B 388 20.16 -37.99 -46.44
N LYS C 40 -44.31 8.30 -25.31
CA LYS C 40 -43.40 9.00 -26.23
C LYS C 40 -41.93 8.63 -25.97
N VAL C 41 -41.15 8.57 -27.05
CA VAL C 41 -39.74 8.15 -26.94
C VAL C 41 -38.75 9.32 -27.08
N THR C 42 -37.79 9.41 -26.15
CA THR C 42 -36.80 10.46 -26.20
C THR C 42 -35.46 9.88 -26.63
N THR C 43 -34.82 10.49 -27.61
CA THR C 43 -33.50 10.10 -28.06
C THR C 43 -32.50 11.20 -27.78
N VAL C 44 -31.38 10.81 -27.18
CA VAL C 44 -30.31 11.75 -26.86
C VAL C 44 -28.95 11.20 -27.28
N VAL C 45 -27.97 12.09 -27.39
CA VAL C 45 -26.61 11.68 -27.71
C VAL C 45 -25.80 11.67 -26.43
N ALA C 46 -25.44 10.48 -25.96
CA ALA C 46 -24.76 10.34 -24.69
C ALA C 46 -23.46 9.56 -24.84
N THR C 47 -22.47 9.94 -24.05
CA THR C 47 -21.23 9.19 -23.94
C THR C 47 -21.34 8.11 -22.85
N PRO C 48 -20.89 6.91 -23.16
CA PRO C 48 -20.84 5.86 -22.14
C PRO C 48 -19.91 6.25 -20.98
N GLY C 49 -20.38 5.97 -19.76
CA GLY C 49 -19.66 6.33 -18.56
C GLY C 49 -18.38 5.54 -18.32
N GLN C 50 -18.37 4.29 -18.74
CA GLN C 50 -17.20 3.45 -18.50
C GLN C 50 -16.43 3.16 -19.78
N GLY C 51 -17.14 3.12 -20.90
CA GLY C 51 -16.53 2.82 -22.18
C GLY C 51 -15.68 3.96 -22.71
N PRO C 52 -15.15 3.79 -23.94
CA PRO C 52 -14.33 4.81 -24.59
C PRO C 52 -15.15 6.07 -24.75
N ASP C 53 -14.49 7.23 -24.72
CA ASP C 53 -15.20 8.49 -24.84
C ASP C 53 -15.76 8.66 -26.26
N ARG C 54 -16.80 7.90 -26.58
CA ARG C 54 -17.45 8.01 -27.86
C ARG C 54 -18.95 8.14 -27.70
N PRO C 55 -19.49 9.28 -28.10
CA PRO C 55 -20.93 9.57 -28.05
C PRO C 55 -21.73 8.66 -28.97
N GLN C 56 -23.00 8.47 -28.67
CA GLN C 56 -23.86 7.64 -29.48
C GLN C 56 -25.30 7.98 -29.17
N GLU C 57 -26.20 7.63 -30.07
CA GLU C 57 -27.61 7.87 -29.83
C GLU C 57 -28.14 6.83 -28.86
N VAL C 58 -28.83 7.33 -27.83
CA VAL C 58 -29.44 6.49 -26.81
C VAL C 58 -30.91 6.88 -26.69
N SER C 59 -31.79 5.87 -26.63
CA SER C 59 -33.22 6.14 -26.52
C SER C 59 -33.83 5.55 -25.25
N TYR C 60 -34.78 6.28 -24.67
CA TYR C 60 -35.50 5.85 -23.48
C TYR C 60 -36.95 6.33 -23.47
N THR C 61 -37.78 5.61 -22.72
CA THR C 61 -39.18 5.98 -22.63
C THR C 61 -39.68 5.78 -21.20
N ASP C 62 -40.95 6.15 -20.96
CA ASP C 62 -41.64 5.94 -19.67
C ASP C 62 -40.95 6.70 -18.56
N THR C 63 -40.76 8.00 -18.80
CA THR C 63 -40.00 8.82 -17.87
C THR C 63 -40.91 9.36 -16.80
N LYS C 64 -40.48 9.23 -15.54
CA LYS C 64 -41.22 9.78 -14.42
C LYS C 64 -40.30 10.27 -13.29
N VAL C 65 -40.69 11.37 -12.65
CA VAL C 65 -39.88 11.95 -11.61
C VAL C 65 -39.91 11.04 -10.40
N ILE C 66 -38.72 10.74 -9.86
CA ILE C 66 -38.60 9.93 -8.64
C ILE C 66 -37.74 10.62 -7.56
N GLY C 67 -37.19 11.78 -7.88
CA GLY C 67 -36.25 12.39 -6.96
C GLY C 67 -36.16 13.88 -7.06
N ASN C 68 -35.72 14.49 -5.96
CA ASN C 68 -35.66 15.93 -5.87
C ASN C 68 -34.50 16.26 -4.99
N GLY C 69 -33.80 17.33 -5.31
CA GLY C 69 -32.73 17.78 -4.46
C GLY C 69 -32.31 19.19 -4.80
N SER C 70 -31.30 19.67 -4.08
CA SER C 70 -30.72 20.98 -4.37
C SER C 70 -29.90 20.91 -5.65
N PHE C 71 -29.70 19.69 -6.17
CA PHE C 71 -28.97 19.47 -7.42
C PHE C 71 -29.87 19.57 -8.66
N GLY C 72 -31.13 19.20 -8.47
CA GLY C 72 -32.09 19.18 -9.54
C GLY C 72 -33.09 18.05 -9.33
N VAL C 73 -33.24 17.22 -10.35
CA VAL C 73 -34.28 16.20 -10.40
C VAL C 73 -33.71 14.84 -10.76
N VAL C 74 -34.40 13.78 -10.35
CA VAL C 74 -34.02 12.43 -10.71
C VAL C 74 -35.21 11.72 -11.35
N TYR C 75 -35.03 11.23 -12.56
CA TYR C 75 -36.11 10.58 -13.28
C TYR C 75 -35.88 9.09 -13.34
N GLN C 76 -36.90 8.38 -13.74
CA GLN C 76 -36.78 6.94 -13.91
C GLN C 76 -37.30 6.62 -15.31
N ALA C 77 -36.46 5.93 -16.09
CA ALA C 77 -36.82 5.62 -17.46
C ALA C 77 -36.44 4.19 -17.81
N LYS C 78 -36.86 3.78 -19.00
CA LYS C 78 -36.56 2.47 -19.54
C LYS C 78 -35.85 2.61 -20.89
N LEU C 79 -34.68 2.02 -21.01
CA LEU C 79 -33.92 2.04 -22.27
C LEU C 79 -34.66 1.25 -23.34
N CYS C 80 -34.86 1.87 -24.51
CA CYS C 80 -35.59 1.23 -25.59
C CYS C 80 -34.89 -0.02 -26.12
N ASP C 81 -33.56 0.01 -26.11
CA ASP C 81 -32.75 -1.09 -26.61
C ASP C 81 -32.79 -2.32 -25.70
N SER C 82 -32.25 -2.18 -24.51
CA SER C 82 -32.15 -3.28 -23.57
C SER C 82 -33.47 -3.56 -22.86
N GLY C 83 -34.28 -2.52 -22.68
CA GLY C 83 -35.48 -2.64 -21.89
C GLY C 83 -35.17 -2.41 -20.42
N GLU C 84 -33.89 -2.20 -20.13
CA GLU C 84 -33.43 -2.03 -18.76
C GLU C 84 -33.84 -0.69 -18.17
N LEU C 85 -33.99 -0.68 -16.85
CA LEU C 85 -34.41 0.51 -16.15
C LEU C 85 -33.20 1.28 -15.66
N VAL C 86 -33.28 2.60 -15.78
CA VAL C 86 -32.21 3.48 -15.35
C VAL C 86 -32.78 4.64 -14.52
N ALA C 87 -31.93 5.28 -13.74
CA ALA C 87 -32.27 6.56 -13.13
C ALA C 87 -31.54 7.67 -13.85
N ILE C 88 -32.20 8.81 -13.99
CA ILE C 88 -31.59 9.95 -14.64
C ILE C 88 -31.51 11.18 -13.75
N LYS C 89 -30.33 11.39 -13.17
CA LYS C 89 -30.06 12.55 -12.33
C LYS C 89 -29.72 13.81 -13.16
N LYS C 90 -30.65 14.76 -13.22
CA LYS C 90 -30.50 15.99 -14.00
C LYS C 90 -29.92 17.14 -13.13
N VAL C 91 -28.68 17.54 -13.41
CA VAL C 91 -27.99 18.52 -12.59
C VAL C 91 -27.60 19.74 -13.42
N LEU C 92 -28.04 20.92 -13.01
CA LEU C 92 -27.59 22.16 -13.63
C LEU C 92 -26.09 22.35 -13.46
N GLN C 93 -25.41 22.64 -14.56
CA GLN C 93 -23.97 22.72 -14.52
C GLN C 93 -23.50 24.02 -15.11
N ASP C 94 -22.29 24.42 -14.72
CA ASP C 94 -21.62 25.56 -15.31
C ASP C 94 -20.46 25.11 -16.13
N LYS C 95 -20.44 25.59 -17.37
CA LYS C 95 -19.47 25.14 -18.35
C LYS C 95 -18.07 25.44 -17.84
N ARG C 96 -17.93 26.55 -17.17
CA ARG C 96 -16.62 26.99 -16.73
C ARG C 96 -15.95 26.01 -15.78
N PHE C 97 -16.76 25.30 -14.99
CA PHE C 97 -16.23 24.31 -14.05
C PHE C 97 -16.70 22.87 -14.28
N LYS C 98 -15.77 21.94 -14.11
CA LYS C 98 -16.05 20.52 -14.26
C LYS C 98 -16.84 20.00 -13.08
N ASN C 99 -17.65 18.98 -13.34
CA ASN C 99 -18.50 18.39 -12.31
C ASN C 99 -17.75 17.29 -11.60
N ARG C 100 -17.69 17.36 -10.26
CA ARG C 100 -16.95 16.40 -9.44
C ARG C 100 -17.50 15.00 -9.57
N GLU C 101 -18.82 14.90 -9.50
CA GLU C 101 -19.50 13.60 -9.52
C GLU C 101 -19.23 12.86 -10.83
N LEU C 102 -19.26 13.61 -11.93
CA LEU C 102 -19.01 13.01 -13.23
C LEU C 102 -17.58 12.51 -13.36
N GLN C 103 -16.62 13.29 -12.84
CA GLN C 103 -15.20 12.93 -12.92
C GLN C 103 -14.94 11.67 -12.12
N ILE C 104 -15.66 11.52 -11.01
CA ILE C 104 -15.52 10.37 -10.13
C ILE C 104 -16.22 9.11 -10.67
N MET C 105 -17.44 9.28 -11.18
CA MET C 105 -18.22 8.15 -11.67
C MET C 105 -17.60 7.43 -12.88
N ARG C 106 -16.67 8.12 -13.55
CA ARG C 106 -16.03 7.56 -14.72
C ARG C 106 -14.83 6.71 -14.32
N LYS C 107 -14.26 6.99 -13.14
CA LYS C 107 -13.16 6.17 -12.60
C LYS C 107 -13.67 4.83 -12.08
N LEU C 108 -14.76 4.89 -11.31
CA LEU C 108 -15.29 3.74 -10.55
C LEU C 108 -15.88 2.62 -11.40
N ASP C 109 -15.42 1.40 -11.16
CA ASP C 109 -15.98 0.21 -11.79
C ASP C 109 -16.01 -0.92 -10.77
N HIS C 110 -17.07 -0.96 -9.97
CA HIS C 110 -17.14 -1.93 -8.87
C HIS C 110 -18.52 -2.54 -8.78
N CYS C 111 -18.56 -3.80 -8.35
CA CYS C 111 -19.81 -4.55 -8.23
C CYS C 111 -20.72 -3.99 -7.12
N ASN C 112 -20.12 -3.42 -6.08
CA ASN C 112 -20.89 -2.84 -4.98
C ASN C 112 -21.08 -1.33 -5.13
N ILE C 113 -20.98 -0.85 -6.37
CA ILE C 113 -21.19 0.55 -6.62
C ILE C 113 -22.09 0.70 -7.82
N VAL C 114 -23.06 1.60 -7.69
CA VAL C 114 -23.98 1.88 -8.78
C VAL C 114 -23.20 2.28 -10.03
N ARG C 115 -23.61 1.73 -11.16
CA ARG C 115 -22.86 1.97 -12.38
C ARG C 115 -23.39 3.19 -13.13
N LEU C 116 -22.47 3.98 -13.66
CA LEU C 116 -22.82 5.05 -14.59
C LEU C 116 -22.94 4.48 -16.01
N ARG C 117 -24.17 4.39 -16.51
CA ARG C 117 -24.37 3.84 -17.85
C ARG C 117 -23.87 4.82 -18.92
N TYR C 118 -24.50 6.00 -18.97
CA TYR C 118 -24.13 7.04 -19.91
C TYR C 118 -24.23 8.39 -19.23
N PHE C 119 -23.98 9.46 -19.99
CA PHE C 119 -24.24 10.83 -19.54
C PHE C 119 -24.37 11.78 -20.71
N PHE C 120 -25.26 12.77 -20.59
CA PHE C 120 -25.53 13.67 -21.72
C PHE C 120 -25.97 15.03 -21.23
N TYR C 121 -26.04 15.99 -22.15
CA TYR C 121 -26.41 17.35 -21.78
C TYR C 121 -27.73 17.78 -22.40
N SER C 122 -28.56 18.44 -21.60
CA SER C 122 -29.81 19.01 -22.08
C SER C 122 -29.87 20.51 -21.86
N SER C 123 -30.72 21.19 -22.64
CA SER C 123 -30.77 22.67 -22.66
C SER C 123 -31.21 23.31 -21.35
N GLY C 124 -30.48 24.34 -20.94
CA GLY C 124 -30.84 25.10 -19.77
C GLY C 124 -30.32 26.53 -19.79
N GLU C 125 -30.75 27.29 -20.80
CA GLU C 125 -30.51 28.73 -20.90
C GLU C 125 -29.04 29.13 -20.91
N VAL C 130 -27.01 24.84 -18.65
CA VAL C 130 -27.03 23.49 -19.21
C VAL C 130 -27.09 22.45 -18.10
N TYR C 131 -27.83 21.39 -18.37
CA TYR C 131 -28.00 20.32 -17.39
C TYR C 131 -27.18 19.09 -17.76
N LEU C 132 -26.35 18.66 -16.81
CA LEU C 132 -25.66 17.39 -16.92
C LEU C 132 -26.62 16.30 -16.47
N ASN C 133 -26.78 15.26 -17.29
CA ASN C 133 -27.70 14.17 -17.00
C ASN C 133 -26.92 12.89 -16.79
N LEU C 134 -26.96 12.35 -15.58
CA LEU C 134 -26.26 11.12 -15.25
C LEU C 134 -27.23 9.96 -15.35
N VAL C 135 -26.89 8.97 -16.18
CA VAL C 135 -27.74 7.79 -16.35
C VAL C 135 -27.16 6.64 -15.53
N LEU C 136 -27.83 6.34 -14.43
CA LEU C 136 -27.35 5.36 -13.49
C LEU C 136 -28.25 4.13 -13.48
N ASP C 137 -27.77 3.09 -12.81
CA ASP C 137 -28.56 1.88 -12.59
C ASP C 137 -29.72 2.23 -11.67
N TYR C 138 -30.90 1.76 -12.04
CA TYR C 138 -32.07 1.98 -11.20
C TYR C 138 -32.31 0.80 -10.24
N VAL C 139 -32.09 1.05 -8.95
CA VAL C 139 -32.37 0.06 -7.91
C VAL C 139 -33.26 0.68 -6.84
N PRO C 140 -34.59 0.44 -6.89
CA PRO C 140 -35.57 1.10 -6.02
C PRO C 140 -35.41 0.80 -4.52
N GLU C 141 -35.07 -0.45 -4.19
CA GLU C 141 -34.98 -0.87 -2.78
C GLU C 141 -33.74 -0.34 -2.08
N THR C 142 -33.93 0.22 -0.90
CA THR C 142 -32.82 0.71 -0.08
C THR C 142 -32.74 -0.01 1.26
N VAL C 143 -31.60 0.11 1.92
CA VAL C 143 -31.44 -0.45 3.28
C VAL C 143 -32.35 0.30 4.26
N TYR C 144 -32.57 1.57 3.99
CA TYR C 144 -33.50 2.35 4.82
C TYR C 144 -34.93 1.76 4.80
N ARG C 145 -35.43 1.46 3.62
CA ARG C 145 -36.77 0.94 3.46
C ARG C 145 -36.93 -0.40 4.15
N VAL C 146 -35.90 -1.22 4.09
CA VAL C 146 -35.88 -2.55 4.70
C VAL C 146 -35.86 -2.50 6.21
N ALA C 147 -35.02 -1.63 6.76
CA ALA C 147 -34.86 -1.51 8.19
C ALA C 147 -36.14 -0.97 8.79
N ARG C 148 -36.73 -0.01 8.11
CA ARG C 148 -37.96 0.62 8.52
C ARG C 148 -39.09 -0.37 8.54
N HIS C 149 -39.11 -1.23 7.55
CA HIS C 149 -40.10 -2.29 7.44
C HIS C 149 -40.08 -3.16 8.68
N TYR C 150 -38.87 -3.45 9.18
CA TYR C 150 -38.72 -4.24 10.39
C TYR C 150 -39.01 -3.48 11.67
N SER C 151 -38.54 -2.25 11.75
CA SER C 151 -38.68 -1.48 12.98
C SER C 151 -40.14 -1.07 13.27
N ARG C 152 -40.92 -0.87 12.23
CA ARG C 152 -42.33 -0.63 12.38
C ARG C 152 -42.92 -1.87 12.96
N ALA C 153 -42.42 -3.00 12.51
CA ALA C 153 -42.85 -4.29 13.04
C ALA C 153 -42.28 -4.56 14.45
N LYS C 154 -41.44 -3.65 14.93
CA LYS C 154 -40.83 -3.74 16.25
C LYS C 154 -39.84 -4.88 16.39
N GLN C 155 -39.42 -5.43 15.25
CA GLN C 155 -38.41 -6.49 15.30
C GLN C 155 -37.14 -6.09 14.58
N THR C 156 -36.09 -6.86 14.85
CA THR C 156 -34.80 -6.53 14.27
C THR C 156 -34.49 -7.42 13.06
N LEU C 157 -33.77 -6.83 12.10
CA LEU C 157 -33.35 -7.55 10.90
C LEU C 157 -32.41 -8.70 11.28
N PRO C 158 -32.61 -9.89 10.65
CA PRO C 158 -31.72 -11.04 10.91
C PRO C 158 -30.22 -10.72 10.68
N VAL C 159 -29.39 -11.13 11.63
CA VAL C 159 -27.96 -10.84 11.60
C VAL C 159 -27.29 -11.21 10.28
N ILE C 160 -27.82 -12.24 9.61
CA ILE C 160 -27.22 -12.68 8.37
C ILE C 160 -27.32 -11.57 7.31
N TYR C 161 -28.45 -10.87 7.28
CA TYR C 161 -28.63 -9.79 6.30
C TYR C 161 -27.75 -8.61 6.64
N VAL C 162 -27.57 -8.38 7.94
CA VAL C 162 -26.70 -7.31 8.42
C VAL C 162 -25.25 -7.55 8.01
N LYS C 163 -24.76 -8.78 8.19
CA LYS C 163 -23.40 -9.12 7.81
C LYS C 163 -23.19 -8.91 6.30
N LEU C 164 -24.19 -9.30 5.50
CA LEU C 164 -24.12 -9.20 4.05
C LEU C 164 -24.00 -7.77 3.61
N TYR C 165 -24.93 -6.96 4.08
CA TYR C 165 -25.01 -5.58 3.66
C TYR C 165 -23.77 -4.81 4.08
N MET C 166 -23.34 -4.99 5.33
CA MET C 166 -22.21 -4.23 5.84
C MET C 166 -20.92 -4.59 5.10
N TYR C 167 -20.75 -5.88 4.85
CA TYR C 167 -19.55 -6.34 4.20
C TYR C 167 -19.42 -5.70 2.82
N GLN C 168 -20.48 -5.74 2.03
CA GLN C 168 -20.46 -5.13 0.70
C GLN C 168 -20.24 -3.61 0.78
N LEU C 169 -20.71 -3.01 1.86
CA LEU C 169 -20.50 -1.60 2.08
C LEU C 169 -19.01 -1.28 2.29
N PHE C 170 -18.38 -2.01 3.21
CA PHE C 170 -16.94 -1.85 3.42
C PHE C 170 -16.13 -2.12 2.14
N ARG C 171 -16.58 -3.04 1.31
CA ARG C 171 -15.92 -3.34 0.04
C ARG C 171 -15.89 -2.15 -0.89
N SER C 172 -17.06 -1.55 -1.10
CA SER C 172 -17.14 -0.41 -1.99
C SER C 172 -16.33 0.75 -1.43
N LEU C 173 -16.30 0.83 -0.10
CA LEU C 173 -15.56 1.88 0.61
C LEU C 173 -14.05 1.66 0.48
N ALA C 174 -13.61 0.42 0.65
CA ALA C 174 -12.21 0.07 0.43
C ALA C 174 -11.80 0.45 -1.00
N TYR C 175 -12.74 0.28 -1.93
CA TYR C 175 -12.50 0.56 -3.33
C TYR C 175 -12.31 2.06 -3.56
N ILE C 176 -13.28 2.86 -3.12
CA ILE C 176 -13.24 4.29 -3.40
C ILE C 176 -12.17 5.00 -2.58
N HIS C 177 -11.83 4.41 -1.43
CA HIS C 177 -10.81 5.02 -0.58
C HIS C 177 -9.41 4.81 -1.18
N SER C 178 -9.25 3.77 -1.99
CA SER C 178 -7.96 3.53 -2.64
C SER C 178 -7.62 4.64 -3.61
N PHE C 179 -8.64 5.23 -4.25
CA PHE C 179 -8.44 6.38 -5.14
C PHE C 179 -8.25 7.71 -4.41
N GLY C 180 -8.39 7.70 -3.08
CA GLY C 180 -8.41 8.91 -2.28
C GLY C 180 -9.77 9.62 -2.28
N ILE C 181 -10.81 8.88 -2.62
CA ILE C 181 -12.16 9.44 -2.74
C ILE C 181 -13.00 9.13 -1.50
N CYS C 182 -13.61 10.16 -0.94
CA CYS C 182 -14.47 10.02 0.23
C CYS C 182 -15.93 10.33 -0.17
N HIS C 183 -16.84 9.46 0.22
CA HIS C 183 -18.24 9.60 -0.18
C HIS C 183 -18.94 10.76 0.53
N ARG C 184 -18.65 10.92 1.82
CA ARG C 184 -19.14 12.07 2.60
C ARG C 184 -20.67 12.16 2.68
N ASP C 185 -21.34 11.06 2.36
CA ASP C 185 -22.78 10.99 2.57
C ASP C 185 -23.21 9.53 2.67
N ILE C 186 -22.50 8.77 3.51
CA ILE C 186 -22.88 7.39 3.77
C ILE C 186 -24.12 7.39 4.67
N LYS C 187 -25.20 6.76 4.19
CA LYS C 187 -26.45 6.62 4.93
C LYS C 187 -27.30 5.50 4.31
N PRO C 188 -28.17 4.85 5.10
CA PRO C 188 -29.05 3.75 4.64
C PRO C 188 -29.85 4.07 3.36
N GLN C 189 -30.28 5.32 3.21
CA GLN C 189 -30.99 5.72 2.00
C GLN C 189 -30.13 5.67 0.72
N ASN C 190 -28.80 5.65 0.86
CA ASN C 190 -27.90 5.61 -0.30
C ASN C 190 -27.33 4.23 -0.54
N LEU C 191 -27.88 3.25 0.15
CA LEU C 191 -27.48 1.85 -0.03
C LEU C 191 -28.61 1.08 -0.71
N LEU C 192 -28.40 0.76 -1.97
CA LEU C 192 -29.40 0.13 -2.81
C LEU C 192 -29.27 -1.40 -2.79
N LEU C 193 -30.42 -2.06 -2.77
CA LEU C 193 -30.46 -3.50 -2.64
C LEU C 193 -31.21 -4.22 -3.77
N ASP C 194 -30.62 -5.32 -4.23
CA ASP C 194 -31.38 -6.30 -5.00
C ASP C 194 -31.85 -7.41 -4.05
N PRO C 195 -33.16 -7.46 -3.76
CA PRO C 195 -33.71 -8.38 -2.76
C PRO C 195 -33.46 -9.86 -3.11
N ASP C 196 -33.43 -10.16 -4.40
CA ASP C 196 -33.23 -11.53 -4.87
C ASP C 196 -31.80 -12.00 -4.67
N THR C 197 -30.83 -11.16 -5.03
CA THR C 197 -29.42 -11.54 -4.93
C THR C 197 -28.77 -11.05 -3.64
N ALA C 198 -29.46 -10.14 -2.96
CA ALA C 198 -28.94 -9.45 -1.77
C ALA C 198 -27.65 -8.70 -2.11
N VAL C 199 -27.58 -8.14 -3.31
CA VAL C 199 -26.43 -7.34 -3.70
C VAL C 199 -26.62 -5.86 -3.34
N LEU C 200 -25.62 -5.33 -2.63
CA LEU C 200 -25.64 -3.95 -2.19
C LEU C 200 -24.78 -3.08 -3.11
N LYS C 201 -25.31 -1.92 -3.46
CA LYS C 201 -24.58 -0.97 -4.30
C LYS C 201 -24.62 0.43 -3.72
N LEU C 202 -23.46 1.00 -3.45
CA LEU C 202 -23.38 2.36 -2.98
C LEU C 202 -23.80 3.33 -4.10
N CYS C 203 -24.58 4.36 -3.75
CA CYS C 203 -24.99 5.32 -4.77
C CYS C 203 -24.90 6.74 -4.24
N ASP C 204 -25.43 7.67 -5.04
CA ASP C 204 -25.47 9.11 -4.74
C ASP C 204 -24.11 9.69 -4.35
N PHE C 205 -23.25 9.87 -5.34
CA PHE C 205 -21.92 10.44 -5.14
C PHE C 205 -21.93 11.97 -5.31
N GLY C 206 -23.05 12.59 -4.92
CA GLY C 206 -23.23 14.02 -5.06
C GLY C 206 -22.41 14.81 -4.06
N SER C 207 -22.01 14.15 -2.98
CA SER C 207 -21.18 14.78 -1.96
C SER C 207 -19.75 14.23 -1.99
N ALA C 208 -19.51 13.24 -2.84
CA ALA C 208 -18.18 12.64 -2.92
C ALA C 208 -17.10 13.63 -3.39
N LYS C 209 -15.86 13.39 -2.96
CA LYS C 209 -14.74 14.22 -3.37
C LYS C 209 -13.41 13.53 -3.14
N GLN C 210 -12.48 13.70 -4.09
CA GLN C 210 -11.11 13.22 -3.92
C GLN C 210 -10.32 14.16 -3.02
N LEU C 211 -10.04 13.69 -1.82
CA LEU C 211 -9.37 14.50 -0.83
C LEU C 211 -7.88 14.62 -1.14
N VAL C 212 -7.35 15.83 -0.99
CA VAL C 212 -5.93 16.10 -1.11
C VAL C 212 -5.40 16.78 0.15
N ARG C 213 -4.32 16.22 0.72
CA ARG C 213 -3.72 16.74 1.96
C ARG C 213 -3.26 18.20 1.81
N GLY C 214 -3.54 19.01 2.81
CA GLY C 214 -3.20 20.42 2.77
C GLY C 214 -4.28 21.26 2.11
N GLU C 215 -5.26 20.61 1.48
CA GLU C 215 -6.38 21.31 0.89
C GLU C 215 -7.62 21.11 1.74
N PRO C 216 -8.24 22.22 2.15
CA PRO C 216 -9.36 22.22 3.08
C PRO C 216 -10.61 21.61 2.47
N ASN C 217 -11.46 21.03 3.33
CA ASN C 217 -12.72 20.46 2.92
C ASN C 217 -13.83 20.94 3.85
N VAL C 218 -15.05 20.98 3.35
CA VAL C 218 -16.19 21.49 4.12
C VAL C 218 -16.49 20.59 5.31
N SER C 219 -16.80 21.21 6.46
CA SER C 219 -17.09 20.49 7.70
C SER C 219 -18.56 20.09 7.88
N PTR C 220 -19.50 20.97 7.54
CA PTR C 220 -20.91 20.61 7.57
C PTR C 220 -21.24 19.82 6.31
O PTR C 220 -21.59 20.40 5.28
CB PTR C 220 -21.79 21.86 7.68
CG PTR C 220 -23.21 21.57 8.14
CD1 PTR C 220 -23.51 21.47 9.50
CD2 PTR C 220 -24.25 21.41 7.23
CE1 PTR C 220 -24.81 21.22 9.94
CE2 PTR C 220 -25.56 21.17 7.66
CZ PTR C 220 -25.80 21.07 9.00
OH PTR C 220 -27.05 20.87 9.41
P PTR C 220 -27.74 19.46 9.70
O1P PTR C 220 -27.37 19.15 11.10
O2P PTR C 220 -29.28 19.59 9.57
O3P PTR C 220 -27.23 18.35 8.72
N ILE C 221 -21.11 18.51 6.38
CA ILE C 221 -21.32 17.64 5.24
C ILE C 221 -21.81 16.39 5.89
N CYS C 222 -22.45 15.53 5.10
CA CYS C 222 -22.90 14.22 5.57
C CYS C 222 -24.24 14.38 6.29
N SER C 223 -25.02 13.31 6.36
CA SER C 223 -26.27 13.36 7.11
C SER C 223 -25.99 13.44 8.58
N ARG C 224 -26.77 14.28 9.26
CA ARG C 224 -26.53 14.58 10.66
C ARG C 224 -26.33 13.33 11.50
N TYR C 225 -27.22 12.36 11.35
CA TYR C 225 -27.15 11.16 12.20
C TYR C 225 -25.86 10.36 11.99
N TYR C 226 -25.26 10.52 10.82
CA TYR C 226 -24.12 9.71 10.41
C TYR C 226 -22.85 10.57 10.26
N ARG C 227 -22.93 11.79 10.78
CA ARG C 227 -21.84 12.74 10.70
C ARG C 227 -20.73 12.47 11.74
N ALA C 228 -19.49 12.31 11.26
CA ALA C 228 -18.33 12.09 12.12
C ALA C 228 -18.18 13.24 13.12
N PRO C 229 -17.62 12.93 14.30
CA PRO C 229 -17.41 13.91 15.38
C PRO C 229 -16.50 15.09 14.97
N GLU C 230 -15.41 14.80 14.26
CA GLU C 230 -14.51 15.84 13.80
C GLU C 230 -15.19 16.88 12.90
N LEU C 231 -16.18 16.44 12.12
CA LEU C 231 -16.97 17.35 11.29
C LEU C 231 -17.78 18.31 12.16
N ILE C 232 -18.35 17.80 13.25
CA ILE C 232 -19.11 18.63 14.18
C ILE C 232 -18.18 19.62 14.90
N PHE C 233 -16.91 19.26 15.00
CA PHE C 233 -15.89 20.14 15.53
C PHE C 233 -15.33 21.07 14.46
N GLY C 234 -15.95 21.05 13.29
CA GLY C 234 -15.62 21.96 12.23
C GLY C 234 -14.31 21.66 11.52
N ALA C 235 -13.80 20.44 11.67
CA ALA C 235 -12.54 20.07 11.02
C ALA C 235 -12.67 20.26 9.52
N THR C 236 -11.59 20.75 8.90
CA THR C 236 -11.59 20.94 7.45
C THR C 236 -10.48 20.12 6.85
N ASP C 237 -9.76 19.43 7.73
CA ASP C 237 -8.70 18.57 7.25
C ASP C 237 -8.95 17.12 7.70
N TYR C 238 -10.05 16.57 7.24
CA TYR C 238 -10.38 15.23 7.67
C TYR C 238 -9.98 14.23 6.61
N THR C 239 -10.12 12.95 6.92
CA THR C 239 -9.81 11.90 5.96
C THR C 239 -11.05 11.10 5.61
N SER C 240 -10.86 10.08 4.78
CA SER C 240 -11.94 9.18 4.38
C SER C 240 -12.42 8.32 5.55
N SER C 241 -11.74 8.43 6.68
CA SER C 241 -12.15 7.73 7.90
C SER C 241 -13.51 8.23 8.45
N ILE C 242 -14.02 9.33 7.90
CA ILE C 242 -15.35 9.80 8.30
C ILE C 242 -16.43 8.88 7.74
N ASP C 243 -16.15 8.29 6.58
CA ASP C 243 -17.10 7.34 5.99
C ASP C 243 -17.20 6.10 6.86
N VAL C 244 -16.08 5.69 7.43
CA VAL C 244 -16.05 4.57 8.37
C VAL C 244 -16.94 4.86 9.58
N TRP C 245 -16.93 6.11 10.05
CA TRP C 245 -17.78 6.52 11.16
C TRP C 245 -19.23 6.29 10.77
N SER C 246 -19.60 6.83 9.61
CA SER C 246 -20.97 6.76 9.10
C SER C 246 -21.42 5.31 8.94
N ALA C 247 -20.52 4.49 8.41
CA ALA C 247 -20.75 3.05 8.26
C ALA C 247 -21.05 2.36 9.62
N GLY C 248 -20.33 2.76 10.67
CA GLY C 248 -20.62 2.28 12.00
C GLY C 248 -21.99 2.71 12.51
N CYS C 249 -22.38 3.93 12.17
CA CYS C 249 -23.73 4.40 12.47
C CYS C 249 -24.84 3.59 11.76
N VAL C 250 -24.53 3.09 10.56
CA VAL C 250 -25.47 2.28 9.80
C VAL C 250 -25.61 0.91 10.44
N LEU C 251 -24.46 0.31 10.76
CA LEU C 251 -24.42 -0.99 11.44
C LEU C 251 -25.22 -0.98 12.73
N ALA C 252 -24.96 0.02 13.56
CA ALA C 252 -25.64 0.14 14.84
C ALA C 252 -27.13 0.26 14.66
N GLU C 253 -27.55 1.08 13.70
CA GLU C 253 -28.96 1.29 13.40
C GLU C 253 -29.66 -0.01 12.95
N LEU C 254 -28.91 -0.89 12.29
CA LEU C 254 -29.41 -2.20 11.89
C LEU C 254 -29.54 -3.19 13.04
N LEU C 255 -28.72 -3.02 14.06
CA LEU C 255 -28.78 -3.85 15.27
C LEU C 255 -29.84 -3.35 16.26
N LEU C 256 -30.07 -2.04 16.25
CA LEU C 256 -30.97 -1.39 17.20
C LEU C 256 -32.41 -1.23 16.70
N GLY C 257 -32.56 -1.04 15.39
CA GLY C 257 -33.89 -0.81 14.82
C GLY C 257 -34.20 0.67 14.78
N GLN C 258 -33.23 1.47 15.19
CA GLN C 258 -33.36 2.92 15.16
C GLN C 258 -31.98 3.55 15.17
N PRO C 259 -31.86 4.81 14.68
CA PRO C 259 -30.56 5.49 14.67
C PRO C 259 -29.94 5.60 16.07
N ILE C 260 -28.64 5.34 16.16
CA ILE C 260 -27.94 5.36 17.43
C ILE C 260 -27.63 6.80 17.93
N PHE C 261 -27.38 7.72 17.00
CA PHE C 261 -27.20 9.13 17.39
C PHE C 261 -28.21 10.03 16.71
N PRO C 262 -29.38 10.16 17.29
CA PRO C 262 -30.47 10.93 16.71
C PRO C 262 -30.45 12.41 17.07
N GLY C 263 -29.54 13.18 16.47
CA GLY C 263 -29.40 14.58 16.79
C GLY C 263 -30.44 15.55 16.29
N ASP C 264 -30.87 16.40 17.20
CA ASP C 264 -31.74 17.53 16.92
C ASP C 264 -31.13 18.64 16.08
N SER C 265 -29.85 18.90 16.27
CA SER C 265 -29.13 19.97 15.62
C SER C 265 -27.72 19.50 15.27
N GLY C 266 -26.99 20.24 14.45
CA GLY C 266 -25.61 19.90 14.20
C GLY C 266 -24.80 19.75 15.47
N VAL C 267 -25.09 20.59 16.47
CA VAL C 267 -24.41 20.53 17.76
C VAL C 267 -25.00 19.47 18.70
N ASP C 268 -26.33 19.33 18.74
CA ASP C 268 -26.98 18.32 19.57
C ASP C 268 -26.52 16.93 19.21
N GLN C 269 -26.20 16.72 17.93
CA GLN C 269 -25.66 15.46 17.45
C GLN C 269 -24.43 15.00 18.24
N LEU C 270 -23.61 15.96 18.64
CA LEU C 270 -22.44 15.69 19.45
C LEU C 270 -22.84 15.19 20.84
N VAL C 271 -23.87 15.78 21.40
CA VAL C 271 -24.35 15.40 22.72
C VAL C 271 -24.81 13.96 22.70
N GLU C 272 -25.53 13.59 21.66
CA GLU C 272 -26.01 12.23 21.50
C GLU C 272 -24.85 11.25 21.43
N ILE C 273 -23.79 11.64 20.70
CA ILE C 273 -22.56 10.87 20.64
C ILE C 273 -21.94 10.69 22.02
N ILE C 274 -21.82 11.81 22.73
CA ILE C 274 -21.30 11.84 24.11
C ILE C 274 -22.09 10.95 25.07
N LYS C 275 -23.41 10.99 25.00
CA LYS C 275 -24.26 10.15 25.84
C LYS C 275 -23.94 8.65 25.74
N VAL C 276 -23.18 8.28 24.71
CA VAL C 276 -22.77 6.91 24.53
C VAL C 276 -21.27 6.71 24.74
N LEU C 277 -20.48 7.53 24.04
CA LEU C 277 -19.01 7.41 24.10
C LEU C 277 -18.42 8.17 25.28
N GLY C 278 -19.25 8.92 26.00
CA GLY C 278 -18.79 9.79 27.07
C GLY C 278 -18.16 11.02 26.45
N THR C 279 -17.55 11.87 27.26
CA THR C 279 -16.81 13.02 26.73
C THR C 279 -15.40 12.63 26.32
N PRO C 280 -14.94 13.16 25.19
CA PRO C 280 -13.60 12.85 24.69
C PRO C 280 -12.50 13.54 25.50
N THR C 281 -11.35 12.86 25.61
CA THR C 281 -10.19 13.44 26.28
C THR C 281 -9.61 14.51 25.36
N ARG C 282 -8.80 15.39 25.95
CA ARG C 282 -8.19 16.45 25.19
C ARG C 282 -7.35 15.90 24.05
N GLU C 283 -6.73 14.73 24.28
CA GLU C 283 -5.91 14.11 23.25
C GLU C 283 -6.80 13.72 22.06
N GLN C 284 -7.99 13.21 22.38
CA GLN C 284 -8.93 12.79 21.36
C GLN C 284 -9.43 13.97 20.52
N ILE C 285 -9.71 15.08 21.19
CA ILE C 285 -10.12 16.30 20.50
C ILE C 285 -9.01 16.86 19.64
N ARG C 286 -7.79 16.70 20.12
CA ARG C 286 -6.61 17.18 19.37
C ARG C 286 -6.52 16.44 18.05
N GLU C 287 -6.73 15.11 18.10
CA GLU C 287 -6.68 14.25 16.91
C GLU C 287 -7.72 14.64 15.87
N MET C 288 -8.87 15.10 16.35
CA MET C 288 -9.95 15.52 15.47
C MET C 288 -9.66 16.81 14.74
N ASN C 289 -8.82 17.65 15.35
CA ASN C 289 -8.41 18.93 14.80
C ASN C 289 -9.56 19.90 14.55
N PRO C 290 -10.01 20.51 15.62
CA PRO C 290 -11.24 21.24 15.43
C PRO C 290 -11.07 22.71 15.00
N ASN C 291 -11.97 23.15 14.15
CA ASN C 291 -12.10 24.55 13.82
C ASN C 291 -12.58 25.33 15.02
N TYR C 292 -13.58 24.80 15.72
CA TYR C 292 -14.02 25.44 16.94
C TYR C 292 -13.74 24.58 18.13
N THR C 293 -13.04 25.15 19.07
CA THR C 293 -12.48 24.42 20.17
C THR C 293 -13.40 23.74 21.17
N GLU C 294 -14.42 24.44 21.64
CA GLU C 294 -15.17 23.92 22.78
C GLU C 294 -16.60 24.39 22.98
N PHE C 295 -17.35 23.55 23.67
CA PHE C 295 -18.79 23.68 23.82
C PHE C 295 -19.11 23.58 25.29
N LYS C 296 -20.34 23.94 25.61
CA LYS C 296 -20.79 24.03 26.99
C LYS C 296 -20.74 22.70 27.70
N PHE C 297 -20.79 21.62 26.93
CA PHE C 297 -21.04 20.30 27.48
C PHE C 297 -20.00 19.91 28.51
N PRO C 298 -20.53 19.39 29.61
CA PRO C 298 -19.77 18.88 30.76
C PRO C 298 -19.23 17.50 30.54
N GLN C 299 -18.18 17.12 31.26
CA GLN C 299 -17.62 15.78 31.12
C GLN C 299 -18.62 14.71 31.50
N ILE C 300 -18.63 13.62 30.75
CA ILE C 300 -19.58 12.54 31.00
C ILE C 300 -18.97 11.18 30.74
N LYS C 301 -19.22 10.25 31.64
CA LYS C 301 -18.69 8.89 31.50
C LYS C 301 -19.38 8.07 30.42
N ALA C 302 -18.62 7.17 29.82
CA ALA C 302 -19.13 6.32 28.76
C ALA C 302 -20.15 5.31 29.25
N HIS C 303 -21.14 5.05 28.41
CA HIS C 303 -22.07 3.95 28.64
C HIS C 303 -21.54 2.63 28.12
N PRO C 304 -21.81 1.54 28.86
CA PRO C 304 -21.35 0.21 28.40
C PRO C 304 -22.00 -0.15 27.07
N TRP C 305 -21.16 -0.56 26.13
CA TRP C 305 -21.61 -0.92 24.79
C TRP C 305 -22.65 -2.02 24.84
N THR C 306 -22.42 -2.98 25.72
CA THR C 306 -23.34 -4.09 25.91
C THR C 306 -24.73 -3.59 26.25
N LYS C 307 -24.78 -2.50 27.03
CA LYS C 307 -26.06 -1.98 27.53
C LYS C 307 -26.76 -1.13 26.49
N VAL C 308 -25.98 -0.60 25.56
CA VAL C 308 -26.51 0.21 24.47
C VAL C 308 -27.43 -0.62 23.59
N PHE C 309 -26.95 -1.81 23.26
CA PHE C 309 -27.66 -2.71 22.36
C PHE C 309 -28.61 -3.62 23.11
N ARG C 310 -29.42 -4.37 22.36
CA ARG C 310 -30.35 -5.31 22.94
C ARG C 310 -29.62 -6.46 23.54
N PRO C 311 -30.24 -7.12 24.50
CA PRO C 311 -29.59 -8.25 25.17
C PRO C 311 -29.16 -9.39 24.26
N ARG C 312 -29.91 -9.68 23.21
CA ARG C 312 -29.57 -10.80 22.34
C ARG C 312 -28.59 -10.44 21.23
N THR C 313 -28.18 -9.18 21.20
CA THR C 313 -27.27 -8.71 20.16
C THR C 313 -25.96 -9.51 20.25
N PRO C 314 -25.48 -10.03 19.11
CA PRO C 314 -24.22 -10.77 19.03
C PRO C 314 -23.03 -9.92 19.45
N PRO C 315 -22.08 -10.52 20.17
CA PRO C 315 -20.90 -9.83 20.72
C PRO C 315 -19.94 -9.37 19.64
N GLU C 316 -19.81 -10.12 18.55
CA GLU C 316 -18.91 -9.77 17.46
C GLU C 316 -19.38 -8.49 16.76
N ALA C 317 -20.71 -8.34 16.68
CA ALA C 317 -21.32 -7.15 16.11
C ALA C 317 -20.94 -5.94 16.95
N ILE C 318 -21.22 -6.05 18.26
CA ILE C 318 -20.91 -5.02 19.24
C ILE C 318 -19.42 -4.66 19.22
N ALA C 319 -18.60 -5.69 19.18
CA ALA C 319 -17.14 -5.54 19.15
C ALA C 319 -16.67 -4.81 17.90
N LEU C 320 -17.40 -5.01 16.80
CA LEU C 320 -17.09 -4.32 15.56
C LEU C 320 -17.49 -2.84 15.64
N CYS C 321 -18.64 -2.57 16.24
CA CYS C 321 -19.14 -1.21 16.40
C CYS C 321 -18.18 -0.33 17.17
N SER C 322 -17.64 -0.86 18.26
CA SER C 322 -16.73 -0.08 19.08
C SER C 322 -15.45 0.28 18.32
N ARG C 323 -15.08 -0.56 17.36
CA ARG C 323 -13.87 -0.35 16.55
C ARG C 323 -14.05 0.66 15.43
N LEU C 324 -15.30 0.85 15.02
CA LEU C 324 -15.65 1.83 13.98
C LEU C 324 -15.92 3.21 14.58
N LEU C 325 -16.75 3.22 15.62
CA LEU C 325 -17.16 4.44 16.30
C LEU C 325 -16.15 4.89 17.38
N GLU C 326 -14.97 5.34 16.92
CA GLU C 326 -13.92 5.89 17.76
C GLU C 326 -13.85 7.40 17.58
N TYR C 327 -13.57 8.13 18.65
CA TYR C 327 -13.38 9.58 18.58
C TYR C 327 -12.17 9.94 17.70
N THR C 328 -11.05 9.29 17.98
CA THR C 328 -9.81 9.44 17.25
C THR C 328 -9.92 8.80 15.86
N PRO C 329 -9.94 9.62 14.79
CA PRO C 329 -10.12 9.13 13.41
C PRO C 329 -9.13 8.04 12.98
N THR C 330 -7.90 8.14 13.48
CA THR C 330 -6.84 7.19 13.13
C THR C 330 -7.06 5.86 13.86
N ALA C 331 -7.85 5.89 14.93
CA ALA C 331 -8.16 4.68 15.72
C ALA C 331 -9.17 3.75 15.03
N ARG C 332 -10.02 4.32 14.20
CA ARG C 332 -11.02 3.55 13.48
C ARG C 332 -10.44 2.62 12.43
N LEU C 333 -11.16 1.56 12.14
CA LEU C 333 -10.71 0.57 11.17
C LEU C 333 -10.73 1.08 9.74
N THR C 334 -9.84 0.55 8.91
CA THR C 334 -9.92 0.77 7.50
C THR C 334 -10.95 -0.18 6.95
N PRO C 335 -11.46 0.09 5.77
CA PRO C 335 -12.56 -0.68 5.20
C PRO C 335 -12.21 -2.13 4.99
N LEU C 336 -10.95 -2.40 4.74
CA LEU C 336 -10.46 -3.77 4.60
C LEU C 336 -10.40 -4.49 5.94
N GLU C 337 -9.87 -3.82 6.95
CA GLU C 337 -9.79 -4.39 8.29
C GLU C 337 -11.19 -4.77 8.79
N ALA C 338 -12.19 -3.99 8.39
CA ALA C 338 -13.56 -4.20 8.83
C ALA C 338 -14.12 -5.44 8.17
N CYS C 339 -13.78 -5.62 6.89
CA CYS C 339 -14.18 -6.80 6.14
C CYS C 339 -13.57 -8.06 6.72
N ALA C 340 -12.36 -7.93 7.25
CA ALA C 340 -11.65 -9.06 7.82
C ALA C 340 -11.99 -9.23 9.29
N HIS C 341 -13.10 -8.66 9.73
CA HIS C 341 -13.49 -8.77 11.12
C HIS C 341 -14.19 -10.10 11.38
N SER C 342 -14.11 -10.54 12.64
CA SER C 342 -14.74 -11.78 13.11
C SER C 342 -16.23 -11.80 12.89
N PHE C 343 -16.81 -10.62 12.76
CA PHE C 343 -18.24 -10.47 12.58
C PHE C 343 -18.64 -11.09 11.25
N PHE C 344 -17.75 -11.04 10.27
CA PHE C 344 -18.05 -11.51 8.92
C PHE C 344 -17.61 -12.95 8.64
N ASP C 345 -17.20 -13.68 9.68
CA ASP C 345 -16.64 -15.02 9.50
C ASP C 345 -17.66 -16.00 8.94
N GLU C 346 -18.93 -15.77 9.25
CA GLU C 346 -20.03 -16.61 8.76
C GLU C 346 -20.10 -16.60 7.24
N LEU C 347 -19.67 -15.48 6.64
CA LEU C 347 -19.71 -15.32 5.20
C LEU C 347 -18.56 -16.04 4.50
N ARG C 348 -17.52 -16.35 5.27
CA ARG C 348 -16.35 -17.04 4.73
C ARG C 348 -16.43 -18.55 4.89
N ASP C 349 -17.50 -19.02 5.54
CA ASP C 349 -17.81 -20.43 5.61
C ASP C 349 -18.28 -20.96 4.25
N PRO C 350 -17.67 -22.06 3.77
CA PRO C 350 -17.98 -22.59 2.43
C PRO C 350 -19.42 -23.10 2.28
N ASN C 351 -20.11 -23.30 3.41
CA ASN C 351 -21.46 -23.83 3.38
C ASN C 351 -22.56 -22.79 3.38
N VAL C 352 -22.15 -21.53 3.55
CA VAL C 352 -23.09 -20.42 3.71
C VAL C 352 -23.99 -20.21 2.48
N LYS C 353 -25.25 -19.91 2.75
CA LYS C 353 -26.21 -19.69 1.69
C LYS C 353 -27.13 -18.56 2.12
N LEU C 354 -27.88 -18.02 1.16
CA LEU C 354 -28.92 -17.04 1.48
C LEU C 354 -30.10 -17.73 2.18
N PRO C 355 -30.85 -16.95 2.97
CA PRO C 355 -32.03 -17.48 3.66
C PRO C 355 -33.04 -18.09 2.69
N ASN C 356 -33.13 -17.54 1.48
CA ASN C 356 -34.00 -18.09 0.44
C ASN C 356 -33.33 -19.24 -0.33
N GLY C 357 -32.26 -19.78 0.25
CA GLY C 357 -31.63 -20.99 -0.26
C GLY C 357 -30.61 -20.74 -1.35
N ARG C 358 -30.66 -19.54 -1.92
CA ARG C 358 -29.76 -19.16 -3.01
C ARG C 358 -28.33 -18.91 -2.51
N ASP C 359 -27.41 -18.85 -3.46
CA ASP C 359 -26.01 -18.65 -3.10
C ASP C 359 -25.71 -17.18 -2.84
N THR C 360 -24.75 -16.94 -1.95
CA THR C 360 -24.30 -15.59 -1.68
C THR C 360 -23.60 -15.02 -2.91
N PRO C 361 -23.71 -13.71 -3.12
CA PRO C 361 -23.02 -13.03 -4.22
C PRO C 361 -21.48 -13.16 -4.13
N ALA C 362 -20.78 -12.77 -5.20
CA ALA C 362 -19.32 -12.79 -5.20
C ALA C 362 -18.79 -11.83 -4.15
N LEU C 363 -18.29 -12.42 -3.06
CA LEU C 363 -17.81 -11.62 -1.95
C LEU C 363 -16.29 -11.62 -1.86
N PHE C 364 -15.64 -12.42 -2.71
CA PHE C 364 -14.20 -12.63 -2.57
C PHE C 364 -13.41 -12.27 -3.82
N ASN C 365 -14.12 -11.84 -4.86
CA ASN C 365 -13.47 -11.40 -6.07
C ASN C 365 -12.75 -10.03 -5.93
N PHE C 366 -11.69 -10.02 -5.11
CA PHE C 366 -10.90 -8.80 -4.86
C PHE C 366 -9.91 -8.51 -5.96
N THR C 367 -9.87 -7.24 -6.35
CA THR C 367 -8.88 -6.80 -7.31
C THR C 367 -7.68 -6.35 -6.51
N THR C 368 -6.55 -6.22 -7.21
CA THR C 368 -5.35 -5.71 -6.59
C THR C 368 -5.56 -4.24 -6.14
N GLN C 369 -6.43 -3.54 -6.88
CA GLN C 369 -6.81 -2.17 -6.55
C GLN C 369 -7.50 -2.08 -5.17
N GLU C 370 -8.34 -3.08 -4.87
CA GLU C 370 -9.05 -3.12 -3.60
C GLU C 370 -8.10 -3.47 -2.47
N LEU C 371 -7.19 -4.41 -2.75
CA LEU C 371 -6.24 -4.88 -1.75
C LEU C 371 -5.08 -3.90 -1.55
N SER C 372 -5.11 -2.79 -2.28
CA SER C 372 -4.08 -1.76 -2.25
C SER C 372 -3.79 -1.29 -0.83
N SER C 373 -4.83 -1.26 -0.02
CA SER C 373 -4.72 -0.73 1.32
C SER C 373 -3.84 -1.62 2.21
N ASN C 374 -4.11 -2.92 2.20
CA ASN C 374 -3.29 -3.86 2.95
C ASN C 374 -3.32 -5.25 2.31
N PRO C 375 -2.40 -5.49 1.38
CA PRO C 375 -2.32 -6.75 0.61
C PRO C 375 -2.25 -8.06 1.43
N PRO C 376 -1.51 -8.10 2.57
CA PRO C 376 -1.46 -9.39 3.30
C PRO C 376 -2.76 -9.78 4.01
N LEU C 377 -3.77 -8.91 3.98
CA LEU C 377 -5.08 -9.26 4.50
C LEU C 377 -5.83 -10.20 3.57
N ALA C 378 -5.30 -10.39 2.36
CA ALA C 378 -5.91 -11.24 1.34
C ALA C 378 -6.03 -12.69 1.79
N THR C 379 -5.16 -13.09 2.72
CA THR C 379 -5.11 -14.46 3.21
C THR C 379 -6.15 -14.68 4.30
N ILE C 380 -6.87 -13.61 4.64
CA ILE C 380 -8.00 -13.71 5.56
C ILE C 380 -9.31 -13.41 4.82
N LEU C 381 -9.27 -12.41 3.95
CA LEU C 381 -10.45 -12.02 3.18
C LEU C 381 -10.84 -13.11 2.20
N ILE C 382 -9.82 -13.75 1.63
CA ILE C 382 -10.03 -14.81 0.64
C ILE C 382 -9.73 -16.20 1.22
N PRO C 383 -10.79 -16.93 1.57
CA PRO C 383 -10.66 -18.30 2.07
C PRO C 383 -10.16 -19.19 0.96
N PRO C 384 -9.44 -20.27 1.32
CA PRO C 384 -8.89 -21.22 0.35
C PRO C 384 -9.96 -21.88 -0.52
N HIS C 385 -11.15 -22.08 0.02
CA HIS C 385 -12.23 -22.69 -0.75
C HIS C 385 -12.71 -21.75 -1.85
N ALA C 386 -12.43 -20.46 -1.68
CA ALA C 386 -12.86 -19.45 -2.64
C ALA C 386 -11.78 -19.14 -3.69
N ARG C 387 -10.55 -19.59 -3.43
CA ARG C 387 -9.42 -19.32 -4.32
C ARG C 387 -9.54 -19.78 -5.80
N ILE C 388 -9.46 -18.81 -6.72
CA ILE C 388 -9.82 -19.01 -8.15
C ILE C 388 -8.63 -19.36 -9.06
N LYS D 40 -12.32 35.13 29.55
CA LYS D 40 -11.72 36.20 28.74
C LYS D 40 -12.78 37.05 28.04
N VAL D 41 -12.51 38.34 27.90
CA VAL D 41 -13.48 39.26 27.31
C VAL D 41 -13.12 39.69 25.89
N THR D 42 -14.09 39.60 24.98
CA THR D 42 -13.87 40.02 23.60
C THR D 42 -14.57 41.33 23.33
N THR D 43 -13.85 42.30 22.75
CA THR D 43 -14.46 43.57 22.33
C THR D 43 -14.40 43.71 20.83
N VAL D 44 -15.51 44.10 20.26
CA VAL D 44 -15.60 44.30 18.82
C VAL D 44 -16.31 45.61 18.48
N VAL D 45 -16.11 46.10 17.26
CA VAL D 45 -16.81 47.28 16.80
C VAL D 45 -18.02 46.87 15.95
N ALA D 46 -19.22 47.05 16.50
CA ALA D 46 -20.44 46.59 15.83
C ALA D 46 -21.46 47.70 15.65
N THR D 47 -22.17 47.65 14.53
CA THR D 47 -23.24 48.57 14.27
C THR D 47 -24.55 47.99 14.81
N PRO D 48 -25.32 48.82 15.53
CA PRO D 48 -26.64 48.38 15.97
C PRO D 48 -27.54 48.02 14.80
N GLY D 49 -28.27 46.92 14.95
CA GLY D 49 -29.13 46.40 13.89
C GLY D 49 -30.35 47.25 13.60
N GLN D 50 -30.90 47.88 14.64
CA GLN D 50 -32.11 48.68 14.47
C GLN D 50 -31.85 50.18 14.56
N GLY D 51 -30.84 50.55 15.35
CA GLY D 51 -30.52 51.95 15.55
C GLY D 51 -29.87 52.58 14.33
N PRO D 52 -29.45 53.85 14.47
CA PRO D 52 -28.79 54.58 13.38
C PRO D 52 -27.51 53.85 13.02
N ASP D 53 -27.10 53.95 11.76
CA ASP D 53 -25.90 53.28 11.31
C ASP D 53 -24.64 53.91 11.92
N ARG D 54 -24.44 53.68 13.22
CA ARG D 54 -23.25 54.16 13.91
C ARG D 54 -22.53 53.10 14.74
N PRO D 55 -21.36 52.71 14.29
CA PRO D 55 -20.55 51.67 14.95
C PRO D 55 -20.18 52.07 16.37
N GLN D 56 -19.87 51.08 17.20
CA GLN D 56 -19.51 51.35 18.57
C GLN D 56 -18.85 50.10 19.10
N GLU D 57 -18.07 50.27 20.17
CA GLU D 57 -17.42 49.13 20.80
C GLU D 57 -18.42 48.36 21.61
N VAL D 58 -18.43 47.05 21.41
CA VAL D 58 -19.33 46.15 22.12
C VAL D 58 -18.50 45.03 22.72
N SER D 59 -18.76 44.68 23.98
CA SER D 59 -18.01 43.62 24.64
C SER D 59 -18.90 42.46 25.09
N TYR D 60 -18.36 41.25 24.96
CA TYR D 60 -19.05 40.05 25.40
C TYR D 60 -18.09 38.99 25.96
N THR D 61 -18.62 38.12 26.81
CA THR D 61 -17.81 37.07 27.37
C THR D 61 -18.59 35.76 27.41
N ASP D 62 -17.92 34.69 27.86
CA ASP D 62 -18.55 33.38 28.05
C ASP D 62 -19.08 32.83 26.75
N THR D 63 -18.21 32.80 25.75
CA THR D 63 -18.62 32.36 24.43
C THR D 63 -18.53 30.86 24.30
N LYS D 64 -19.59 30.24 23.78
CA LYS D 64 -19.61 28.80 23.51
C LYS D 64 -20.45 28.45 22.28
N VAL D 65 -19.97 27.46 21.53
CA VAL D 65 -20.62 27.07 20.30
C VAL D 65 -21.94 26.40 20.64
N ILE D 66 -23.00 26.83 19.97
CA ILE D 66 -24.34 26.24 20.15
C ILE D 66 -24.99 25.85 18.82
N GLY D 67 -24.32 26.15 17.72
CA GLY D 67 -24.94 25.92 16.42
C GLY D 67 -23.98 25.63 15.30
N ASN D 68 -24.48 24.93 14.30
CA ASN D 68 -23.66 24.54 13.18
C ASN D 68 -24.54 24.57 11.97
N GLY D 69 -23.97 24.99 10.84
CA GLY D 69 -24.73 24.94 9.62
C GLY D 69 -23.84 25.07 8.41
N SER D 70 -24.48 25.09 7.25
CA SER D 70 -23.75 25.30 6.00
C SER D 70 -23.35 26.77 5.90
N PHE D 71 -23.86 27.59 6.83
CA PHE D 71 -23.55 29.02 6.88
C PHE D 71 -22.32 29.31 7.70
N GLY D 72 -22.07 28.47 8.67
CA GLY D 72 -20.98 28.66 9.61
C GLY D 72 -21.36 28.16 10.98
N VAL D 73 -21.17 29.01 11.99
CA VAL D 73 -21.30 28.64 13.39
C VAL D 73 -22.19 29.60 14.14
N VAL D 74 -22.79 29.13 15.23
CA VAL D 74 -23.58 30.00 16.09
C VAL D 74 -23.08 29.87 17.52
N TYR D 75 -22.73 31.02 18.10
CA TYR D 75 -22.18 31.03 19.46
C TYR D 75 -23.19 31.60 20.41
N GLN D 76 -22.92 31.42 21.69
CA GLN D 76 -23.76 32.00 22.71
C GLN D 76 -22.85 32.78 23.66
N ALA D 77 -23.16 34.06 23.86
CA ALA D 77 -22.34 34.91 24.69
C ALA D 77 -23.17 35.77 25.62
N LYS D 78 -22.48 36.48 26.51
CA LYS D 78 -23.12 37.39 27.44
C LYS D 78 -22.50 38.78 27.29
N LEU D 79 -23.35 39.78 27.04
CA LEU D 79 -22.91 41.16 26.90
C LEU D 79 -22.40 41.67 28.23
N CYS D 80 -21.20 42.24 28.22
CA CYS D 80 -20.56 42.71 29.45
C CYS D 80 -21.34 43.87 30.07
N ASP D 81 -21.94 44.68 29.22
CA ASP D 81 -22.69 45.84 29.67
C ASP D 81 -24.01 45.48 30.37
N SER D 82 -24.92 44.91 29.60
CA SER D 82 -26.26 44.60 30.08
C SER D 82 -26.26 43.31 30.91
N GLY D 83 -25.35 42.40 30.59
CA GLY D 83 -25.37 41.08 31.20
C GLY D 83 -26.31 40.16 30.42
N GLU D 84 -26.96 40.69 29.40
CA GLU D 84 -27.92 39.94 28.61
C GLU D 84 -27.26 38.92 27.71
N LEU D 85 -28.00 37.87 27.41
CA LEU D 85 -27.47 36.78 26.59
C LEU D 85 -27.87 37.01 25.15
N VAL D 86 -26.94 36.69 24.26
CA VAL D 86 -27.16 36.83 22.83
C VAL D 86 -26.67 35.59 22.09
N ALA D 87 -27.13 35.42 20.86
CA ALA D 87 -26.58 34.40 19.98
C ALA D 87 -25.76 35.09 18.91
N ILE D 88 -24.65 34.49 18.51
CA ILE D 88 -23.81 35.07 17.47
C ILE D 88 -23.65 34.13 16.28
N LYS D 89 -24.41 34.41 15.22
CA LYS D 89 -24.33 33.65 13.99
C LYS D 89 -23.20 34.15 13.07
N LYS D 90 -22.14 33.35 12.97
CA LYS D 90 -20.96 33.69 12.19
C LYS D 90 -21.03 33.15 10.76
N VAL D 91 -21.16 34.05 9.79
CA VAL D 91 -21.39 33.63 8.40
C VAL D 91 -20.30 34.17 7.48
N LEU D 92 -19.60 33.28 6.79
CA LEU D 92 -18.65 33.70 5.76
C LEU D 92 -19.33 34.50 4.63
N GLN D 93 -18.78 35.66 4.33
CA GLN D 93 -19.41 36.53 3.38
C GLN D 93 -18.44 36.93 2.31
N ASP D 94 -18.99 37.25 1.15
CA ASP D 94 -18.26 37.81 0.05
C ASP D 94 -18.56 39.28 -0.04
N LYS D 95 -17.52 40.11 -0.01
CA LYS D 95 -17.81 41.50 0.00
C LYS D 95 -18.58 41.87 -1.26
N ARG D 96 -18.14 41.35 -2.39
CA ARG D 96 -18.73 41.76 -3.65
C ARG D 96 -20.25 41.73 -3.60
N PHE D 97 -20.79 40.79 -2.81
CA PHE D 97 -22.25 40.69 -2.69
C PHE D 97 -22.80 40.94 -1.28
N LYS D 98 -23.92 41.65 -1.22
CA LYS D 98 -24.60 41.93 0.03
C LYS D 98 -25.30 40.69 0.57
N ASN D 99 -25.40 40.63 1.89
CA ASN D 99 -26.02 39.51 2.57
C ASN D 99 -27.52 39.74 2.72
N ARG D 100 -28.32 38.80 2.22
CA ARG D 100 -29.78 38.93 2.25
C ARG D 100 -30.33 39.02 3.67
N GLU D 101 -29.82 38.16 4.54
CA GLU D 101 -30.30 38.09 5.92
C GLU D 101 -30.07 39.41 6.67
N LEU D 102 -28.90 39.99 6.44
CA LEU D 102 -28.57 41.25 7.08
C LEU D 102 -29.47 42.38 6.59
N GLN D 103 -29.73 42.41 5.29
CA GLN D 103 -30.58 43.45 4.72
C GLN D 103 -31.99 43.35 5.26
N ILE D 104 -32.44 42.13 5.52
CA ILE D 104 -33.79 41.88 6.02
C ILE D 104 -33.92 42.16 7.51
N MET D 105 -32.93 41.72 8.28
CA MET D 105 -32.97 41.87 9.74
C MET D 105 -32.96 43.32 10.21
N ARG D 106 -32.52 44.22 9.34
CA ARG D 106 -32.46 45.63 9.69
C ARG D 106 -33.80 46.32 9.45
N LYS D 107 -34.61 45.78 8.55
CA LYS D 107 -35.97 46.27 8.32
C LYS D 107 -36.91 45.91 9.46
N LEU D 108 -36.82 44.64 9.89
CA LEU D 108 -37.77 44.05 10.84
C LEU D 108 -37.67 44.59 12.29
N ASP D 109 -38.81 45.00 12.83
CA ASP D 109 -38.91 45.42 14.22
C ASP D 109 -40.24 44.96 14.79
N HIS D 110 -40.30 43.70 15.24
CA HIS D 110 -41.56 43.13 15.69
C HIS D 110 -41.35 42.32 16.95
N CYS D 111 -42.38 42.33 17.80
CA CYS D 111 -42.34 41.64 19.08
C CYS D 111 -42.27 40.11 18.92
N ASN D 112 -42.83 39.58 17.83
CA ASN D 112 -42.83 38.13 17.58
C ASN D 112 -41.71 37.72 16.62
N ILE D 113 -40.69 38.57 16.55
CA ILE D 113 -39.55 38.26 15.73
C ILE D 113 -38.29 38.50 16.56
N VAL D 114 -37.34 37.57 16.44
CA VAL D 114 -36.04 37.70 17.08
C VAL D 114 -35.34 38.99 16.65
N ARG D 115 -34.81 39.72 17.61
CA ARG D 115 -34.27 41.02 17.34
C ARG D 115 -32.78 40.92 16.95
N LEU D 116 -32.39 41.71 15.97
CA LEU D 116 -30.97 41.88 15.67
C LEU D 116 -30.36 42.98 16.55
N ARG D 117 -29.52 42.60 17.49
CA ARG D 117 -28.95 43.57 18.41
C ARG D 117 -27.91 44.42 17.70
N TYR D 118 -26.89 43.75 17.17
CA TYR D 118 -25.77 44.40 16.48
C TYR D 118 -25.29 43.47 15.39
N PHE D 119 -24.26 43.91 14.68
CA PHE D 119 -23.56 43.05 13.70
C PHE D 119 -22.17 43.60 13.41
N PHE D 120 -21.22 42.70 13.19
CA PHE D 120 -19.84 43.09 13.01
C PHE D 120 -19.09 42.11 12.14
N TYR D 121 -17.89 42.47 11.71
CA TYR D 121 -17.09 41.61 10.85
C TYR D 121 -15.83 41.12 11.52
N SER D 122 -15.53 39.82 11.33
CA SER D 122 -14.27 39.25 11.83
C SER D 122 -13.45 38.64 10.70
N SER D 123 -12.15 38.50 10.94
CA SER D 123 -11.20 38.11 9.88
C SER D 123 -11.47 36.72 9.31
N LYS D 127 -6.27 34.22 6.87
CA LYS D 127 -6.66 33.95 5.49
C LYS D 127 -7.66 34.98 4.95
N ASP D 128 -7.71 35.12 3.62
CA ASP D 128 -8.61 36.07 2.98
C ASP D 128 -10.04 35.56 2.92
N GLU D 129 -10.85 35.96 3.90
CA GLU D 129 -12.25 35.57 3.99
C GLU D 129 -12.86 36.34 5.15
N VAL D 130 -13.98 37.01 4.91
CA VAL D 130 -14.58 37.78 6.01
C VAL D 130 -15.89 37.20 6.48
N TYR D 131 -16.05 37.20 7.81
CA TYR D 131 -17.24 36.65 8.44
C TYR D 131 -18.16 37.77 8.94
N LEU D 132 -19.41 37.73 8.48
CA LEU D 132 -20.45 38.58 9.01
C LEU D 132 -20.97 37.91 10.29
N ASN D 133 -21.02 38.68 11.37
CA ASN D 133 -21.48 38.14 12.66
C ASN D 133 -22.79 38.82 13.06
N LEU D 134 -23.86 38.04 13.11
CA LEU D 134 -25.16 38.55 13.52
C LEU D 134 -25.37 38.31 15.02
N VAL D 135 -25.62 39.38 15.77
CA VAL D 135 -25.87 39.29 17.21
C VAL D 135 -27.37 39.39 17.44
N LEU D 136 -27.96 38.23 17.75
CA LEU D 136 -29.40 38.11 17.92
C LEU D 136 -29.75 37.82 19.36
N ASP D 137 -31.03 37.93 19.67
CA ASP D 137 -31.55 37.58 20.98
C ASP D 137 -31.39 36.10 21.19
N TYR D 138 -30.89 35.71 22.37
CA TYR D 138 -30.74 34.31 22.70
C TYR D 138 -31.95 33.76 23.43
N VAL D 139 -32.73 32.93 22.74
CA VAL D 139 -33.88 32.22 23.34
C VAL D 139 -33.74 30.71 23.14
N PRO D 140 -33.26 29.98 24.17
CA PRO D 140 -32.93 28.55 24.05
C PRO D 140 -34.15 27.64 23.73
N GLU D 141 -35.30 27.93 24.36
CA GLU D 141 -36.48 27.08 24.22
C GLU D 141 -37.16 27.22 22.85
N THR D 142 -37.46 26.09 22.23
CA THR D 142 -38.17 26.10 20.95
C THR D 142 -39.47 25.32 21.06
N VAL D 143 -40.38 25.54 20.10
CA VAL D 143 -41.64 24.80 20.03
C VAL D 143 -41.38 23.31 19.78
N TYR D 144 -40.29 23.02 19.06
CA TYR D 144 -39.90 21.65 18.82
C TYR D 144 -39.59 20.90 20.13
N ARG D 145 -38.81 21.54 20.99
CA ARG D 145 -38.41 20.95 22.24
C ARG D 145 -39.62 20.68 23.12
N VAL D 146 -40.58 21.57 23.10
CA VAL D 146 -41.79 21.49 23.93
C VAL D 146 -42.73 20.38 23.46
N ALA D 147 -42.95 20.34 22.17
CA ALA D 147 -43.84 19.39 21.56
C ALA D 147 -43.30 18.01 21.77
N ARG D 148 -42.00 17.89 21.62
CA ARG D 148 -41.32 16.65 21.82
C ARG D 148 -41.43 16.16 23.23
N HIS D 149 -41.33 17.07 24.18
CA HIS D 149 -41.39 16.70 25.58
C HIS D 149 -42.73 16.03 25.80
N TYR D 150 -43.77 16.54 25.17
CA TYR D 150 -45.10 15.98 25.32
C TYR D 150 -45.28 14.66 24.59
N SER D 151 -44.79 14.58 23.37
CA SER D 151 -45.01 13.40 22.55
C SER D 151 -44.26 12.16 23.08
N ARG D 152 -43.13 12.38 23.70
CA ARG D 152 -42.42 11.32 24.36
C ARG D 152 -43.27 10.82 25.49
N ALA D 153 -43.98 11.74 26.12
CA ALA D 153 -44.90 11.40 27.19
C ALA D 153 -46.22 10.81 26.64
N LYS D 154 -46.33 10.75 25.31
CA LYS D 154 -47.50 10.22 24.62
C LYS D 154 -48.77 11.04 24.81
N GLN D 155 -48.60 12.28 25.26
CA GLN D 155 -49.74 13.17 25.43
C GLN D 155 -49.64 14.40 24.55
N THR D 156 -50.76 15.08 24.43
CA THR D 156 -50.79 16.23 23.55
C THR D 156 -50.72 17.54 24.35
N LEU D 157 -50.08 18.54 23.75
CA LEU D 157 -49.99 19.88 24.31
C LEU D 157 -51.39 20.51 24.48
N PRO D 158 -51.66 21.13 25.65
CA PRO D 158 -52.95 21.80 25.86
C PRO D 158 -53.28 22.83 24.77
N VAL D 159 -54.53 22.81 24.31
CA VAL D 159 -55.00 23.64 23.21
C VAL D 159 -54.71 25.12 23.44
N ILE D 160 -54.69 25.54 24.69
CA ILE D 160 -54.43 26.95 24.99
C ILE D 160 -53.02 27.37 24.54
N TYR D 161 -52.04 26.50 24.74
CA TYR D 161 -50.68 26.80 24.32
C TYR D 161 -50.57 26.78 22.80
N VAL D 162 -51.31 25.89 22.17
CA VAL D 162 -51.35 25.83 20.72
C VAL D 162 -51.90 27.10 20.12
N LYS D 163 -53.00 27.60 20.67
CA LYS D 163 -53.61 28.86 20.19
C LYS D 163 -52.64 30.03 20.33
N LEU D 164 -51.93 30.06 21.46
CA LEU D 164 -51.00 31.15 21.74
C LEU D 164 -49.87 31.18 20.73
N TYR D 165 -49.23 30.03 20.56
CA TYR D 165 -48.06 29.93 19.72
C TYR D 165 -48.42 30.22 18.27
N MET D 166 -49.51 29.61 17.78
CA MET D 166 -49.88 29.80 16.40
C MET D 166 -50.25 31.23 16.06
N TYR D 167 -50.95 31.87 16.98
CA TYR D 167 -51.39 33.24 16.76
C TYR D 167 -50.20 34.18 16.60
N GLN D 168 -49.23 34.06 17.50
CA GLN D 168 -48.02 34.86 17.42
C GLN D 168 -47.22 34.56 16.15
N LEU D 169 -47.29 33.31 15.71
CA LEU D 169 -46.65 32.94 14.46
C LEU D 169 -47.29 33.65 13.27
N PHE D 170 -48.61 33.58 13.19
CA PHE D 170 -49.31 34.29 12.11
C PHE D 170 -49.06 35.79 12.14
N ARG D 171 -48.89 36.34 13.34
CA ARG D 171 -48.59 37.76 13.48
C ARG D 171 -47.28 38.13 12.83
N SER D 172 -46.22 37.41 13.18
CA SER D 172 -44.90 37.72 12.64
C SER D 172 -44.90 37.52 11.13
N LEU D 173 -45.67 36.55 10.69
CA LEU D 173 -45.82 36.24 9.27
C LEU D 173 -46.58 37.37 8.56
N ALA D 174 -47.63 37.88 9.18
CA ALA D 174 -48.38 38.99 8.60
C ALA D 174 -47.47 40.18 8.45
N TYR D 175 -46.55 40.31 9.41
CA TYR D 175 -45.60 41.40 9.44
C TYR D 175 -44.62 41.29 8.28
N ILE D 176 -43.96 40.14 8.17
CA ILE D 176 -42.89 40.00 7.19
C ILE D 176 -43.45 39.92 5.78
N HIS D 177 -44.68 39.46 5.68
CA HIS D 177 -45.31 39.33 4.36
C HIS D 177 -45.74 40.70 3.80
N SER D 178 -45.94 41.67 4.70
CA SER D 178 -46.29 43.02 4.26
C SER D 178 -45.12 43.65 3.51
N PHE D 179 -43.89 43.30 3.87
CA PHE D 179 -42.70 43.79 3.17
C PHE D 179 -42.42 43.04 1.88
N GLY D 180 -43.19 41.98 1.60
CA GLY D 180 -42.92 41.08 0.49
C GLY D 180 -41.85 40.04 0.79
N ILE D 181 -41.59 39.82 2.07
CA ILE D 181 -40.54 38.90 2.53
C ILE D 181 -41.12 37.54 2.91
N CYS D 182 -40.53 36.47 2.40
CA CYS D 182 -40.98 35.13 2.70
C CYS D 182 -39.90 34.40 3.48
N HIS D 183 -40.27 33.83 4.61
CA HIS D 183 -39.33 33.19 5.48
C HIS D 183 -38.65 31.96 4.92
N ARG D 184 -39.43 31.09 4.31
CA ARG D 184 -38.93 29.97 3.53
C ARG D 184 -38.33 28.84 4.35
N ASP D 185 -38.37 28.94 5.67
CA ASP D 185 -38.00 27.84 6.54
C ASP D 185 -38.80 27.89 7.80
N ILE D 186 -40.11 27.90 7.68
CA ILE D 186 -40.97 27.85 8.85
C ILE D 186 -40.96 26.42 9.36
N LYS D 187 -40.57 26.25 10.64
CA LYS D 187 -40.56 24.93 11.30
C LYS D 187 -40.43 25.14 12.80
N PRO D 188 -40.92 24.16 13.60
CA PRO D 188 -40.94 24.23 15.08
C PRO D 188 -39.59 24.58 15.70
N GLN D 189 -38.50 24.13 15.08
CA GLN D 189 -37.16 24.42 15.56
C GLN D 189 -36.76 25.90 15.41
N ASN D 190 -37.50 26.65 14.56
CA ASN D 190 -37.24 28.09 14.37
C ASN D 190 -38.23 29.01 15.11
N LEU D 191 -39.03 28.40 15.98
CA LEU D 191 -39.95 29.14 16.83
C LEU D 191 -39.45 29.10 18.27
N LEU D 192 -38.95 30.25 18.73
CA LEU D 192 -38.37 30.38 20.05
C LEU D 192 -39.38 30.85 21.08
N LEU D 193 -39.29 30.28 22.28
CA LEU D 193 -40.27 30.50 23.33
C LEU D 193 -39.67 31.03 24.63
N ASP D 194 -40.36 32.01 25.22
CA ASP D 194 -40.14 32.36 26.62
C ASP D 194 -41.23 31.67 27.46
N PRO D 195 -40.84 30.62 28.21
CA PRO D 195 -41.79 29.79 28.97
C PRO D 195 -42.62 30.59 30.00
N ASP D 196 -42.00 31.62 30.56
CA ASP D 196 -42.66 32.43 31.56
C ASP D 196 -43.74 33.30 30.96
N THR D 197 -43.43 33.96 29.85
CA THR D 197 -44.39 34.89 29.23
C THR D 197 -45.18 34.26 28.12
N ALA D 198 -44.73 33.10 27.69
CA ALA D 198 -45.29 32.41 26.51
C ALA D 198 -45.21 33.26 25.25
N VAL D 199 -44.13 34.05 25.14
CA VAL D 199 -43.92 34.84 23.95
C VAL D 199 -43.12 34.08 22.88
N LEU D 200 -43.67 34.07 21.67
CA LEU D 200 -43.07 33.39 20.54
C LEU D 200 -42.36 34.37 19.61
N LYS D 201 -41.16 34.00 19.19
CA LYS D 201 -40.37 34.81 18.28
C LYS D 201 -39.82 34.00 17.13
N LEU D 202 -40.19 34.39 15.92
CA LEU D 202 -39.68 33.76 14.72
C LEU D 202 -38.18 34.06 14.59
N CYS D 203 -37.38 33.04 14.24
CA CYS D 203 -35.97 33.28 14.06
C CYS D 203 -35.44 32.58 12.81
N ASP D 204 -34.11 32.57 12.68
CA ASP D 204 -33.39 31.95 11.57
C ASP D 204 -33.89 32.40 10.18
N PHE D 205 -33.57 33.63 9.82
CA PHE D 205 -33.95 34.17 8.51
C PHE D 205 -32.90 33.89 7.45
N GLY D 206 -32.21 32.77 7.58
CA GLY D 206 -31.14 32.40 6.67
C GLY D 206 -31.65 31.96 5.30
N SER D 207 -32.93 31.61 5.24
CA SER D 207 -33.54 31.22 3.97
C SER D 207 -34.52 32.30 3.47
N ALA D 208 -34.71 33.34 4.28
CA ALA D 208 -35.66 34.36 3.94
C ALA D 208 -35.25 35.17 2.69
N LYS D 209 -36.24 35.72 2.00
CA LYS D 209 -35.97 36.49 0.81
C LYS D 209 -37.17 37.34 0.42
N GLN D 210 -36.91 38.57 0.00
CA GLN D 210 -37.95 39.44 -0.55
C GLN D 210 -38.26 39.05 -1.98
N LEU D 211 -39.44 38.46 -2.16
CA LEU D 211 -39.88 37.96 -3.45
C LEU D 211 -40.32 39.09 -4.37
N VAL D 212 -39.88 39.01 -5.63
CA VAL D 212 -40.30 39.96 -6.64
C VAL D 212 -40.92 39.21 -7.82
N ARG D 213 -42.11 39.64 -8.26
CA ARG D 213 -42.83 38.98 -9.36
C ARG D 213 -42.04 39.02 -10.66
N GLY D 214 -42.01 37.89 -11.37
CA GLY D 214 -41.25 37.79 -12.60
C GLY D 214 -39.83 37.33 -12.37
N GLU D 215 -39.39 37.33 -11.11
CA GLU D 215 -38.05 36.85 -10.77
C GLU D 215 -38.14 35.50 -10.09
N PRO D 216 -37.41 34.53 -10.64
CA PRO D 216 -37.47 33.13 -10.19
C PRO D 216 -36.90 32.94 -8.80
N ASN D 217 -37.42 31.94 -8.09
CA ASN D 217 -36.92 31.57 -6.78
C ASN D 217 -36.69 30.08 -6.71
N VAL D 218 -35.78 29.67 -5.84
CA VAL D 218 -35.42 28.25 -5.73
C VAL D 218 -36.62 27.42 -5.23
N SER D 219 -36.82 26.25 -5.83
CA SER D 219 -37.91 25.36 -5.45
C SER D 219 -37.56 24.41 -4.29
N PTR D 220 -36.32 23.91 -4.23
CA PTR D 220 -35.90 23.04 -3.12
C PTR D 220 -35.43 23.96 -2.01
O PTR D 220 -34.26 24.39 -1.94
CB PTR D 220 -34.83 22.05 -3.51
CG PTR D 220 -34.60 20.89 -2.57
CD1 PTR D 220 -35.16 19.65 -2.85
CD2 PTR D 220 -33.79 20.99 -1.45
CE1 PTR D 220 -34.96 18.54 -2.04
CE2 PTR D 220 -33.57 19.90 -0.61
CZ PTR D 220 -34.17 18.70 -0.94
OH PTR D 220 -33.96 17.61 -0.19
P PTR D 220 -34.55 17.33 1.25
O1P PTR D 220 -33.65 16.32 1.88
O2P PTR D 220 -34.54 18.64 2.12
O3P PTR D 220 -35.97 16.78 0.95
N ILE D 221 -36.38 24.28 -1.15
CA ILE D 221 -36.17 25.19 -0.06
C ILE D 221 -37.20 24.72 0.97
N CYS D 222 -36.92 25.09 2.23
CA CYS D 222 -37.80 24.81 3.34
C CYS D 222 -37.52 23.40 3.86
N SER D 223 -37.91 23.12 5.11
CA SER D 223 -37.78 21.76 5.61
C SER D 223 -38.78 20.85 4.94
N ARG D 224 -38.31 19.66 4.58
CA ARG D 224 -39.12 18.70 3.87
C ARG D 224 -40.53 18.53 4.45
N TYR D 225 -40.61 18.31 5.76
CA TYR D 225 -41.92 18.04 6.35
C TYR D 225 -42.88 19.23 6.18
N TYR D 226 -42.31 20.43 6.04
CA TYR D 226 -43.11 21.66 6.05
C TYR D 226 -43.07 22.33 4.69
N ARG D 227 -42.59 21.61 3.69
CA ARG D 227 -42.46 22.13 2.34
C ARG D 227 -43.78 22.13 1.57
N ALA D 228 -44.16 23.30 1.05
CA ALA D 228 -45.38 23.48 0.26
C ALA D 228 -45.35 22.56 -0.94
N PRO D 229 -46.53 22.12 -1.41
CA PRO D 229 -46.71 21.24 -2.58
C PRO D 229 -46.13 21.80 -3.89
N GLU D 230 -46.34 23.10 -4.13
CA GLU D 230 -45.82 23.73 -5.34
C GLU D 230 -44.30 23.69 -5.43
N LEU D 231 -43.64 23.71 -4.29
CA LEU D 231 -42.19 23.57 -4.21
C LEU D 231 -41.75 22.18 -4.67
N ILE D 232 -42.48 21.16 -4.23
CA ILE D 232 -42.21 19.79 -4.65
C ILE D 232 -42.44 19.60 -6.14
N PHE D 233 -43.33 20.45 -6.66
CA PHE D 233 -43.61 20.50 -8.11
C PHE D 233 -42.60 21.39 -8.85
N GLY D 234 -41.61 21.87 -8.10
CA GLY D 234 -40.50 22.59 -8.70
C GLY D 234 -40.84 24.02 -9.09
N ALA D 235 -41.96 24.54 -8.58
CA ALA D 235 -42.34 25.91 -8.90
C ALA D 235 -41.22 26.89 -8.52
N THR D 236 -41.01 27.88 -9.36
CA THR D 236 -39.97 28.88 -9.10
C THR D 236 -40.64 30.25 -9.01
N ASP D 237 -41.96 30.22 -9.11
CA ASP D 237 -42.71 31.42 -9.13
C ASP D 237 -43.80 31.34 -8.02
N TYR D 238 -43.32 31.17 -6.81
CA TYR D 238 -44.26 30.97 -5.74
C TYR D 238 -44.42 32.27 -4.95
N THR D 239 -45.37 32.28 -4.03
CA THR D 239 -45.57 33.44 -3.18
C THR D 239 -45.27 33.10 -1.73
N SER D 240 -45.48 34.08 -0.86
CA SER D 240 -45.29 33.90 0.58
C SER D 240 -46.33 32.98 1.19
N SER D 241 -47.30 32.55 0.40
CA SER D 241 -48.31 31.59 0.82
C SER D 241 -47.72 30.22 1.15
N ILE D 242 -46.46 30.00 0.79
CA ILE D 242 -45.80 28.74 1.15
C ILE D 242 -45.53 28.70 2.66
N ASP D 243 -45.32 29.88 3.25
CA ASP D 243 -45.08 29.96 4.68
C ASP D 243 -46.34 29.58 5.44
N VAL D 244 -47.49 29.98 4.90
CA VAL D 244 -48.79 29.59 5.40
C VAL D 244 -48.95 28.06 5.41
N TRP D 245 -48.49 27.42 4.33
CA TRP D 245 -48.55 25.97 4.27
C TRP D 245 -47.76 25.41 5.45
N SER D 246 -46.53 25.90 5.61
CA SER D 246 -45.61 25.41 6.63
C SER D 246 -46.20 25.59 8.01
N ALA D 247 -46.85 26.74 8.19
CA ALA D 247 -47.50 27.07 9.45
C ALA D 247 -48.63 26.05 9.77
N GLY D 248 -49.40 25.67 8.75
CA GLY D 248 -50.42 24.63 8.90
C GLY D 248 -49.82 23.30 9.30
N CYS D 249 -48.65 22.98 8.74
CA CYS D 249 -47.93 21.77 9.13
C CYS D 249 -47.51 21.80 10.60
N VAL D 250 -47.20 22.99 11.12
CA VAL D 250 -46.78 23.16 12.52
C VAL D 250 -47.98 22.96 13.43
N LEU D 251 -49.08 23.60 13.05
CA LEU D 251 -50.32 23.47 13.79
C LEU D 251 -50.74 22.01 13.94
N ALA D 252 -50.72 21.29 12.82
CA ALA D 252 -51.19 19.91 12.77
C ALA D 252 -50.31 19.04 13.62
N GLU D 253 -49.01 19.28 13.57
CA GLU D 253 -48.05 18.53 14.38
C GLU D 253 -48.27 18.76 15.90
N LEU D 254 -48.73 19.95 16.26
CA LEU D 254 -49.04 20.26 17.65
C LEU D 254 -50.31 19.59 18.13
N LEU D 255 -51.25 19.36 17.22
CA LEU D 255 -52.49 18.65 17.52
C LEU D 255 -52.30 17.12 17.53
N LEU D 256 -51.36 16.63 16.70
CA LEU D 256 -51.13 15.21 16.51
C LEU D 256 -50.05 14.63 17.41
N GLY D 257 -49.06 15.45 17.75
CA GLY D 257 -47.96 14.97 18.57
C GLY D 257 -46.85 14.42 17.69
N GLN D 258 -47.04 14.52 16.38
CA GLN D 258 -46.06 14.08 15.42
C GLN D 258 -46.32 14.78 14.09
N PRO D 259 -45.29 14.89 13.24
CA PRO D 259 -45.45 15.55 11.93
C PRO D 259 -46.53 14.91 11.07
N ILE D 260 -47.32 15.74 10.40
CA ILE D 260 -48.44 15.25 9.63
C ILE D 260 -48.01 14.72 8.26
N PHE D 261 -46.97 15.31 7.68
CA PHE D 261 -46.41 14.78 6.43
C PHE D 261 -44.95 14.40 6.57
N PRO D 262 -44.69 13.15 7.02
CA PRO D 262 -43.31 12.69 7.24
C PRO D 262 -42.67 12.00 6.00
N GLY D 263 -42.24 12.80 5.02
CA GLY D 263 -41.64 12.29 3.81
C GLY D 263 -40.23 11.73 3.98
N ASP D 264 -39.93 10.67 3.24
CA ASP D 264 -38.62 10.02 3.23
C ASP D 264 -37.70 10.63 2.19
N SER D 265 -38.30 11.41 1.29
CA SER D 265 -37.54 12.10 0.26
C SER D 265 -38.33 13.33 -0.18
N GLY D 266 -37.71 14.14 -1.05
CA GLY D 266 -38.37 15.30 -1.60
C GLY D 266 -39.64 14.93 -2.35
N VAL D 267 -39.62 13.81 -3.05
CA VAL D 267 -40.79 13.30 -3.78
C VAL D 267 -41.78 12.50 -2.91
N ASP D 268 -41.26 11.68 -2.01
CA ASP D 268 -42.12 10.95 -1.08
C ASP D 268 -42.99 11.90 -0.26
N GLN D 269 -42.45 13.07 0.05
CA GLN D 269 -43.19 14.08 0.80
C GLN D 269 -44.53 14.38 0.16
N LEU D 270 -44.56 14.34 -1.17
CA LEU D 270 -45.79 14.59 -1.93
C LEU D 270 -46.79 13.46 -1.71
N VAL D 271 -46.30 12.23 -1.67
CA VAL D 271 -47.16 11.10 -1.45
C VAL D 271 -47.84 11.21 -0.08
N GLU D 272 -47.08 11.62 0.92
CA GLU D 272 -47.61 11.73 2.26
C GLU D 272 -48.72 12.77 2.29
N ILE D 273 -48.52 13.83 1.53
CA ILE D 273 -49.52 14.89 1.38
C ILE D 273 -50.78 14.32 0.74
N ILE D 274 -50.59 13.62 -0.37
CA ILE D 274 -51.67 12.93 -1.09
C ILE D 274 -52.47 11.94 -0.25
N LYS D 275 -51.78 11.16 0.59
CA LYS D 275 -52.44 10.23 1.50
C LYS D 275 -53.47 10.90 2.42
N VAL D 276 -53.40 12.23 2.51
CA VAL D 276 -54.34 12.97 3.34
C VAL D 276 -55.28 13.84 2.50
N LEU D 277 -54.72 14.64 1.60
CA LEU D 277 -55.51 15.54 0.78
C LEU D 277 -56.06 14.86 -0.48
N GLY D 278 -55.63 13.62 -0.73
CA GLY D 278 -55.96 12.93 -1.96
C GLY D 278 -55.11 13.47 -3.08
N THR D 279 -55.35 13.03 -4.32
CA THR D 279 -54.64 13.59 -5.47
C THR D 279 -55.30 14.89 -5.94
N PRO D 280 -54.47 15.87 -6.28
CA PRO D 280 -54.97 17.17 -6.74
C PRO D 280 -55.57 17.10 -8.15
N THR D 281 -56.59 17.93 -8.40
CA THR D 281 -57.18 18.05 -9.72
C THR D 281 -56.21 18.79 -10.63
N ARG D 282 -56.42 18.65 -11.93
CA ARG D 282 -55.57 19.31 -12.90
C ARG D 282 -55.57 20.81 -12.69
N GLU D 283 -56.72 21.34 -12.27
CA GLU D 283 -56.82 22.77 -12.03
C GLU D 283 -55.91 23.17 -10.86
N GLN D 284 -55.85 22.31 -9.84
CA GLN D 284 -55.05 22.56 -8.67
C GLN D 284 -53.57 22.56 -8.99
N ILE D 285 -53.17 21.60 -9.83
CA ILE D 285 -51.76 21.51 -10.27
C ILE D 285 -51.37 22.70 -11.13
N ARG D 286 -52.34 23.17 -11.91
CA ARG D 286 -52.14 24.33 -12.76
C ARG D 286 -51.82 25.57 -11.89
N GLU D 287 -52.59 25.74 -10.81
CA GLU D 287 -52.39 26.85 -9.87
C GLU D 287 -51.01 26.83 -9.23
N MET D 288 -50.49 25.63 -9.01
CA MET D 288 -49.17 25.45 -8.41
C MET D 288 -48.05 25.82 -9.32
N ASN D 289 -48.28 25.71 -10.63
CA ASN D 289 -47.32 26.11 -11.69
C ASN D 289 -46.04 25.32 -11.69
N PRO D 290 -46.13 24.00 -11.83
CA PRO D 290 -44.97 23.16 -11.66
C PRO D 290 -43.94 23.25 -12.79
N ASN D 291 -42.69 23.05 -12.38
CA ASN D 291 -41.61 22.82 -13.33
C ASN D 291 -41.62 21.43 -13.95
N TYR D 292 -41.85 20.40 -13.14
CA TYR D 292 -42.07 19.05 -13.67
C TYR D 292 -43.55 18.68 -13.69
N THR D 293 -43.97 18.14 -14.85
CA THR D 293 -45.39 17.90 -15.19
C THR D 293 -46.01 16.79 -14.38
N GLU D 294 -45.27 15.69 -14.19
CA GLU D 294 -45.95 14.52 -13.57
C GLU D 294 -45.13 13.41 -13.01
N PHE D 295 -45.83 12.72 -12.11
CA PHE D 295 -45.25 11.62 -11.31
C PHE D 295 -46.18 10.41 -11.56
N LYS D 296 -45.69 9.26 -11.15
CA LYS D 296 -46.36 8.01 -11.37
C LYS D 296 -47.70 7.87 -10.62
N PHE D 297 -47.94 8.76 -9.67
CA PHE D 297 -49.00 8.54 -8.71
C PHE D 297 -50.40 8.48 -9.27
N PRO D 298 -51.14 7.51 -8.76
CA PRO D 298 -52.51 7.29 -9.18
C PRO D 298 -53.48 8.19 -8.43
N GLN D 299 -54.63 8.42 -9.06
CA GLN D 299 -55.70 9.18 -8.43
C GLN D 299 -56.08 8.56 -7.09
N ILE D 300 -56.20 9.39 -6.05
CA ILE D 300 -56.57 8.90 -4.73
C ILE D 300 -57.51 9.86 -4.03
N LYS D 301 -58.55 9.29 -3.44
CA LYS D 301 -59.53 10.07 -2.70
C LYS D 301 -58.98 10.54 -1.35
N ALA D 302 -59.41 11.73 -0.93
CA ALA D 302 -58.96 12.32 0.32
C ALA D 302 -59.46 11.56 1.56
N HIS D 303 -58.66 11.64 2.62
CA HIS D 303 -59.06 11.15 3.93
C HIS D 303 -59.84 12.20 4.70
N PRO D 304 -60.85 11.77 5.49
CA PRO D 304 -61.61 12.73 6.29
C PRO D 304 -60.72 13.41 7.34
N TRP D 305 -60.78 14.73 7.39
CA TRP D 305 -59.95 15.51 8.29
C TRP D 305 -60.18 15.12 9.74
N THR D 306 -61.45 14.85 10.04
CA THR D 306 -61.86 14.41 11.36
C THR D 306 -61.11 13.14 11.77
N LYS D 307 -60.90 12.27 10.79
CA LYS D 307 -60.29 10.96 11.04
C LYS D 307 -58.77 11.05 11.13
N VAL D 308 -58.20 12.10 10.54
CA VAL D 308 -56.76 12.34 10.57
C VAL D 308 -56.30 12.64 11.98
N PHE D 309 -57.02 13.51 12.65
CA PHE D 309 -56.75 13.89 14.00
C PHE D 309 -57.35 12.97 15.01
N ARG D 310 -56.88 13.02 16.24
CA ARG D 310 -57.44 12.21 17.30
C ARG D 310 -58.80 12.74 17.71
N PRO D 311 -59.57 11.89 18.37
CA PRO D 311 -61.00 12.06 18.55
C PRO D 311 -61.39 13.31 19.30
N ARG D 312 -60.60 13.66 20.29
CA ARG D 312 -60.92 14.80 21.14
C ARG D 312 -60.44 16.12 20.60
N THR D 313 -59.82 16.08 19.42
CA THR D 313 -59.31 17.31 18.80
C THR D 313 -60.45 18.27 18.54
N PRO D 314 -60.29 19.54 18.95
CA PRO D 314 -61.29 20.60 18.75
C PRO D 314 -61.58 20.84 17.28
N PRO D 315 -62.85 21.05 16.93
CA PRO D 315 -63.31 21.22 15.54
C PRO D 315 -62.79 22.49 14.89
N GLU D 316 -62.65 23.58 15.66
CA GLU D 316 -62.14 24.86 15.14
C GLU D 316 -60.68 24.72 14.69
N ALA D 317 -59.93 23.90 15.41
CA ALA D 317 -58.55 23.62 15.08
C ALA D 317 -58.50 22.94 13.72
N ILE D 318 -59.28 21.88 13.61
CA ILE D 318 -59.35 21.07 12.39
C ILE D 318 -59.80 21.94 11.23
N ALA D 319 -60.81 22.75 11.50
CA ALA D 319 -61.38 23.64 10.49
C ALA D 319 -60.35 24.66 10.01
N LEU D 320 -59.46 25.05 10.91
CA LEU D 320 -58.39 25.98 10.55
C LEU D 320 -57.34 25.29 9.70
N CYS D 321 -56.98 24.07 10.06
CA CYS D 321 -56.00 23.28 9.32
C CYS D 321 -56.37 23.10 7.86
N SER D 322 -57.62 22.79 7.61
CA SER D 322 -58.09 22.59 6.25
C SER D 322 -57.99 23.87 5.42
N ARG D 323 -58.09 25.02 6.07
CA ARG D 323 -58.01 26.30 5.39
C ARG D 323 -56.57 26.74 5.08
N LEU D 324 -55.61 26.17 5.81
CA LEU D 324 -54.18 26.44 5.60
C LEU D 324 -53.57 25.48 4.60
N LEU D 325 -53.85 24.19 4.81
CA LEU D 325 -53.31 23.14 3.97
C LEU D 325 -54.19 22.90 2.73
N GLU D 326 -54.16 23.87 1.81
CA GLU D 326 -54.82 23.78 0.51
C GLU D 326 -53.79 23.57 -0.60
N TYR D 327 -54.15 22.78 -1.62
CA TYR D 327 -53.28 22.59 -2.78
C TYR D 327 -53.08 23.91 -3.54
N THR D 328 -54.18 24.57 -3.86
CA THR D 328 -54.20 25.86 -4.52
C THR D 328 -53.66 26.99 -3.58
N PRO D 329 -52.48 27.54 -3.89
CA PRO D 329 -51.83 28.53 -3.03
C PRO D 329 -52.68 29.75 -2.71
N THR D 330 -53.51 30.16 -3.67
CA THR D 330 -54.40 31.31 -3.53
C THR D 330 -55.60 30.98 -2.62
N ALA D 331 -55.87 29.70 -2.45
CA ALA D 331 -56.97 29.25 -1.61
C ALA D 331 -56.65 29.36 -0.10
N ARG D 332 -55.37 29.24 0.23
CA ARG D 332 -54.91 29.31 1.61
C ARG D 332 -55.20 30.66 2.23
N LEU D 333 -55.36 30.67 3.54
CA LEU D 333 -55.60 31.90 4.28
C LEU D 333 -54.37 32.82 4.29
N THR D 334 -54.60 34.12 4.47
CA THR D 334 -53.51 35.07 4.71
C THR D 334 -53.24 35.05 6.22
N PRO D 335 -52.02 35.43 6.64
CA PRO D 335 -51.70 35.38 8.07
C PRO D 335 -52.68 36.19 8.94
N LEU D 336 -53.25 37.26 8.40
CA LEU D 336 -54.24 38.03 9.14
C LEU D 336 -55.56 37.26 9.28
N GLU D 337 -56.03 36.70 8.17
CA GLU D 337 -57.26 35.92 8.16
C GLU D 337 -57.18 34.78 9.18
N ALA D 338 -55.96 34.24 9.33
CA ALA D 338 -55.74 33.10 10.21
C ALA D 338 -55.87 33.56 11.64
N CYS D 339 -55.33 34.73 11.91
CA CYS D 339 -55.39 35.32 13.23
C CYS D 339 -56.83 35.60 13.62
N ALA D 340 -57.63 36.00 12.63
CA ALA D 340 -59.04 36.31 12.85
C ALA D 340 -59.91 35.07 12.76
N HIS D 341 -59.30 33.89 12.93
CA HIS D 341 -60.06 32.65 12.89
C HIS D 341 -60.73 32.38 14.22
N SER D 342 -61.81 31.60 14.16
CA SER D 342 -62.61 31.24 15.32
C SER D 342 -61.80 30.46 16.33
N PHE D 343 -60.71 29.89 15.84
CA PHE D 343 -59.84 29.06 16.64
C PHE D 343 -59.20 29.91 17.73
N PHE D 344 -59.00 31.17 17.44
CA PHE D 344 -58.28 32.04 18.35
C PHE D 344 -59.21 32.90 19.21
N ASP D 345 -60.51 32.60 19.18
CA ASP D 345 -61.50 33.44 19.86
C ASP D 345 -61.31 33.47 21.37
N GLU D 346 -60.78 32.38 21.89
CA GLU D 346 -60.50 32.25 23.31
C GLU D 346 -59.49 33.32 23.77
N LEU D 347 -58.61 33.71 22.87
CA LEU D 347 -57.59 34.69 23.18
C LEU D 347 -58.14 36.11 23.21
N ARG D 348 -59.28 36.31 22.57
CA ARG D 348 -59.92 37.63 22.49
C ARG D 348 -60.94 37.85 23.61
N ASP D 349 -61.14 36.82 24.42
CA ASP D 349 -61.93 36.92 25.64
C ASP D 349 -61.20 37.75 26.70
N PRO D 350 -61.86 38.79 27.26
CA PRO D 350 -61.22 39.69 28.22
C PRO D 350 -60.78 39.01 29.51
N ASN D 351 -61.30 37.81 29.77
CA ASN D 351 -60.99 37.12 31.02
C ASN D 351 -59.83 36.14 30.92
N VAL D 352 -59.32 35.97 29.70
CA VAL D 352 -58.29 34.96 29.42
C VAL D 352 -56.97 35.22 30.17
N LYS D 353 -56.36 34.15 30.66
CA LYS D 353 -55.12 34.25 31.40
C LYS D 353 -54.25 33.07 30.98
N LEU D 354 -52.98 33.13 31.36
CA LEU D 354 -52.10 31.98 31.18
C LEU D 354 -52.41 30.89 32.22
N PRO D 355 -52.05 29.65 31.88
CA PRO D 355 -52.29 28.53 32.80
C PRO D 355 -51.59 28.78 34.16
N ASN D 356 -50.42 29.43 34.14
CA ASN D 356 -49.74 29.78 35.38
C ASN D 356 -50.28 31.05 36.02
N GLY D 357 -51.49 31.45 35.60
CA GLY D 357 -52.21 32.54 36.25
C GLY D 357 -51.81 33.92 35.76
N ARG D 358 -50.70 33.98 35.04
CA ARG D 358 -50.20 35.25 34.52
C ARG D 358 -50.99 35.74 33.30
N ASP D 359 -50.80 37.01 32.94
CA ASP D 359 -51.54 37.59 31.83
C ASP D 359 -50.93 37.21 30.50
N THR D 360 -51.77 37.11 29.49
CA THR D 360 -51.30 36.85 28.13
C THR D 360 -50.50 38.04 27.63
N PRO D 361 -49.49 37.79 26.78
CA PRO D 361 -48.72 38.86 26.17
C PRO D 361 -49.56 39.79 25.28
N ALA D 362 -48.97 40.91 24.86
CA ALA D 362 -49.66 41.85 23.98
C ALA D 362 -49.98 41.17 22.67
N LEU D 363 -51.26 40.86 22.48
CA LEU D 363 -51.68 40.15 21.30
C LEU D 363 -52.41 41.06 20.32
N PHE D 364 -52.69 42.28 20.74
CA PHE D 364 -53.57 43.14 19.96
C PHE D 364 -52.93 44.46 19.55
N ASN D 365 -51.68 44.65 19.95
CA ASN D 365 -50.93 45.84 19.58
C ASN D 365 -50.49 45.82 18.10
N PHE D 366 -51.48 45.92 17.20
CA PHE D 366 -51.25 45.93 15.76
C PHE D 366 -50.84 47.28 15.23
N THR D 367 -49.82 47.28 14.39
CA THR D 367 -49.41 48.49 13.72
C THR D 367 -50.17 48.56 12.42
N THR D 368 -50.18 49.75 11.82
CA THR D 368 -50.81 49.93 10.53
C THR D 368 -50.06 49.12 9.46
N GLN D 369 -48.77 48.91 9.70
CA GLN D 369 -47.94 48.06 8.83
C GLN D 369 -48.42 46.61 8.81
N GLU D 370 -48.84 46.11 9.97
CA GLU D 370 -49.35 44.74 10.09
C GLU D 370 -50.73 44.62 9.46
N LEU D 371 -51.56 45.65 9.66
CA LEU D 371 -52.91 45.65 9.14
C LEU D 371 -52.96 45.97 7.64
N SER D 372 -51.79 46.20 7.05
CA SER D 372 -51.66 46.58 5.64
C SER D 372 -52.37 45.59 4.72
N SER D 373 -52.37 44.33 5.10
CA SER D 373 -52.92 43.29 4.27
C SER D 373 -54.44 43.45 4.14
N ASN D 374 -55.12 43.61 5.26
CA ASN D 374 -56.57 43.82 5.25
C ASN D 374 -57.02 44.63 6.47
N PRO D 375 -57.02 45.96 6.34
CA PRO D 375 -57.37 46.89 7.42
C PRO D 375 -58.74 46.69 8.11
N PRO D 376 -59.81 46.35 7.37
CA PRO D 376 -61.09 46.18 8.08
C PRO D 376 -61.18 44.94 8.97
N LEU D 377 -60.16 44.08 8.95
CA LEU D 377 -60.09 42.95 9.88
C LEU D 377 -59.77 43.40 11.30
N ALA D 378 -59.35 44.67 11.43
CA ALA D 378 -58.99 45.25 12.73
C ALA D 378 -60.13 45.21 13.75
N THR D 379 -61.37 45.21 13.25
CA THR D 379 -62.56 45.22 14.09
C THR D 379 -62.89 43.82 14.59
N ILE D 380 -62.09 42.85 14.16
CA ILE D 380 -62.21 41.48 14.66
C ILE D 380 -60.96 41.11 15.47
N LEU D 381 -59.81 41.48 14.96
CA LEU D 381 -58.54 41.20 15.61
C LEU D 381 -58.41 41.96 16.93
N ILE D 382 -58.93 43.18 16.95
CA ILE D 382 -58.87 44.04 18.11
C ILE D 382 -60.23 44.17 18.78
N PRO D 383 -60.43 43.43 19.87
CA PRO D 383 -61.66 43.49 20.65
C PRO D 383 -61.76 44.85 21.31
N PRO D 384 -63.00 45.31 21.56
CA PRO D 384 -63.25 46.63 22.18
C PRO D 384 -62.61 46.76 23.56
N HIS D 385 -62.52 45.65 24.30
CA HIS D 385 -61.93 45.68 25.64
C HIS D 385 -60.42 45.92 25.55
N ALA D 386 -59.84 45.64 24.38
CA ALA D 386 -58.41 45.82 24.19
C ALA D 386 -58.07 47.20 23.59
N ARG D 387 -59.08 47.91 23.10
CA ARG D 387 -58.87 49.20 22.43
C ARG D 387 -58.23 50.37 23.26
N ILE D 388 -57.20 51.01 22.70
CA ILE D 388 -56.52 52.15 23.37
C ILE D 388 -56.54 53.44 22.54
P PO4 E . 32.05 -26.50 9.32
O1 PO4 E . 32.79 -27.17 10.46
O2 PO4 E . 32.84 -25.31 8.85
O3 PO4 E . 31.89 -27.45 8.15
O4 PO4 E . 30.68 -26.02 9.75
O I5R F . 27.77 -5.79 8.38
C I5R F . 27.85 -5.37 7.24
NAL I5R F . 27.41 -4.11 7.00
CAR I5R F . 27.40 -3.49 5.74
NAK I5R F . 27.12 -2.31 5.52
CAE I5R F . 27.17 -1.72 4.24
CAD I5R F . 27.59 -2.52 3.15
CAF I5R F . 27.94 -3.82 3.38
CAQ I5R F . 27.94 -4.38 4.65
N I5R F . 28.19 -5.69 4.87
CA I5R F . 27.98 -6.32 6.18
CB I5R F . 26.53 -6.81 5.96
CG I5R F . 26.48 -7.89 4.83
CD2 I5R F . 26.07 -7.78 3.57
CE3 I5R F . 25.59 -6.78 2.80
CZ3 I5R F . 25.25 -6.98 1.46
CH2 I5R F . 25.42 -8.25 0.91
CZ2 I5R F . 25.92 -9.25 1.74
CE2 I5R F . 26.24 -9.01 3.03
NE1 I5R F . 26.72 -9.82 3.97
CD1 I5R F . 26.87 -9.14 5.10
K K G . 14.26 -11.03 20.37
P PO4 H . 15.98 -26.33 -4.76
O1 PO4 H . 17.39 -26.86 -4.84
O2 PO4 H . 15.91 -25.32 -3.64
O3 PO4 H . 15.00 -27.47 -4.52
O4 PO4 H . 15.59 -25.63 -6.05
O I5R I . 31.83 -33.98 -16.44
C I5R I . 32.84 -33.16 -16.39
NAL I5R I . 33.97 -33.60 -16.95
CAR I5R I . 35.13 -32.81 -16.95
NAK I5R I . 36.18 -33.09 -17.56
CAE I5R I . 37.33 -32.25 -17.61
CAD I5R I . 37.26 -31.03 -16.94
CAF I5R I . 36.10 -30.68 -16.28
CAQ I5R I . 34.98 -31.47 -16.28
N I5R I . 33.86 -31.15 -15.58
CA I5R I . 32.73 -32.12 -15.44
CB I5R I . 33.13 -32.76 -14.08
CG I5R I . 33.03 -31.70 -12.94
CD2 I5R I . 33.93 -30.89 -12.40
CE3 I5R I . 35.25 -30.68 -12.60
CZ3 I5R I . 35.94 -29.72 -11.86
CH2 I5R I . 35.27 -29.00 -10.88
CZ2 I5R I . 33.92 -29.23 -10.70
CE2 I5R I . 33.28 -30.15 -11.45
NE1 I5R I . 32.01 -30.54 -11.44
CD1 I5R I . 31.84 -31.50 -12.36
K K J . 26.90 -50.18 -7.29
P PO4 K . -15.55 21.32 -0.16
O1 PO4 K . -15.29 20.19 0.82
O2 PO4 K . -15.39 20.88 -1.60
O3 PO4 K . -14.55 22.41 0.23
O4 PO4 K . -16.97 21.82 -0.03
O I5R L . -28.03 5.96 -8.53
C I5R L . -29.20 5.85 -7.87
NAL I5R L . -30.05 5.02 -8.39
CAR I5R L . -31.34 4.80 -7.81
NAK I5R L . -32.13 3.94 -8.18
CAE I5R L . -33.39 3.76 -7.53
CAD I5R L . -33.70 4.56 -6.41
CAF I5R L . -32.81 5.48 -5.99
CAQ I5R L . -31.55 5.65 -6.60
N I5R L . -30.69 6.61 -6.23
CA I5R L . -29.43 6.91 -7.01
CB I5R L . -29.95 8.07 -7.91
CG I5R L . -30.31 9.30 -7.03
CD2 I5R L . -31.45 9.71 -6.51
CE3 I5R L . -32.73 9.25 -6.52
CZ3 I5R L . -33.76 9.91 -5.86
CH2 I5R L . -33.48 11.08 -5.16
CZ2 I5R L . -32.15 11.52 -5.17
CE2 I5R L . -31.18 10.85 -5.82
NE1 I5R L . -29.88 11.10 -5.94
CD1 I5R L . -29.32 10.15 -6.69
K K M . -21.97 13.86 -24.81
P PO4 N . -33.32 32.21 -4.69
O1 PO4 N . -32.59 32.59 -3.43
O2 PO4 N . -33.05 33.25 -5.76
O3 PO4 N . -32.81 30.85 -5.09
O4 PO4 N . -34.82 32.11 -4.47
O I5R O . -32.09 34.08 16.58
C I5R O . -31.93 32.93 17.19
NAL I5R O . -31.61 32.99 18.47
CAR I5R O . -31.42 31.82 19.24
NAK I5R O . -31.27 31.79 20.47
CAE I5R O . -31.14 30.60 21.22
CAD I5R O . -31.21 29.38 20.53
CAF I5R O . -31.41 29.38 19.18
CAQ I5R O . -31.58 30.54 18.46
N I5R O . -31.72 30.57 17.11
CA I5R O . -31.70 31.84 16.33
CB I5R O . -30.19 31.86 15.98
CG I5R O . -29.83 30.71 15.02
CD2 I5R O . -29.25 29.53 15.22
CE3 I5R O . -28.76 28.88 16.31
CZ3 I5R O . -28.20 27.60 16.19
CH2 I5R O . -28.14 26.99 14.94
CZ2 I5R O . -28.65 27.68 13.85
CE2 I5R O . -29.19 28.91 14.01
NE1 I5R O . -29.72 29.74 13.12
CD1 I5R O . -30.11 30.84 13.73
K K P . -19.37 47.62 11.34
#